data_3LWC
# 
_entry.id   3LWC 
# 
_audit_conform.dict_name       mmcif_pdbx.dic 
_audit_conform.dict_version    5.398 
_audit_conform.dict_location   http://mmcif.pdb.org/dictionaries/ascii/mmcif_pdbx.dic 
# 
loop_
_database_2.database_id 
_database_2.database_code 
_database_2.pdbx_database_accession 
_database_2.pdbx_DOI 
PDB   3LWC         pdb_00003lwc 10.2210/pdb3lwc/pdb 
RCSB  RCSB057811   ?            ?                   
WWPDB D_1000057811 ?            ?                   
# 
loop_
_pdbx_audit_revision_history.ordinal 
_pdbx_audit_revision_history.data_content_type 
_pdbx_audit_revision_history.major_revision 
_pdbx_audit_revision_history.minor_revision 
_pdbx_audit_revision_history.revision_date 
1 'Structure model' 1 0 2010-04-07 
2 'Structure model' 1 1 2011-07-13 
3 'Structure model' 1 2 2017-11-08 
4 'Structure model' 1 3 2019-07-17 
5 'Structure model' 1 4 2023-02-01 
6 'Structure model' 1 5 2024-11-06 
# 
_pdbx_audit_revision_details.ordinal             1 
_pdbx_audit_revision_details.revision_ordinal    1 
_pdbx_audit_revision_details.data_content_type   'Structure model' 
_pdbx_audit_revision_details.provider            repository 
_pdbx_audit_revision_details.type                'Initial release' 
_pdbx_audit_revision_details.description         ? 
_pdbx_audit_revision_details.details             ? 
# 
loop_
_pdbx_audit_revision_group.ordinal 
_pdbx_audit_revision_group.revision_ordinal 
_pdbx_audit_revision_group.data_content_type 
_pdbx_audit_revision_group.group 
1  2 'Structure model' Advisory                    
2  2 'Structure model' 'Version format compliance' 
3  3 'Structure model' 'Refinement description'    
4  4 'Structure model' 'Data collection'           
5  4 'Structure model' 'Derived calculations'      
6  4 'Structure model' 'Refinement description'    
7  5 'Structure model' 'Database references'       
8  5 'Structure model' 'Derived calculations'      
9  6 'Structure model' 'Data collection'           
10 6 'Structure model' 'Structure summary'         
# 
loop_
_pdbx_audit_revision_category.ordinal 
_pdbx_audit_revision_category.revision_ordinal 
_pdbx_audit_revision_category.data_content_type 
_pdbx_audit_revision_category.category 
1  3 'Structure model' software                  
2  4 'Structure model' software                  
3  4 'Structure model' struct_conn               
4  5 'Structure model' database_2                
5  5 'Structure model' struct_ref_seq_dif        
6  5 'Structure model' struct_site               
7  6 'Structure model' chem_comp_atom            
8  6 'Structure model' chem_comp_bond            
9  6 'Structure model' pdbx_entry_details        
10 6 'Structure model' pdbx_modification_feature 
# 
loop_
_pdbx_audit_revision_item.ordinal 
_pdbx_audit_revision_item.revision_ordinal 
_pdbx_audit_revision_item.data_content_type 
_pdbx_audit_revision_item.item 
1  3 'Structure model' '_software.classification'                     
2  3 'Structure model' '_software.name'                               
3  4 'Structure model' '_software.classification'                     
4  4 'Structure model' '_software.contact_author'                     
5  4 'Structure model' '_software.contact_author_email'               
6  4 'Structure model' '_software.language'                           
7  4 'Structure model' '_software.location'                           
8  4 'Structure model' '_software.name'                               
9  4 'Structure model' '_software.type'                               
10 4 'Structure model' '_software.version'                            
11 4 'Structure model' '_struct_conn.pdbx_leaving_atom_flag'          
12 5 'Structure model' '_database_2.pdbx_DOI'                         
13 5 'Structure model' '_database_2.pdbx_database_accession'          
14 5 'Structure model' '_struct_ref_seq_dif.details'                  
15 5 'Structure model' '_struct_site.pdbx_auth_asym_id'               
16 5 'Structure model' '_struct_site.pdbx_auth_comp_id'               
17 5 'Structure model' '_struct_site.pdbx_auth_seq_id'                
18 6 'Structure model' '_pdbx_entry_details.has_protein_modification' 
# 
_pdbx_database_status.SG_entry                        Y 
_pdbx_database_status.entry_id                        3LWC 
_pdbx_database_status.deposit_site                    RCSB 
_pdbx_database_status.process_site                    RCSB 
_pdbx_database_status.recvd_initial_deposition_date   2010-02-23 
_pdbx_database_status.status_code                     REL 
_pdbx_database_status.status_code_sf                  REL 
_pdbx_database_status.status_code_mr                  ? 
_pdbx_database_status.pdb_format_compatible           Y 
_pdbx_database_status.status_code_cs                  ? 
_pdbx_database_status.methods_development_category    ? 
_pdbx_database_status.status_code_nmr_data            ? 
# 
_pdbx_database_related.db_name        TargetDB 
_pdbx_database_related.db_id          403814 
_pdbx_database_related.details        . 
_pdbx_database_related.content_type   unspecified 
# 
_audit_author.name           'Joint Center for Structural Genomics (JCSG)' 
_audit_author.pdbx_ordinal   1 
# 
_citation.id                        primary 
_citation.title                     
;Crystal structure of Structural Genomics, unknown function (YP_766765.1) from Rhizobium leguminosarum BV. viciae 3841 at 1.40 A resolution
;
_citation.journal_abbrev            'To be published' 
_citation.journal_volume            ? 
_citation.page_first                ? 
_citation.page_last                 ? 
_citation.year                      ? 
_citation.journal_id_ASTM           ? 
_citation.country                   ? 
_citation.journal_id_ISSN           ? 
_citation.journal_id_CSD            0353 
_citation.book_publisher            ? 
_citation.pdbx_database_id_PubMed   ? 
_citation.pdbx_database_id_DOI      ? 
# 
_citation_author.citation_id        primary 
_citation_author.name               'Joint Center for Structural Genomics (JCSG)' 
_citation_author.ordinal            1 
_citation_author.identifier_ORCID   ? 
# 
loop_
_entity.id 
_entity.type 
_entity.src_method 
_entity.pdbx_description 
_entity.formula_weight 
_entity.pdbx_number_of_molecules 
_entity.pdbx_ec 
_entity.pdbx_mutation 
_entity.pdbx_fragment 
_entity.details 
1 polymer     man 'Uncharacterized protein' 13053.868 1  ? ? 'sequence database residues 14-131' ? 
2 non-polymer syn 'SULFATE ION'             96.063    2  ? ? ?                                   ? 
3 non-polymer syn 1,2-ETHANEDIOL            62.068    1  ? ? ?                                   ? 
4 water       nat water                     18.015    59 ? ? ?                                   ? 
# 
_entity_poly.entity_id                      1 
_entity_poly.type                           'polypeptide(L)' 
_entity_poly.nstd_linkage                   no 
_entity_poly.nstd_monomer                   yes 
_entity_poly.pdbx_seq_one_letter_code       
;GKT(MSE)K(MSE)RKFTIADASLERSPGQEADISVGNLVDERHGGPITIGYGRYAPGQSLTET(MSE)AVDDV(MSE)I
VLEGRLSVSTDGETVTAGPGEIVY(MSE)PKGETVTIRSHEEGALTAYVTYPHWRPAHA
;
_entity_poly.pdbx_seq_one_letter_code_can   
;GKTMKMRKFTIADASLERSPGQEADISVGNLVDERHGGPITIGYGRYAPGQSLTETMAVDDVMIVLEGRLSVSTDGETVT
AGPGEIVYMPKGETVTIRSHEEGALTAYVTYPHWRPAHA
;
_entity_poly.pdbx_strand_id                 A 
_entity_poly.pdbx_target_identifier         403814 
# 
loop_
_pdbx_entity_nonpoly.entity_id 
_pdbx_entity_nonpoly.name 
_pdbx_entity_nonpoly.comp_id 
2 'SULFATE ION'  SO4 
3 1,2-ETHANEDIOL EDO 
4 water          HOH 
# 
loop_
_entity_poly_seq.entity_id 
_entity_poly_seq.num 
_entity_poly_seq.mon_id 
_entity_poly_seq.hetero 
1 1   GLY n 
1 2   LYS n 
1 3   THR n 
1 4   MSE n 
1 5   LYS n 
1 6   MSE n 
1 7   ARG n 
1 8   LYS n 
1 9   PHE n 
1 10  THR n 
1 11  ILE n 
1 12  ALA n 
1 13  ASP n 
1 14  ALA n 
1 15  SER n 
1 16  LEU n 
1 17  GLU n 
1 18  ARG n 
1 19  SER n 
1 20  PRO n 
1 21  GLY n 
1 22  GLN n 
1 23  GLU n 
1 24  ALA n 
1 25  ASP n 
1 26  ILE n 
1 27  SER n 
1 28  VAL n 
1 29  GLY n 
1 30  ASN n 
1 31  LEU n 
1 32  VAL n 
1 33  ASP n 
1 34  GLU n 
1 35  ARG n 
1 36  HIS n 
1 37  GLY n 
1 38  GLY n 
1 39  PRO n 
1 40  ILE n 
1 41  THR n 
1 42  ILE n 
1 43  GLY n 
1 44  TYR n 
1 45  GLY n 
1 46  ARG n 
1 47  TYR n 
1 48  ALA n 
1 49  PRO n 
1 50  GLY n 
1 51  GLN n 
1 52  SER n 
1 53  LEU n 
1 54  THR n 
1 55  GLU n 
1 56  THR n 
1 57  MSE n 
1 58  ALA n 
1 59  VAL n 
1 60  ASP n 
1 61  ASP n 
1 62  VAL n 
1 63  MSE n 
1 64  ILE n 
1 65  VAL n 
1 66  LEU n 
1 67  GLU n 
1 68  GLY n 
1 69  ARG n 
1 70  LEU n 
1 71  SER n 
1 72  VAL n 
1 73  SER n 
1 74  THR n 
1 75  ASP n 
1 76  GLY n 
1 77  GLU n 
1 78  THR n 
1 79  VAL n 
1 80  THR n 
1 81  ALA n 
1 82  GLY n 
1 83  PRO n 
1 84  GLY n 
1 85  GLU n 
1 86  ILE n 
1 87  VAL n 
1 88  TYR n 
1 89  MSE n 
1 90  PRO n 
1 91  LYS n 
1 92  GLY n 
1 93  GLU n 
1 94  THR n 
1 95  VAL n 
1 96  THR n 
1 97  ILE n 
1 98  ARG n 
1 99  SER n 
1 100 HIS n 
1 101 GLU n 
1 102 GLU n 
1 103 GLY n 
1 104 ALA n 
1 105 LEU n 
1 106 THR n 
1 107 ALA n 
1 108 TYR n 
1 109 VAL n 
1 110 THR n 
1 111 TYR n 
1 112 PRO n 
1 113 HIS n 
1 114 TRP n 
1 115 ARG n 
1 116 PRO n 
1 117 ALA n 
1 118 HIS n 
1 119 ALA n 
# 
_entity_src_gen.entity_id                          1 
_entity_src_gen.pdbx_src_id                        1 
_entity_src_gen.pdbx_alt_source_flag               sample 
_entity_src_gen.pdbx_seq_type                      ? 
_entity_src_gen.pdbx_beg_seq_num                   ? 
_entity_src_gen.pdbx_end_seq_num                   ? 
_entity_src_gen.gene_src_common_name               ? 
_entity_src_gen.gene_src_genus                     ? 
_entity_src_gen.pdbx_gene_src_gene                 RL1159 
_entity_src_gen.gene_src_species                   ? 
_entity_src_gen.gene_src_strain                    'bv. viciae str. 3841' 
_entity_src_gen.gene_src_tissue                    ? 
_entity_src_gen.gene_src_tissue_fraction           ? 
_entity_src_gen.gene_src_details                   ? 
_entity_src_gen.pdbx_gene_src_fragment             ? 
_entity_src_gen.pdbx_gene_src_scientific_name      'Rhizobium leguminosarum' 
_entity_src_gen.pdbx_gene_src_ncbi_taxonomy_id     216596 
_entity_src_gen.pdbx_gene_src_variant              ? 
_entity_src_gen.pdbx_gene_src_cell_line            ? 
_entity_src_gen.pdbx_gene_src_atcc                 ? 
_entity_src_gen.pdbx_gene_src_organ                ? 
_entity_src_gen.pdbx_gene_src_organelle            ? 
_entity_src_gen.pdbx_gene_src_cell                 ? 
_entity_src_gen.pdbx_gene_src_cellular_location    ? 
_entity_src_gen.host_org_common_name               ? 
_entity_src_gen.pdbx_host_org_scientific_name      'Escherichia coli' 
_entity_src_gen.pdbx_host_org_ncbi_taxonomy_id     562 
_entity_src_gen.host_org_genus                     ? 
_entity_src_gen.pdbx_host_org_gene                 ? 
_entity_src_gen.pdbx_host_org_organ                ? 
_entity_src_gen.host_org_species                   ? 
_entity_src_gen.pdbx_host_org_tissue               ? 
_entity_src_gen.pdbx_host_org_tissue_fraction      ? 
_entity_src_gen.pdbx_host_org_strain               HK100 
_entity_src_gen.pdbx_host_org_variant              ? 
_entity_src_gen.pdbx_host_org_cell_line            ? 
_entity_src_gen.pdbx_host_org_atcc                 ? 
_entity_src_gen.pdbx_host_org_culture_collection   ? 
_entity_src_gen.pdbx_host_org_cell                 ? 
_entity_src_gen.pdbx_host_org_organelle            ? 
_entity_src_gen.pdbx_host_org_cellular_location    ? 
_entity_src_gen.pdbx_host_org_vector_type          Plasmid 
_entity_src_gen.pdbx_host_org_vector               ? 
_entity_src_gen.host_org_details                   ? 
_entity_src_gen.expression_system_id               ? 
_entity_src_gen.plasmid_name                       SpeedET 
_entity_src_gen.plasmid_details                    ? 
_entity_src_gen.pdbx_description                   ? 
# 
loop_
_chem_comp.id 
_chem_comp.type 
_chem_comp.mon_nstd_flag 
_chem_comp.name 
_chem_comp.pdbx_synonyms 
_chem_comp.formula 
_chem_comp.formula_weight 
ALA 'L-peptide linking' y ALANINE          ?                 'C3 H7 N O2'     89.093  
ARG 'L-peptide linking' y ARGININE         ?                 'C6 H15 N4 O2 1' 175.209 
ASN 'L-peptide linking' y ASPARAGINE       ?                 'C4 H8 N2 O3'    132.118 
ASP 'L-peptide linking' y 'ASPARTIC ACID'  ?                 'C4 H7 N O4'     133.103 
EDO non-polymer         . 1,2-ETHANEDIOL   'ETHYLENE GLYCOL' 'C2 H6 O2'       62.068  
GLN 'L-peptide linking' y GLUTAMINE        ?                 'C5 H10 N2 O3'   146.144 
GLU 'L-peptide linking' y 'GLUTAMIC ACID'  ?                 'C5 H9 N O4'     147.129 
GLY 'peptide linking'   y GLYCINE          ?                 'C2 H5 N O2'     75.067  
HIS 'L-peptide linking' y HISTIDINE        ?                 'C6 H10 N3 O2 1' 156.162 
HOH non-polymer         . WATER            ?                 'H2 O'           18.015  
ILE 'L-peptide linking' y ISOLEUCINE       ?                 'C6 H13 N O2'    131.173 
LEU 'L-peptide linking' y LEUCINE          ?                 'C6 H13 N O2'    131.173 
LYS 'L-peptide linking' y LYSINE           ?                 'C6 H15 N2 O2 1' 147.195 
MSE 'L-peptide linking' n SELENOMETHIONINE ?                 'C5 H11 N O2 Se' 196.106 
PHE 'L-peptide linking' y PHENYLALANINE    ?                 'C9 H11 N O2'    165.189 
PRO 'L-peptide linking' y PROLINE          ?                 'C5 H9 N O2'     115.130 
SER 'L-peptide linking' y SERINE           ?                 'C3 H7 N O3'     105.093 
SO4 non-polymer         . 'SULFATE ION'    ?                 'O4 S -2'        96.063  
THR 'L-peptide linking' y THREONINE        ?                 'C4 H9 N O3'     119.119 
TRP 'L-peptide linking' y TRYPTOPHAN       ?                 'C11 H12 N2 O2'  204.225 
TYR 'L-peptide linking' y TYROSINE         ?                 'C9 H11 N O3'    181.189 
VAL 'L-peptide linking' y VALINE           ?                 'C5 H11 N O2'    117.146 
# 
loop_
_pdbx_poly_seq_scheme.asym_id 
_pdbx_poly_seq_scheme.entity_id 
_pdbx_poly_seq_scheme.seq_id 
_pdbx_poly_seq_scheme.mon_id 
_pdbx_poly_seq_scheme.ndb_seq_num 
_pdbx_poly_seq_scheme.pdb_seq_num 
_pdbx_poly_seq_scheme.auth_seq_num 
_pdbx_poly_seq_scheme.pdb_mon_id 
_pdbx_poly_seq_scheme.auth_mon_id 
_pdbx_poly_seq_scheme.pdb_strand_id 
_pdbx_poly_seq_scheme.pdb_ins_code 
_pdbx_poly_seq_scheme.hetero 
A 1 1   GLY 1   0   ?   ?   ?   A . n 
A 1 2   LYS 2   14  ?   ?   ?   A . n 
A 1 3   THR 3   15  ?   ?   ?   A . n 
A 1 4   MSE 4   16  16  MSE MSE A . n 
A 1 5   LYS 5   17  17  LYS LYS A . n 
A 1 6   MSE 6   18  18  MSE MSE A . n 
A 1 7   ARG 7   19  19  ARG ARG A . n 
A 1 8   LYS 8   20  20  LYS LYS A . n 
A 1 9   PHE 9   21  21  PHE PHE A . n 
A 1 10  THR 10  22  22  THR THR A . n 
A 1 11  ILE 11  23  23  ILE ILE A . n 
A 1 12  ALA 12  24  24  ALA ALA A . n 
A 1 13  ASP 13  25  25  ASP ASP A . n 
A 1 14  ALA 14  26  26  ALA ALA A . n 
A 1 15  SER 15  27  27  SER SER A . n 
A 1 16  LEU 16  28  28  LEU LEU A . n 
A 1 17  GLU 17  29  29  GLU GLU A . n 
A 1 18  ARG 18  30  30  ARG ARG A . n 
A 1 19  SER 19  31  31  SER SER A . n 
A 1 20  PRO 20  32  32  PRO PRO A . n 
A 1 21  GLY 21  33  33  GLY GLY A . n 
A 1 22  GLN 22  34  34  GLN GLN A . n 
A 1 23  GLU 23  35  35  GLU GLU A . n 
A 1 24  ALA 24  36  36  ALA ALA A . n 
A 1 25  ASP 25  37  37  ASP ASP A . n 
A 1 26  ILE 26  38  38  ILE ILE A . n 
A 1 27  SER 27  39  39  SER SER A . n 
A 1 28  VAL 28  40  40  VAL VAL A . n 
A 1 29  GLY 29  41  41  GLY GLY A . n 
A 1 30  ASN 30  42  42  ASN ASN A . n 
A 1 31  LEU 31  43  43  LEU LEU A . n 
A 1 32  VAL 32  44  ?   ?   ?   A . n 
A 1 33  ASP 33  45  ?   ?   ?   A . n 
A 1 34  GLU 34  46  ?   ?   ?   A . n 
A 1 35  ARG 35  47  ?   ?   ?   A . n 
A 1 36  HIS 36  48  ?   ?   ?   A . n 
A 1 37  GLY 37  49  ?   ?   ?   A . n 
A 1 38  GLY 38  50  50  GLY GLY A . n 
A 1 39  PRO 39  51  51  PRO PRO A . n 
A 1 40  ILE 40  52  52  ILE ILE A . n 
A 1 41  THR 41  53  53  THR THR A . n 
A 1 42  ILE 42  54  54  ILE ILE A . n 
A 1 43  GLY 43  55  55  GLY GLY A . n 
A 1 44  TYR 44  56  56  TYR TYR A . n 
A 1 45  GLY 45  57  57  GLY GLY A . n 
A 1 46  ARG 46  58  58  ARG ARG A . n 
A 1 47  TYR 47  59  59  TYR TYR A . n 
A 1 48  ALA 48  60  60  ALA ALA A . n 
A 1 49  PRO 49  61  61  PRO PRO A . n 
A 1 50  GLY 50  62  62  GLY GLY A . n 
A 1 51  GLN 51  63  63  GLN GLN A . n 
A 1 52  SER 52  64  64  SER SER A . n 
A 1 53  LEU 53  65  65  LEU LEU A . n 
A 1 54  THR 54  66  66  THR THR A . n 
A 1 55  GLU 55  67  67  GLU GLU A . n 
A 1 56  THR 56  68  68  THR THR A . n 
A 1 57  MSE 57  69  69  MSE MSE A . n 
A 1 58  ALA 58  70  70  ALA ALA A . n 
A 1 59  VAL 59  71  71  VAL VAL A . n 
A 1 60  ASP 60  72  72  ASP ASP A . n 
A 1 61  ASP 61  73  73  ASP ASP A . n 
A 1 62  VAL 62  74  74  VAL VAL A . n 
A 1 63  MSE 63  75  75  MSE MSE A . n 
A 1 64  ILE 64  76  76  ILE ILE A . n 
A 1 65  VAL 65  77  77  VAL VAL A . n 
A 1 66  LEU 66  78  78  LEU LEU A . n 
A 1 67  GLU 67  79  79  GLU GLU A . n 
A 1 68  GLY 68  80  80  GLY GLY A . n 
A 1 69  ARG 69  81  81  ARG ARG A . n 
A 1 70  LEU 70  82  82  LEU LEU A . n 
A 1 71  SER 71  83  83  SER SER A . n 
A 1 72  VAL 72  84  84  VAL VAL A . n 
A 1 73  SER 73  85  85  SER SER A . n 
A 1 74  THR 74  86  86  THR THR A . n 
A 1 75  ASP 75  87  87  ASP ASP A . n 
A 1 76  GLY 76  88  88  GLY GLY A . n 
A 1 77  GLU 77  89  89  GLU GLU A . n 
A 1 78  THR 78  90  90  THR THR A . n 
A 1 79  VAL 79  91  91  VAL VAL A . n 
A 1 80  THR 80  92  92  THR THR A . n 
A 1 81  ALA 81  93  93  ALA ALA A . n 
A 1 82  GLY 82  94  94  GLY GLY A . n 
A 1 83  PRO 83  95  95  PRO PRO A . n 
A 1 84  GLY 84  96  96  GLY GLY A . n 
A 1 85  GLU 85  97  97  GLU GLU A . n 
A 1 86  ILE 86  98  98  ILE ILE A . n 
A 1 87  VAL 87  99  99  VAL VAL A . n 
A 1 88  TYR 88  100 100 TYR TYR A . n 
A 1 89  MSE 89  101 101 MSE MSE A . n 
A 1 90  PRO 90  102 102 PRO PRO A . n 
A 1 91  LYS 91  103 103 LYS LYS A . n 
A 1 92  GLY 92  104 104 GLY GLY A . n 
A 1 93  GLU 93  105 105 GLU GLU A . n 
A 1 94  THR 94  106 106 THR THR A . n 
A 1 95  VAL 95  107 107 VAL VAL A . n 
A 1 96  THR 96  108 108 THR THR A . n 
A 1 97  ILE 97  109 109 ILE ILE A . n 
A 1 98  ARG 98  110 110 ARG ARG A . n 
A 1 99  SER 99  111 111 SER SER A . n 
A 1 100 HIS 100 112 112 HIS HIS A . n 
A 1 101 GLU 101 113 113 GLU GLU A . n 
A 1 102 GLU 102 114 114 GLU GLU A . n 
A 1 103 GLY 103 115 115 GLY GLY A . n 
A 1 104 ALA 104 116 116 ALA ALA A . n 
A 1 105 LEU 105 117 117 LEU LEU A . n 
A 1 106 THR 106 118 118 THR THR A . n 
A 1 107 ALA 107 119 119 ALA ALA A . n 
A 1 108 TYR 108 120 120 TYR TYR A . n 
A 1 109 VAL 109 121 121 VAL VAL A . n 
A 1 110 THR 110 122 122 THR THR A . n 
A 1 111 TYR 111 123 123 TYR TYR A . n 
A 1 112 PRO 112 124 124 PRO PRO A . n 
A 1 113 HIS 113 125 125 HIS HIS A . n 
A 1 114 TRP 114 126 ?   ?   ?   A . n 
A 1 115 ARG 115 127 ?   ?   ?   A . n 
A 1 116 PRO 116 128 ?   ?   ?   A . n 
A 1 117 ALA 117 129 ?   ?   ?   A . n 
A 1 118 HIS 118 130 ?   ?   ?   A . n 
A 1 119 ALA 119 131 ?   ?   ?   A . n 
# 
loop_
_pdbx_nonpoly_scheme.asym_id 
_pdbx_nonpoly_scheme.entity_id 
_pdbx_nonpoly_scheme.mon_id 
_pdbx_nonpoly_scheme.ndb_seq_num 
_pdbx_nonpoly_scheme.pdb_seq_num 
_pdbx_nonpoly_scheme.auth_seq_num 
_pdbx_nonpoly_scheme.pdb_mon_id 
_pdbx_nonpoly_scheme.auth_mon_id 
_pdbx_nonpoly_scheme.pdb_strand_id 
_pdbx_nonpoly_scheme.pdb_ins_code 
B 2 SO4 1  1   1  SO4 SO4 A . 
C 2 SO4 1  2   2  SO4 SO4 A . 
D 3 EDO 1  3   3  EDO EDO A . 
E 4 HOH 1  4   4  HOH HOH A . 
E 4 HOH 2  5   5  HOH HOH A . 
E 4 HOH 3  6   6  HOH HOH A . 
E 4 HOH 4  7   7  HOH HOH A . 
E 4 HOH 5  8   8  HOH HOH A . 
E 4 HOH 6  9   9  HOH HOH A . 
E 4 HOH 7  10  10 HOH HOH A . 
E 4 HOH 8  11  11 HOH HOH A . 
E 4 HOH 9  12  12 HOH HOH A . 
E 4 HOH 10 132 13 HOH HOH A . 
E 4 HOH 11 133 14 HOH HOH A . 
E 4 HOH 12 134 15 HOH HOH A . 
E 4 HOH 13 135 16 HOH HOH A . 
E 4 HOH 14 136 17 HOH HOH A . 
E 4 HOH 15 137 18 HOH HOH A . 
E 4 HOH 16 138 19 HOH HOH A . 
E 4 HOH 17 139 20 HOH HOH A . 
E 4 HOH 18 140 21 HOH HOH A . 
E 4 HOH 19 141 22 HOH HOH A . 
E 4 HOH 20 142 23 HOH HOH A . 
E 4 HOH 21 143 24 HOH HOH A . 
E 4 HOH 22 144 25 HOH HOH A . 
E 4 HOH 23 145 26 HOH HOH A . 
E 4 HOH 24 146 27 HOH HOH A . 
E 4 HOH 25 147 28 HOH HOH A . 
E 4 HOH 26 148 29 HOH HOH A . 
E 4 HOH 27 149 30 HOH HOH A . 
E 4 HOH 28 150 31 HOH HOH A . 
E 4 HOH 29 151 32 HOH HOH A . 
E 4 HOH 30 152 33 HOH HOH A . 
E 4 HOH 31 153 34 HOH HOH A . 
E 4 HOH 32 154 35 HOH HOH A . 
E 4 HOH 33 155 36 HOH HOH A . 
E 4 HOH 34 156 37 HOH HOH A . 
E 4 HOH 35 157 38 HOH HOH A . 
E 4 HOH 36 158 39 HOH HOH A . 
E 4 HOH 37 159 40 HOH HOH A . 
E 4 HOH 38 160 41 HOH HOH A . 
E 4 HOH 39 161 42 HOH HOH A . 
E 4 HOH 40 162 43 HOH HOH A . 
E 4 HOH 41 163 44 HOH HOH A . 
E 4 HOH 42 164 45 HOH HOH A . 
E 4 HOH 43 165 46 HOH HOH A . 
E 4 HOH 44 166 47 HOH HOH A . 
E 4 HOH 45 167 48 HOH HOH A . 
E 4 HOH 46 168 49 HOH HOH A . 
E 4 HOH 47 169 50 HOH HOH A . 
E 4 HOH 48 170 51 HOH HOH A . 
E 4 HOH 49 171 52 HOH HOH A . 
E 4 HOH 50 172 53 HOH HOH A . 
E 4 HOH 51 173 54 HOH HOH A . 
E 4 HOH 52 174 55 HOH HOH A . 
E 4 HOH 53 175 56 HOH HOH A . 
E 4 HOH 54 176 57 HOH HOH A . 
E 4 HOH 55 177 58 HOH HOH A . 
E 4 HOH 56 178 59 HOH HOH A . 
E 4 HOH 57 179 60 HOH HOH A . 
E 4 HOH 58 180 61 HOH HOH A . 
E 4 HOH 59 181 62 HOH HOH A . 
# 
loop_
_pdbx_unobs_or_zero_occ_atoms.id 
_pdbx_unobs_or_zero_occ_atoms.PDB_model_num 
_pdbx_unobs_or_zero_occ_atoms.polymer_flag 
_pdbx_unobs_or_zero_occ_atoms.occupancy_flag 
_pdbx_unobs_or_zero_occ_atoms.auth_asym_id 
_pdbx_unobs_or_zero_occ_atoms.auth_comp_id 
_pdbx_unobs_or_zero_occ_atoms.auth_seq_id 
_pdbx_unobs_or_zero_occ_atoms.PDB_ins_code 
_pdbx_unobs_or_zero_occ_atoms.auth_atom_id 
_pdbx_unobs_or_zero_occ_atoms.label_alt_id 
_pdbx_unobs_or_zero_occ_atoms.label_asym_id 
_pdbx_unobs_or_zero_occ_atoms.label_comp_id 
_pdbx_unobs_or_zero_occ_atoms.label_seq_id 
_pdbx_unobs_or_zero_occ_atoms.label_atom_id 
1  1 Y 1 A MSE 16  ? CG  ? A MSE 4   CG  
2  1 Y 1 A MSE 16  ? SE  ? A MSE 4   SE  
3  1 Y 1 A MSE 16  ? CE  ? A MSE 4   CE  
4  1 Y 1 A LYS 17  ? CG  ? A LYS 5   CG  
5  1 Y 1 A LYS 17  ? CD  ? A LYS 5   CD  
6  1 Y 1 A LYS 17  ? CE  ? A LYS 5   CE  
7  1 Y 1 A LYS 17  ? NZ  ? A LYS 5   NZ  
8  1 Y 1 A GLU 67  ? CG  ? A GLU 55  CG  
9  1 Y 1 A GLU 67  ? CD  ? A GLU 55  CD  
10 1 Y 1 A GLU 67  ? OE1 ? A GLU 55  OE1 
11 1 Y 1 A GLU 67  ? OE2 ? A GLU 55  OE2 
12 1 Y 1 A ASP 87  ? CG  ? A ASP 75  CG  
13 1 Y 1 A ASP 87  ? OD1 ? A ASP 75  OD1 
14 1 Y 1 A ASP 87  ? OD2 ? A ASP 75  OD2 
15 1 Y 1 A GLU 89  ? CG  ? A GLU 77  CG  
16 1 Y 1 A GLU 89  ? CD  ? A GLU 77  CD  
17 1 Y 1 A GLU 89  ? OE1 ? A GLU 77  OE1 
18 1 Y 1 A GLU 89  ? OE2 ? A GLU 77  OE2 
19 1 Y 1 A GLU 114 ? CD  ? A GLU 102 CD  
20 1 Y 1 A GLU 114 ? OE1 ? A GLU 102 OE1 
21 1 Y 1 A GLU 114 ? OE2 ? A GLU 102 OE2 
# 
loop_
_software.name 
_software.version 
_software.date 
_software.type 
_software.contact_author 
_software.contact_author_email 
_software.classification 
_software.location 
_software.language 
_software.citation_id 
_software.pdbx_ordinal 
REFMAC      5.5.0053 ?               program 'Garib N. Murshudov'         garib@ysbl.york.ac.uk                refinement        
http://www.ccp4.ac.uk/dist/html/refmac5.html                                Fortran_77 ? 1 
PHENIX      .        ?               package 'P.D. Adams'                 PDAdams@lbl.gov                      refinement        
http://www.phenix-online.org/                                               C++        ? 2 
SHELX       .        ?               package 'George M. Sheldrick'        gsheldr@shelx.uni-ac.gwdg.de         phasing           
http://shelx.uni-ac.gwdg.de/SHELX/                                          Fortran_77 ? 3 
MolProbity  3beta29  ?               package 'D.C. & J.S. Richardson lab' molprobity@kinemage.biochem.duke.edu 'model building'  
http://kinemage.biochem.duke.edu/molprobity/                                ?          ? 4 
XSCALE      .        ?               package 'Wolfgang Kabsch'            ?                                    'data scaling'    
http://www.mpimf-heidelberg.mpg.de/~kabsch/xds/html_doc/xscale_program.html ?          ? 5 
PDB_EXTRACT 3.006    'June 11, 2008' package PDB                          help@deposit.rcsb.org                'data extraction' 
http://sw-tools.pdb.org/apps/PDB_EXTRACT/                                   C++        ? 6 
XDS         .        ?               ?       ?                            ?                                    'data reduction'  ? 
?          ? 7 
SHELXD      .        ?               ?       ?                            ?                                    phasing           ? 
?          ? 8 
autoSHARP   .        ?               ?       ?                            ?                                    phasing           ? 
?          ? 9 
# 
_cell.entry_id           3LWC 
_cell.length_a           90.663 
_cell.length_b           90.663 
_cell.length_c           45.129 
_cell.angle_alpha        90.000 
_cell.angle_beta         90.000 
_cell.angle_gamma        120.000 
_cell.pdbx_unique_axis   ? 
_cell.Z_PDB              12 
_cell.length_a_esd       ? 
_cell.length_b_esd       ? 
_cell.length_c_esd       ? 
_cell.angle_alpha_esd    ? 
_cell.angle_beta_esd     ? 
_cell.angle_gamma_esd    ? 
# 
_symmetry.entry_id                         3LWC 
_symmetry.Int_Tables_number                179 
_symmetry.space_group_name_H-M             'P 65 2 2' 
_symmetry.pdbx_full_space_group_name_H-M   ? 
_symmetry.cell_setting                     ? 
_symmetry.space_group_name_Hall            ? 
# 
_exptl.crystals_number   1 
_exptl.method            'X-RAY DIFFRACTION' 
_exptl.entry_id          3LWC 
# 
_exptl_crystal.id                    1 
_exptl_crystal.density_Matthews      2.05 
_exptl_crystal.density_meas          ? 
_exptl_crystal.density_percent_sol   40.02 
_exptl_crystal.description           ? 
_exptl_crystal.F_000                 ? 
_exptl_crystal.preparation           ? 
# 
_exptl_crystal_grow.crystal_id      1 
_exptl_crystal_grow.method          'VAPOR DIFFUSION, SITTING DROP' 
_exptl_crystal_grow.pH              4.6 
_exptl_crystal_grow.temp            293 
_exptl_crystal_grow.pdbx_details    
'2.0000M ammonium sulfate, 0.1M sodium acetate pH 4.6, NANODROP, VAPOR DIFFUSION, SITTING DROP, temperature 293K' 
_exptl_crystal_grow.temp_details    ? 
_exptl_crystal_grow.pdbx_pH_range   ? 
# 
_diffrn.id                     1 
_diffrn.ambient_temp           100 
_diffrn.ambient_temp_details   ? 
_diffrn.crystal_id             1 
# 
_diffrn_detector.diffrn_id              1 
_diffrn_detector.detector               CCD 
_diffrn_detector.type                   'MARMOSAIC 325 mm CCD' 
_diffrn_detector.details                'Flat collimating mirror, toroid focusing mirror' 
_diffrn_detector.pdbx_collection_date   2009-11-06 
# 
_diffrn_radiation.diffrn_id                        1 
_diffrn_radiation.pdbx_monochromatic_or_laue_m_l   M 
_diffrn_radiation.monochromator                    'Double crystal monochromator' 
_diffrn_radiation.pdbx_diffrn_protocol             MAD 
_diffrn_radiation.wavelength_id                    1 
_diffrn_radiation.pdbx_scattering_type             x-ray 
# 
loop_
_diffrn_radiation_wavelength.id 
_diffrn_radiation_wavelength.wavelength 
_diffrn_radiation_wavelength.wt 
1 0.91162 1.0 
2 0.97944 1.0 
3 0.97932 1.0 
# 
_diffrn_source.diffrn_id                   1 
_diffrn_source.source                      SYNCHROTRON 
_diffrn_source.pdbx_synchrotron_beamline   BL9-2 
_diffrn_source.type                        'SSRL BEAMLINE BL9-2' 
_diffrn_source.pdbx_wavelength_list        0.91162,0.97944,0.97932 
_diffrn_source.pdbx_wavelength             ? 
_diffrn_source.pdbx_synchrotron_site       SSRL 
# 
_reflns.entry_id                     3LWC 
_reflns.d_resolution_high            1.40 
_reflns.d_resolution_low             29.676 
_reflns.number_obs                   21970 
_reflns.pdbx_Rmerge_I_obs            0.083 
_reflns.pdbx_netI_over_sigmaI        16.370 
_reflns.percent_possible_obs         99.500 
_reflns.B_iso_Wilson_estimate        15.910 
_reflns.observed_criterion_sigma_I   -3.00 
_reflns.observed_criterion_sigma_F   ? 
_reflns.number_all                   ? 
_reflns.pdbx_Rsym_value              ? 
_reflns.pdbx_redundancy              ? 
_reflns.R_free_details               ? 
_reflns.limit_h_max                  ? 
_reflns.limit_h_min                  ? 
_reflns.limit_k_max                  ? 
_reflns.limit_k_min                  ? 
_reflns.limit_l_max                  ? 
_reflns.limit_l_min                  ? 
_reflns.observed_criterion_F_max     ? 
_reflns.observed_criterion_F_min     ? 
_reflns.pdbx_chi_squared             ? 
_reflns.pdbx_scaling_rejects         ? 
_reflns.pdbx_ordinal                 1 
_reflns.pdbx_diffrn_id               1 
# 
loop_
_reflns_shell.d_res_high 
_reflns_shell.d_res_low 
_reflns_shell.number_measured_obs 
_reflns_shell.number_measured_all 
_reflns_shell.number_unique_obs 
_reflns_shell.Rmerge_I_obs 
_reflns_shell.meanI_over_sigI_obs 
_reflns_shell.pdbx_Rsym_value 
_reflns_shell.pdbx_chi_squared 
_reflns_shell.pdbx_redundancy 
_reflns_shell.percent_possible_obs 
_reflns_shell.number_unique_all 
_reflns_shell.percent_possible_all 
_reflns_shell.pdbx_ordinal 
_reflns_shell.pdbx_diffrn_id 
1.40 1.45   42745 ? 3934 0.011 2.4  ? ? ? ? ? 95.90  1  1 
1.45 1.51   46998 ? 4239 0.011 3.6  ? ? ? ? ? 100.00 2  1 
1.51 1.58   45920 ? 4109 0.011 4.8  ? ? ? ? ? 100.00 3  1 
1.58 1.66   44638 ? 3949 0.011 6.5  ? ? ? ? ? 100.00 4  1 
1.66 1.76   44457 ? 3902 0.011 9.1  ? ? ? ? ? 99.90  5  1 
1.76 1.90   48630 ? 4250 0.011 13.6 ? ? ? ? ? 100.00 6  1 
1.90 2.09   46472 ? 4056 0.011 20.8 ? ? ? ? ? 100.00 7  1 
2.09 2.39   46936 ? 4088 0.011 27.2 ? ? ? ? ? 100.00 8  1 
2.39 3.01   47081 ? 4107 0.011 32.5 ? ? ? ? ? 99.90  9  1 
3.01 29.676 46383 ? 4130 0.011 42.4 ? ? ? ? ? 99.70  10 1 
# 
_refine.entry_id                                 3LWC 
_refine.ls_d_res_high                            1.400 
_refine.ls_d_res_low                             29.676 
_refine.pdbx_ls_sigma_F                          0.00 
_refine.pdbx_data_cutoff_high_absF               ? 
_refine.pdbx_data_cutoff_low_absF                ? 
_refine.ls_percent_reflns_obs                    99.860 
_refine.ls_number_reflns_obs                     21944 
_refine.ls_number_reflns_all                     ? 
_refine.pdbx_ls_cross_valid_method               THROUGHOUT 
_refine.pdbx_R_Free_selection_details            RANDOM 
_refine.details                                  
;1.HYDROGENS HAVE BEEN ADDED IN THE RIDING POSITIONS. 2.ATOM RECORD CONTAINS RESIDUAL B FACTORS ONLY. 3.A MET-INHIBITION PROTOCOL WAS USED FOR SELENOMETHIONINE INCORPORATION DURING PROTEIN EXPRESSION. THE OCCUPANCY OF THE SE ATOMS IN THE MSE RESIDUES WAS REDUCED TO 0.75 TO ACCOUNT FOR THE REDUCED SCATTERING POWER DUE TO PARTIAL S-MET INCORPORATION. 4.SULFATE IONS AND ETHYLENE GLYCOL FROM CRYSTALLIZATION/ CRYOPROTECTANT ARE MODELED IN THE STRUCTURE.
;
_refine.ls_R_factor_all                          ? 
_refine.ls_R_factor_obs                          0.181 
_refine.ls_R_factor_R_work                       0.181 
_refine.ls_wR_factor_R_work                      ? 
_refine.ls_R_factor_R_free                       0.189 
_refine.ls_wR_factor_R_free                      ? 
_refine.ls_percent_reflns_R_free                 5.100 
_refine.ls_number_reflns_R_free                  1126 
_refine.ls_R_factor_R_free_error                 ? 
_refine.B_iso_mean                               14.381 
_refine.solvent_model_param_bsol                 ? 
_refine.solvent_model_param_ksol                 ? 
_refine.pdbx_isotropic_thermal_model             ? 
_refine.aniso_B[1][1]                            -0.250 
_refine.aniso_B[2][2]                            -0.250 
_refine.aniso_B[3][3]                            0.370 
_refine.aniso_B[1][2]                            -0.120 
_refine.aniso_B[1][3]                            0.000 
_refine.aniso_B[2][3]                            0.000 
_refine.correlation_coeff_Fo_to_Fc               0.961 
_refine.correlation_coeff_Fo_to_Fc_free          0.960 
_refine.overall_SU_R_Cruickshank_DPI             ? 
_refine.overall_SU_R_free                        ? 
_refine.pdbx_overall_ESU_R                       0.064 
_refine.pdbx_overall_ESU_R_Free                  0.060 
_refine.overall_SU_ML                            0.034 
_refine.overall_SU_B                             1.876 
_refine.solvent_model_details                    MASK 
_refine.pdbx_solvent_vdw_probe_radii             1.200 
_refine.pdbx_solvent_ion_probe_radii             0.800 
_refine.pdbx_solvent_shrinkage_radii             0.800 
_refine.ls_number_parameters                     ? 
_refine.ls_number_restraints                     ? 
_refine.pdbx_method_to_determine_struct          MAD 
_refine.pdbx_stereochemistry_target_values       'MAXIMUM LIKELIHOOD WITH PHASES' 
_refine.pdbx_stereochem_target_val_spec_case     ? 
_refine.overall_FOM_work_R_set                   ? 
_refine.B_iso_max                                53.83 
_refine.B_iso_min                                5.63 
_refine.occupancy_max                            1.00 
_refine.occupancy_min                            0.15 
_refine.pdbx_ls_sigma_I                          ? 
_refine.ls_redundancy_reflns_obs                 ? 
_refine.ls_R_factor_R_free_error_details         ? 
_refine.pdbx_starting_model                      ? 
_refine.pdbx_data_cutoff_high_rms_absF           ? 
_refine.overall_FOM_free_R_set                   ? 
_refine.pdbx_overall_phase_error                 ? 
_refine.pdbx_refine_id                           'X-RAY DIFFRACTION' 
_refine.pdbx_TLS_residual_ADP_flag               'LIKELY RESIDUAL' 
_refine.pdbx_diffrn_id                           1 
_refine.pdbx_overall_SU_R_free_Cruickshank_DPI   ? 
_refine.pdbx_overall_SU_R_Blow_DPI               ? 
_refine.pdbx_overall_SU_R_free_Blow_DPI          ? 
# 
_refine_hist.pdbx_refine_id                   'X-RAY DIFFRACTION' 
_refine_hist.cycle_id                         LAST 
_refine_hist.pdbx_number_atoms_protein        755 
_refine_hist.pdbx_number_atoms_nucleic_acid   0 
_refine_hist.pdbx_number_atoms_ligand         14 
_refine_hist.number_atoms_solvent             59 
_refine_hist.number_atoms_total               828 
_refine_hist.d_res_high                       1.400 
_refine_hist.d_res_low                        29.676 
# 
loop_
_refine_ls_restr.type 
_refine_ls_restr.pdbx_refine_id 
_refine_ls_restr.number 
_refine_ls_restr.dev_ideal 
_refine_ls_restr.dev_ideal_target 
_refine_ls_restr.weight 
_refine_ls_restr.pdbx_restraint_function 
r_bond_refined_d       'X-RAY DIFFRACTION' 989  0.017  0.021  ? ? 
r_bond_other_d         'X-RAY DIFFRACTION' 644  0.001  0.020  ? ? 
r_angle_refined_deg    'X-RAY DIFFRACTION' 1361 1.687  1.992  ? ? 
r_angle_other_deg      'X-RAY DIFFRACTION' 1582 0.882  3.000  ? ? 
r_dihedral_angle_1_deg 'X-RAY DIFFRACTION' 141  8.089  5.000  ? ? 
r_dihedral_angle_2_deg 'X-RAY DIFFRACTION' 35   39.982 23.714 ? ? 
r_dihedral_angle_3_deg 'X-RAY DIFFRACTION' 156  12.860 15.000 ? ? 
r_dihedral_angle_4_deg 'X-RAY DIFFRACTION' 7    15.753 15.000 ? ? 
r_chiral_restr         'X-RAY DIFFRACTION' 154  0.100  0.200  ? ? 
r_gen_planes_refined   'X-RAY DIFFRACTION' 1173 0.007  0.021  ? ? 
r_gen_planes_other     'X-RAY DIFFRACTION' 190  0.003  0.020  ? ? 
r_mcbond_it            'X-RAY DIFFRACTION' 659  1.104  1.500  ? ? 
r_mcbond_other         'X-RAY DIFFRACTION' 268  0.289  1.500  ? ? 
r_mcangle_it           'X-RAY DIFFRACTION' 1073 2.026  2.000  ? ? 
r_scbond_it            'X-RAY DIFFRACTION' 330  3.056  3.000  ? ? 
r_scangle_it           'X-RAY DIFFRACTION' 288  4.828  4.500  ? ? 
# 
_refine_ls_shell.d_res_high                       1.402 
_refine_ls_shell.d_res_low                        1.438 
_refine_ls_shell.pdbx_total_number_of_bins_used   20 
_refine_ls_shell.percent_reflns_obs               99.000 
_refine_ls_shell.number_reflns_R_work             1495 
_refine_ls_shell.R_factor_all                     ? 
_refine_ls_shell.R_factor_R_work                  0.230 
_refine_ls_shell.R_factor_R_free                  0.203 
_refine_ls_shell.percent_reflns_R_free            ? 
_refine_ls_shell.number_reflns_R_free             89 
_refine_ls_shell.R_factor_R_free_error            ? 
_refine_ls_shell.number_reflns_all                1584 
_refine_ls_shell.number_reflns_obs                ? 
_refine_ls_shell.redundancy_reflns_obs            ? 
_refine_ls_shell.pdbx_refine_id                   'X-RAY DIFFRACTION' 
# 
_struct.entry_id                  3LWC 
_struct.title                     
;Crystal structure of Structural Genomics, unknown function (YP_766765.1) from Rhizobium leguminosarum BV. viciae 3841 at 1.40 A resolution
;
_struct.pdbx_model_details        ? 
_struct.pdbx_CASP_flag            ? 
_struct.pdbx_model_type_details   ? 
# 
_struct_keywords.text            
;STRUCTURAL GENOMICS, UNKNOWN FUNCTION, Joint Center for Structural Genomics, JCSG, Protein Structure Initiative, PSI-2, Cupin domain, ethanolamine utilization
;
_struct_keywords.pdbx_keywords   'STRUCTURAL GENOMICS, UNKNOWN FUNCTION' 
_struct_keywords.entry_id        3LWC 
# 
loop_
_struct_asym.id 
_struct_asym.pdbx_blank_PDB_chainid_flag 
_struct_asym.pdbx_modified 
_struct_asym.entity_id 
_struct_asym.details 
A N N 1 ? 
B N N 2 ? 
C N N 2 ? 
D N N 3 ? 
E N N 4 ? 
# 
_struct_ref.id                         1 
_struct_ref.db_name                    UNP 
_struct_ref.db_code                    Q1MK54_RHIL3 
_struct_ref.pdbx_db_accession          Q1MK54 
_struct_ref.entity_id                  1 
_struct_ref.pdbx_seq_one_letter_code   
;KTMKMRKFTIADASLERSPGQEADISVGNLVDERHGGPITIGYGRYAPGQSLTETMAVDDVMIVLEGRLSVSTDGETVTA
GPGEIVYMPKGETVTIRSHEEGALTAYVTYPHWRPAHA
;
_struct_ref.pdbx_align_begin           14 
_struct_ref.pdbx_db_isoform            ? 
# 
_struct_ref_seq.align_id                      1 
_struct_ref_seq.ref_id                        1 
_struct_ref_seq.pdbx_PDB_id_code              3LWC 
_struct_ref_seq.pdbx_strand_id                A 
_struct_ref_seq.seq_align_beg                 2 
_struct_ref_seq.pdbx_seq_align_beg_ins_code   ? 
_struct_ref_seq.seq_align_end                 119 
_struct_ref_seq.pdbx_seq_align_end_ins_code   ? 
_struct_ref_seq.pdbx_db_accession             Q1MK54 
_struct_ref_seq.db_align_beg                  14 
_struct_ref_seq.pdbx_db_align_beg_ins_code    ? 
_struct_ref_seq.db_align_end                  131 
_struct_ref_seq.pdbx_db_align_end_ins_code    ? 
_struct_ref_seq.pdbx_auth_seq_align_beg       14 
_struct_ref_seq.pdbx_auth_seq_align_end       131 
# 
_struct_ref_seq_dif.align_id                     1 
_struct_ref_seq_dif.pdbx_pdb_id_code             3LWC 
_struct_ref_seq_dif.mon_id                       GLY 
_struct_ref_seq_dif.pdbx_pdb_strand_id           A 
_struct_ref_seq_dif.seq_num                      1 
_struct_ref_seq_dif.pdbx_pdb_ins_code            ? 
_struct_ref_seq_dif.pdbx_seq_db_name             UNP 
_struct_ref_seq_dif.pdbx_seq_db_accession_code   Q1MK54 
_struct_ref_seq_dif.db_mon_id                    ? 
_struct_ref_seq_dif.pdbx_seq_db_seq_num          ? 
_struct_ref_seq_dif.details                      'expression tag' 
_struct_ref_seq_dif.pdbx_auth_seq_num            0 
_struct_ref_seq_dif.pdbx_ordinal                 1 
# 
_pdbx_struct_assembly.id                   1 
_pdbx_struct_assembly.details              author_and_software_defined_assembly 
_pdbx_struct_assembly.method_details       PISA 
_pdbx_struct_assembly.oligomeric_details   dimeric 
_pdbx_struct_assembly.oligomeric_count     2 
# 
loop_
_pdbx_struct_assembly_prop.biol_id 
_pdbx_struct_assembly_prop.type 
_pdbx_struct_assembly_prop.value 
_pdbx_struct_assembly_prop.details 
1 'ABSA (A^2)' 3770 ? 
1 MORE         -65  ? 
1 'SSA (A^2)'  9450 ? 
# 
_pdbx_struct_assembly_gen.assembly_id       1 
_pdbx_struct_assembly_gen.oper_expression   1,2 
_pdbx_struct_assembly_gen.asym_id_list      A,B,C,D,E 
# 
loop_
_pdbx_struct_oper_list.id 
_pdbx_struct_oper_list.type 
_pdbx_struct_oper_list.name 
_pdbx_struct_oper_list.symmetry_operation 
_pdbx_struct_oper_list.matrix[1][1] 
_pdbx_struct_oper_list.matrix[1][2] 
_pdbx_struct_oper_list.matrix[1][3] 
_pdbx_struct_oper_list.vector[1] 
_pdbx_struct_oper_list.matrix[2][1] 
_pdbx_struct_oper_list.matrix[2][2] 
_pdbx_struct_oper_list.matrix[2][3] 
_pdbx_struct_oper_list.vector[2] 
_pdbx_struct_oper_list.matrix[3][1] 
_pdbx_struct_oper_list.matrix[3][2] 
_pdbx_struct_oper_list.matrix[3][3] 
_pdbx_struct_oper_list.vector[3] 
1 'identity operation'         1_555 x,y,z      1.0000000000 0.0000000000  0.0000000000  0.0000000000 0.0000000000  1.0000000000  0.0000000000 0.0000000000 0.0000000000  0.0000000000 1.0000000000  0.0000000000   
2 'crystal symmetry operation' 7_555 y,x,-z+2/3 0.6726082324 -0.7300548075 -0.1209055162 0.6230943262 -0.7300548075 -0.6813479621 0.0527724614 4.8143076175 -0.1209055162 0.0527724614 -0.9912602703 -20.4499827585 
# 
_struct_biol.id        1 
_struct_biol.details   ? 
# 
_struct_conf.conf_type_id            HELX_P 
_struct_conf.id                      HELX_P1 
_struct_conf.pdbx_PDB_helix_id       1 
_struct_conf.beg_label_comp_id       THR 
_struct_conf.beg_label_asym_id       A 
_struct_conf.beg_label_seq_id        10 
_struct_conf.pdbx_beg_PDB_ins_code   ? 
_struct_conf.end_label_comp_id       SER 
_struct_conf.end_label_asym_id       A 
_struct_conf.end_label_seq_id        19 
_struct_conf.pdbx_end_PDB_ins_code   ? 
_struct_conf.beg_auth_comp_id        THR 
_struct_conf.beg_auth_asym_id        A 
_struct_conf.beg_auth_seq_id         22 
_struct_conf.end_auth_comp_id        SER 
_struct_conf.end_auth_asym_id        A 
_struct_conf.end_auth_seq_id         31 
_struct_conf.pdbx_PDB_helix_class    5 
_struct_conf.details                 ? 
_struct_conf.pdbx_PDB_helix_length   10 
# 
_struct_conf_type.id          HELX_P 
_struct_conf_type.criteria    ? 
_struct_conf_type.reference   ? 
# 
loop_
_struct_conn.id 
_struct_conn.conn_type_id 
_struct_conn.pdbx_leaving_atom_flag 
_struct_conn.pdbx_PDB_id 
_struct_conn.ptnr1_label_asym_id 
_struct_conn.ptnr1_label_comp_id 
_struct_conn.ptnr1_label_seq_id 
_struct_conn.ptnr1_label_atom_id 
_struct_conn.pdbx_ptnr1_label_alt_id 
_struct_conn.pdbx_ptnr1_PDB_ins_code 
_struct_conn.pdbx_ptnr1_standard_comp_id 
_struct_conn.ptnr1_symmetry 
_struct_conn.ptnr2_label_asym_id 
_struct_conn.ptnr2_label_comp_id 
_struct_conn.ptnr2_label_seq_id 
_struct_conn.ptnr2_label_atom_id 
_struct_conn.pdbx_ptnr2_label_alt_id 
_struct_conn.pdbx_ptnr2_PDB_ins_code 
_struct_conn.ptnr1_auth_asym_id 
_struct_conn.ptnr1_auth_comp_id 
_struct_conn.ptnr1_auth_seq_id 
_struct_conn.ptnr2_auth_asym_id 
_struct_conn.ptnr2_auth_comp_id 
_struct_conn.ptnr2_auth_seq_id 
_struct_conn.ptnr2_symmetry 
_struct_conn.pdbx_ptnr3_label_atom_id 
_struct_conn.pdbx_ptnr3_label_seq_id 
_struct_conn.pdbx_ptnr3_label_comp_id 
_struct_conn.pdbx_ptnr3_label_asym_id 
_struct_conn.pdbx_ptnr3_label_alt_id 
_struct_conn.pdbx_ptnr3_PDB_ins_code 
_struct_conn.details 
_struct_conn.pdbx_dist_value 
_struct_conn.pdbx_value_order 
_struct_conn.pdbx_role 
covale1  covale both ? A MSE 4  C ? ? ? 1_555 A LYS 5  N ? ? A MSE 16  A LYS 17  1_555 ? ? ? ? ? ? ? 1.335 ? ? 
covale2  covale both ? A LYS 5  C ? ? ? 1_555 A MSE 6  N A ? A LYS 17  A MSE 18  1_555 ? ? ? ? ? ? ? 1.338 ? ? 
covale3  covale both ? A LYS 5  C ? ? ? 1_555 A MSE 6  N B ? A LYS 17  A MSE 18  1_555 ? ? ? ? ? ? ? 1.330 ? ? 
covale4  covale both ? A MSE 6  C A ? ? 1_555 A ARG 7  N ? ? A MSE 18  A ARG 19  1_555 ? ? ? ? ? ? ? 1.327 ? ? 
covale5  covale both ? A MSE 6  C B ? ? 1_555 A ARG 7  N ? ? A MSE 18  A ARG 19  1_555 ? ? ? ? ? ? ? 1.338 ? ? 
covale6  covale both ? A THR 56 C ? ? ? 1_555 A MSE 57 N ? ? A THR 68  A MSE 69  1_555 ? ? ? ? ? ? ? 1.333 ? ? 
covale7  covale both ? A MSE 57 C ? ? ? 1_555 A ALA 58 N ? ? A MSE 69  A ALA 70  1_555 ? ? ? ? ? ? ? 1.328 ? ? 
covale8  covale both ? A VAL 62 C ? ? ? 1_555 A MSE 63 N A ? A VAL 74  A MSE 75  1_555 ? ? ? ? ? ? ? 1.327 ? ? 
covale9  covale both ? A VAL 62 C ? ? ? 1_555 A MSE 63 N B ? A VAL 74  A MSE 75  1_555 ? ? ? ? ? ? ? 1.329 ? ? 
covale10 covale both ? A MSE 63 C A ? ? 1_555 A ILE 64 N ? ? A MSE 75  A ILE 76  1_555 ? ? ? ? ? ? ? 1.319 ? ? 
covale11 covale both ? A MSE 63 C B ? ? 1_555 A ILE 64 N ? ? A MSE 75  A ILE 76  1_555 ? ? ? ? ? ? ? 1.330 ? ? 
covale12 covale both ? A TYR 88 C ? ? ? 1_555 A MSE 89 N A ? A TYR 100 A MSE 101 1_555 ? ? ? ? ? ? ? 1.317 ? ? 
covale13 covale both ? A TYR 88 C ? ? ? 1_555 A MSE 89 N B ? A TYR 100 A MSE 101 1_555 ? ? ? ? ? ? ? 1.329 ? ? 
covale14 covale both ? A MSE 89 C A ? ? 1_555 A PRO 90 N ? ? A MSE 101 A PRO 102 1_555 ? ? ? ? ? ? ? 1.342 ? ? 
covale15 covale both ? A MSE 89 C B ? ? 1_555 A PRO 90 N ? ? A MSE 101 A PRO 102 1_555 ? ? ? ? ? ? ? 1.340 ? ? 
# 
_struct_conn_type.id          covale 
_struct_conn_type.criteria    ? 
_struct_conn_type.reference   ? 
# 
loop_
_pdbx_modification_feature.ordinal 
_pdbx_modification_feature.label_comp_id 
_pdbx_modification_feature.label_asym_id 
_pdbx_modification_feature.label_seq_id 
_pdbx_modification_feature.label_alt_id 
_pdbx_modification_feature.modified_residue_label_comp_id 
_pdbx_modification_feature.modified_residue_label_asym_id 
_pdbx_modification_feature.modified_residue_label_seq_id 
_pdbx_modification_feature.modified_residue_label_alt_id 
_pdbx_modification_feature.auth_comp_id 
_pdbx_modification_feature.auth_asym_id 
_pdbx_modification_feature.auth_seq_id 
_pdbx_modification_feature.PDB_ins_code 
_pdbx_modification_feature.symmetry 
_pdbx_modification_feature.modified_residue_auth_comp_id 
_pdbx_modification_feature.modified_residue_auth_asym_id 
_pdbx_modification_feature.modified_residue_auth_seq_id 
_pdbx_modification_feature.modified_residue_PDB_ins_code 
_pdbx_modification_feature.modified_residue_symmetry 
_pdbx_modification_feature.comp_id_linking_atom 
_pdbx_modification_feature.modified_residue_id_linking_atom 
_pdbx_modification_feature.modified_residue_id 
_pdbx_modification_feature.ref_pcm_id 
_pdbx_modification_feature.ref_comp_id 
_pdbx_modification_feature.type 
_pdbx_modification_feature.category 
1 MSE A 4  ? . . . . MSE A 16  ? 1_555 . . . . . . . MET 1 MSE Selenomethionine 'Named protein modification' 
2 MSE A 6  A . . . . MSE A 18  ? 1_555 . . . . . . . MET 1 MSE Selenomethionine 'Named protein modification' 
3 MSE A 6  B . . . . MSE A 18  ? 1_555 . . . . . . . MET 1 MSE Selenomethionine 'Named protein modification' 
4 MSE A 57 ? . . . . MSE A 69  ? 1_555 . . . . . . . MET 1 MSE Selenomethionine 'Named protein modification' 
5 MSE A 63 A . . . . MSE A 75  ? 1_555 . . . . . . . MET 1 MSE Selenomethionine 'Named protein modification' 
6 MSE A 63 B . . . . MSE A 75  ? 1_555 . . . . . . . MET 1 MSE Selenomethionine 'Named protein modification' 
7 MSE A 89 A . . . . MSE A 101 ? 1_555 . . . . . . . MET 1 MSE Selenomethionine 'Named protein modification' 
8 MSE A 89 B . . . . MSE A 101 ? 1_555 . . . . . . . MET 1 MSE Selenomethionine 'Named protein modification' 
# 
_struct_mon_prot_cis.pdbx_id                1 
_struct_mon_prot_cis.label_comp_id          GLY 
_struct_mon_prot_cis.label_seq_id           38 
_struct_mon_prot_cis.label_asym_id          A 
_struct_mon_prot_cis.label_alt_id           . 
_struct_mon_prot_cis.pdbx_PDB_ins_code      ? 
_struct_mon_prot_cis.auth_comp_id           GLY 
_struct_mon_prot_cis.auth_seq_id            50 
_struct_mon_prot_cis.auth_asym_id           A 
_struct_mon_prot_cis.pdbx_label_comp_id_2   PRO 
_struct_mon_prot_cis.pdbx_label_seq_id_2    39 
_struct_mon_prot_cis.pdbx_label_asym_id_2   A 
_struct_mon_prot_cis.pdbx_PDB_ins_code_2    ? 
_struct_mon_prot_cis.pdbx_auth_comp_id_2    PRO 
_struct_mon_prot_cis.pdbx_auth_seq_id_2     51 
_struct_mon_prot_cis.pdbx_auth_asym_id_2    A 
_struct_mon_prot_cis.pdbx_PDB_model_num     1 
_struct_mon_prot_cis.pdbx_omega_angle       -4.01 
# 
loop_
_struct_sheet.id 
_struct_sheet.type 
_struct_sheet.number_strands 
_struct_sheet.details 
A ? 5 ? 
B ? 4 ? 
# 
loop_
_struct_sheet_order.sheet_id 
_struct_sheet_order.range_id_1 
_struct_sheet_order.range_id_2 
_struct_sheet_order.offset 
_struct_sheet_order.sense 
A 1 2 ? anti-parallel 
A 2 3 ? anti-parallel 
A 3 4 ? anti-parallel 
A 4 5 ? anti-parallel 
B 1 2 ? anti-parallel 
B 2 3 ? anti-parallel 
B 3 4 ? anti-parallel 
# 
loop_
_struct_sheet_range.sheet_id 
_struct_sheet_range.id 
_struct_sheet_range.beg_label_comp_id 
_struct_sheet_range.beg_label_asym_id 
_struct_sheet_range.beg_label_seq_id 
_struct_sheet_range.pdbx_beg_PDB_ins_code 
_struct_sheet_range.end_label_comp_id 
_struct_sheet_range.end_label_asym_id 
_struct_sheet_range.end_label_seq_id 
_struct_sheet_range.pdbx_end_PDB_ins_code 
_struct_sheet_range.beg_auth_comp_id 
_struct_sheet_range.beg_auth_asym_id 
_struct_sheet_range.beg_auth_seq_id 
_struct_sheet_range.end_auth_comp_id 
_struct_sheet_range.end_auth_asym_id 
_struct_sheet_range.end_auth_seq_id 
A 1 GLU A 23 ? LEU A 31  ? GLU A 35  LEU A 43  
A 2 ILE A 40 ? TYR A 47  ? ILE A 52  TYR A 59  
A 3 THR A 94 ? TYR A 111 ? THR A 106 TYR A 123 
A 4 ASP A 60 ? THR A 74  ? ASP A 72  THR A 86  
A 5 GLU A 77 ? ALA A 81  ? GLU A 89  ALA A 93  
B 1 SER A 52 ? THR A 56  ? SER A 64  THR A 68  
B 2 THR A 94 ? TYR A 111 ? THR A 106 TYR A 123 
B 3 ASP A 60 ? THR A 74  ? ASP A 72  THR A 86  
B 4 ILE A 86 ? MSE A 89  ? ILE A 98  MSE A 101 
# 
loop_
_pdbx_struct_sheet_hbond.sheet_id 
_pdbx_struct_sheet_hbond.range_id_1 
_pdbx_struct_sheet_hbond.range_id_2 
_pdbx_struct_sheet_hbond.range_1_label_atom_id 
_pdbx_struct_sheet_hbond.range_1_label_comp_id 
_pdbx_struct_sheet_hbond.range_1_label_asym_id 
_pdbx_struct_sheet_hbond.range_1_label_seq_id 
_pdbx_struct_sheet_hbond.range_1_PDB_ins_code 
_pdbx_struct_sheet_hbond.range_1_auth_atom_id 
_pdbx_struct_sheet_hbond.range_1_auth_comp_id 
_pdbx_struct_sheet_hbond.range_1_auth_asym_id 
_pdbx_struct_sheet_hbond.range_1_auth_seq_id 
_pdbx_struct_sheet_hbond.range_2_label_atom_id 
_pdbx_struct_sheet_hbond.range_2_label_comp_id 
_pdbx_struct_sheet_hbond.range_2_label_asym_id 
_pdbx_struct_sheet_hbond.range_2_label_seq_id 
_pdbx_struct_sheet_hbond.range_2_PDB_ins_code 
_pdbx_struct_sheet_hbond.range_2_auth_atom_id 
_pdbx_struct_sheet_hbond.range_2_auth_comp_id 
_pdbx_struct_sheet_hbond.range_2_auth_asym_id 
_pdbx_struct_sheet_hbond.range_2_auth_seq_id 
A 1 2 N LEU A 31  ? N LEU A 43  O ILE A 40  ? O ILE A 52  
A 2 3 N TYR A 47  ? N TYR A 59  O ALA A 104 ? O ALA A 116 
A 3 4 O LEU A 105 ? O LEU A 117 N LEU A 66  ? N LEU A 78  
A 4 5 N LEU A 70  ? N LEU A 82  O ALA A 81  ? O ALA A 93  
B 1 2 N LEU A 53  ? N LEU A 65  O ILE A 97  ? O ILE A 109 
B 2 3 O LEU A 105 ? O LEU A 117 N LEU A 66  ? N LEU A 78  
B 3 4 N ASP A 61  ? N ASP A 73  O MSE A 89  ? O MSE A 101 
# 
loop_
_struct_site.id 
_struct_site.pdbx_evidence_code 
_struct_site.pdbx_auth_asym_id 
_struct_site.pdbx_auth_comp_id 
_struct_site.pdbx_auth_seq_id 
_struct_site.pdbx_auth_ins_code 
_struct_site.pdbx_num_residues 
_struct_site.details 
AC1 Software A SO4 1 ? 7 'BINDING SITE FOR RESIDUE SO4 A 1' 
AC2 Software A SO4 2 ? 3 'BINDING SITE FOR RESIDUE SO4 A 2' 
AC3 Software A EDO 3 ? 4 'BINDING SITE FOR RESIDUE EDO A 3' 
# 
loop_
_struct_site_gen.id 
_struct_site_gen.site_id 
_struct_site_gen.pdbx_num_res 
_struct_site_gen.label_comp_id 
_struct_site_gen.label_asym_id 
_struct_site_gen.label_seq_id 
_struct_site_gen.pdbx_auth_ins_code 
_struct_site_gen.auth_comp_id 
_struct_site_gen.auth_asym_id 
_struct_site_gen.auth_seq_id 
_struct_site_gen.label_atom_id 
_struct_site_gen.label_alt_id 
_struct_site_gen.symmetry 
_struct_site_gen.details 
1  AC1 7 LYS A 8  ? LYS A 20  . ? 4_664  ? 
2  AC1 7 ARG A 69 ? ARG A 81  . ? 1_555  ? 
3  AC1 7 VAL A 79 ? VAL A 91  . ? 10_665 ? 
4  AC1 7 THR A 80 ? THR A 92  . ? 10_665 ? 
5  AC1 7 HOH E .  ? HOH A 135 . ? 1_555  ? 
6  AC1 7 HOH E .  ? HOH A 159 . ? 10_665 ? 
7  AC1 7 HOH E .  ? HOH A 180 . ? 1_555  ? 
8  AC2 3 ARG A 7  ? ARG A 19  . ? 1_555  ? 
9  AC2 3 GLY A 29 ? GLY A 41  . ? 1_555  ? 
10 AC2 3 ASN A 30 ? ASN A 42  . ? 1_555  ? 
11 AC3 4 PRO A 83 ? PRO A 95  . ? 4_665  ? 
12 AC3 4 GLY A 84 ? GLY A 96  . ? 4_665  ? 
13 AC3 4 HOH E .  ? HOH A 132 . ? 1_555  ? 
14 AC3 4 HOH E .  ? HOH A 136 . ? 4_665  ? 
# 
_pdbx_entry_details.entry_id                   3LWC 
_pdbx_entry_details.compound_details           ? 
_pdbx_entry_details.source_details             ? 
_pdbx_entry_details.nonpolymer_details         ? 
_pdbx_entry_details.sequence_details           
;THE CONSTRUCT WAS EXPRESSED WITH A PURIFICATION TAG MGSDKIHHHHHHENLYFQG. THE TAG WAS REMOVED WITH TEV PROTEASE LEAVING ONLY A GLYCINE (0) FOLLOWED BY THE TARGET SEQUENCE. THE CLONED CONSTRUCT CONTAINS RESIDUES 14-131 OF THE FULL LENGTH PROTEIN.
;
_pdbx_entry_details.has_ligand_of_interest     ? 
_pdbx_entry_details.has_protein_modification   Y 
# 
_pdbx_validate_rmsd_bond.id                        1 
_pdbx_validate_rmsd_bond.PDB_model_num             1 
_pdbx_validate_rmsd_bond.auth_atom_id_1            CD 
_pdbx_validate_rmsd_bond.auth_asym_id_1            A 
_pdbx_validate_rmsd_bond.auth_comp_id_1            GLU 
_pdbx_validate_rmsd_bond.auth_seq_id_1             29 
_pdbx_validate_rmsd_bond.PDB_ins_code_1            ? 
_pdbx_validate_rmsd_bond.label_alt_id_1            A 
_pdbx_validate_rmsd_bond.auth_atom_id_2            OE1 
_pdbx_validate_rmsd_bond.auth_asym_id_2            A 
_pdbx_validate_rmsd_bond.auth_comp_id_2            GLU 
_pdbx_validate_rmsd_bond.auth_seq_id_2             29 
_pdbx_validate_rmsd_bond.PDB_ins_code_2            ? 
_pdbx_validate_rmsd_bond.label_alt_id_2            A 
_pdbx_validate_rmsd_bond.bond_value                1.327 
_pdbx_validate_rmsd_bond.bond_target_value         1.252 
_pdbx_validate_rmsd_bond.bond_deviation            0.075 
_pdbx_validate_rmsd_bond.bond_standard_deviation   0.011 
_pdbx_validate_rmsd_bond.linker_flag               N 
# 
loop_
_pdbx_validate_torsion.id 
_pdbx_validate_torsion.PDB_model_num 
_pdbx_validate_torsion.auth_comp_id 
_pdbx_validate_torsion.auth_asym_id 
_pdbx_validate_torsion.auth_seq_id 
_pdbx_validate_torsion.PDB_ins_code 
_pdbx_validate_torsion.label_alt_id 
_pdbx_validate_torsion.phi 
_pdbx_validate_torsion.psi 
1 1 SER A 27 ? A 37.55   51.61   
2 1 SER A 27 ? B 71.18   44.73   
3 1 LEU A 28 ? B -53.65  28.26   
4 1 GLU A 29 ? B -141.38 -24.58  
5 1 ARG A 30 ? B -55.04  -1.09   
6 1 GLU A 35 ? A -170.26 132.55  
7 1 ALA A 36 ? B -164.46 118.68  
8 1 SER A 64 ? B -173.85 149.21  
9 1 ASP A 87 ? A 49.59   -121.02 
# 
_pdbx_SG_project.project_name          'PSI, Protein Structure Initiative' 
_pdbx_SG_project.full_name_of_center   'Joint Center for Structural Genomics' 
_pdbx_SG_project.id                    1 
_pdbx_SG_project.initial_of_center     JCSG 
# 
loop_
_pdbx_struct_mod_residue.id 
_pdbx_struct_mod_residue.label_asym_id 
_pdbx_struct_mod_residue.label_comp_id 
_pdbx_struct_mod_residue.label_seq_id 
_pdbx_struct_mod_residue.auth_asym_id 
_pdbx_struct_mod_residue.auth_comp_id 
_pdbx_struct_mod_residue.auth_seq_id 
_pdbx_struct_mod_residue.PDB_ins_code 
_pdbx_struct_mod_residue.parent_comp_id 
_pdbx_struct_mod_residue.details 
1 A MSE 4  A MSE 16  ? MET SELENOMETHIONINE 
2 A MSE 6  A MSE 18  ? MET SELENOMETHIONINE 
3 A MSE 57 A MSE 69  ? MET SELENOMETHIONINE 
4 A MSE 63 A MSE 75  ? MET SELENOMETHIONINE 
5 A MSE 89 A MSE 101 ? MET SELENOMETHIONINE 
# 
_pdbx_refine_tls.pdbx_refine_id   'X-RAY DIFFRACTION' 
_pdbx_refine_tls.id               1 
_pdbx_refine_tls.details          ? 
_pdbx_refine_tls.method           refined 
_pdbx_refine_tls.origin_x         0.0878 
_pdbx_refine_tls.origin_y         0.0908 
_pdbx_refine_tls.origin_z         -0.9539 
_pdbx_refine_tls.T[1][1]          0.0313 
_pdbx_refine_tls.T[2][2]          0.0203 
_pdbx_refine_tls.T[3][3]          0.0392 
_pdbx_refine_tls.T[1][2]          0.0108 
_pdbx_refine_tls.T[1][3]          0.0033 
_pdbx_refine_tls.T[2][3]          0.0130 
_pdbx_refine_tls.L[1][1]          0.4601 
_pdbx_refine_tls.L[2][2]          0.4150 
_pdbx_refine_tls.L[3][3]          1.1608 
_pdbx_refine_tls.L[1][2]          0.2291 
_pdbx_refine_tls.L[1][3]          0.2084 
_pdbx_refine_tls.L[2][3]          -0.0546 
_pdbx_refine_tls.S[1][1]          -0.0328 
_pdbx_refine_tls.S[2][2]          -0.0119 
_pdbx_refine_tls.S[3][3]          0.0447 
_pdbx_refine_tls.S[1][2]          0.0297 
_pdbx_refine_tls.S[1][3]          -0.0453 
_pdbx_refine_tls.S[2][3]          -0.0504 
_pdbx_refine_tls.S[2][1]          0.0053 
_pdbx_refine_tls.S[3][1]          0.0503 
_pdbx_refine_tls.S[3][2]          0.0375 
# 
_pdbx_refine_tls_group.pdbx_refine_id      'X-RAY DIFFRACTION' 
_pdbx_refine_tls_group.id                  1 
_pdbx_refine_tls_group.refine_tls_id       1 
_pdbx_refine_tls_group.beg_auth_asym_id    A 
_pdbx_refine_tls_group.beg_auth_seq_id     16 
_pdbx_refine_tls_group.end_auth_asym_id    A 
_pdbx_refine_tls_group.end_auth_seq_id     125 
_pdbx_refine_tls_group.selection_details   ? 
_pdbx_refine_tls_group.beg_label_asym_id   . 
_pdbx_refine_tls_group.beg_label_seq_id    . 
_pdbx_refine_tls_group.end_label_asym_id   . 
_pdbx_refine_tls_group.end_label_seq_id    . 
_pdbx_refine_tls_group.selection           ? 
# 
_phasing.method   MAD 
# 
loop_
_pdbx_unobs_or_zero_occ_residues.id 
_pdbx_unobs_or_zero_occ_residues.PDB_model_num 
_pdbx_unobs_or_zero_occ_residues.polymer_flag 
_pdbx_unobs_or_zero_occ_residues.occupancy_flag 
_pdbx_unobs_or_zero_occ_residues.auth_asym_id 
_pdbx_unobs_or_zero_occ_residues.auth_comp_id 
_pdbx_unobs_or_zero_occ_residues.auth_seq_id 
_pdbx_unobs_or_zero_occ_residues.PDB_ins_code 
_pdbx_unobs_or_zero_occ_residues.label_asym_id 
_pdbx_unobs_or_zero_occ_residues.label_comp_id 
_pdbx_unobs_or_zero_occ_residues.label_seq_id 
1  1 Y 1 A GLY 0   ? A GLY 1   
2  1 Y 1 A LYS 14  ? A LYS 2   
3  1 Y 1 A THR 15  ? A THR 3   
4  1 Y 1 A VAL 44  ? A VAL 32  
5  1 Y 1 A ASP 45  ? A ASP 33  
6  1 Y 1 A GLU 46  ? A GLU 34  
7  1 Y 1 A ARG 47  ? A ARG 35  
8  1 Y 1 A HIS 48  ? A HIS 36  
9  1 Y 1 A GLY 49  ? A GLY 37  
10 1 Y 1 A TRP 126 ? A TRP 114 
11 1 Y 1 A ARG 127 ? A ARG 115 
12 1 Y 1 A PRO 128 ? A PRO 116 
13 1 Y 1 A ALA 129 ? A ALA 117 
14 1 Y 1 A HIS 130 ? A HIS 118 
15 1 Y 1 A ALA 131 ? A ALA 119 
# 
loop_
_chem_comp_atom.comp_id 
_chem_comp_atom.atom_id 
_chem_comp_atom.type_symbol 
_chem_comp_atom.pdbx_aromatic_flag 
_chem_comp_atom.pdbx_stereo_config 
_chem_comp_atom.pdbx_ordinal 
ALA N    N  N N 1   
ALA CA   C  N S 2   
ALA C    C  N N 3   
ALA O    O  N N 4   
ALA CB   C  N N 5   
ALA OXT  O  N N 6   
ALA H    H  N N 7   
ALA H2   H  N N 8   
ALA HA   H  N N 9   
ALA HB1  H  N N 10  
ALA HB2  H  N N 11  
ALA HB3  H  N N 12  
ALA HXT  H  N N 13  
ARG N    N  N N 14  
ARG CA   C  N S 15  
ARG C    C  N N 16  
ARG O    O  N N 17  
ARG CB   C  N N 18  
ARG CG   C  N N 19  
ARG CD   C  N N 20  
ARG NE   N  N N 21  
ARG CZ   C  N N 22  
ARG NH1  N  N N 23  
ARG NH2  N  N N 24  
ARG OXT  O  N N 25  
ARG H    H  N N 26  
ARG H2   H  N N 27  
ARG HA   H  N N 28  
ARG HB2  H  N N 29  
ARG HB3  H  N N 30  
ARG HG2  H  N N 31  
ARG HG3  H  N N 32  
ARG HD2  H  N N 33  
ARG HD3  H  N N 34  
ARG HE   H  N N 35  
ARG HH11 H  N N 36  
ARG HH12 H  N N 37  
ARG HH21 H  N N 38  
ARG HH22 H  N N 39  
ARG HXT  H  N N 40  
ASN N    N  N N 41  
ASN CA   C  N S 42  
ASN C    C  N N 43  
ASN O    O  N N 44  
ASN CB   C  N N 45  
ASN CG   C  N N 46  
ASN OD1  O  N N 47  
ASN ND2  N  N N 48  
ASN OXT  O  N N 49  
ASN H    H  N N 50  
ASN H2   H  N N 51  
ASN HA   H  N N 52  
ASN HB2  H  N N 53  
ASN HB3  H  N N 54  
ASN HD21 H  N N 55  
ASN HD22 H  N N 56  
ASN HXT  H  N N 57  
ASP N    N  N N 58  
ASP CA   C  N S 59  
ASP C    C  N N 60  
ASP O    O  N N 61  
ASP CB   C  N N 62  
ASP CG   C  N N 63  
ASP OD1  O  N N 64  
ASP OD2  O  N N 65  
ASP OXT  O  N N 66  
ASP H    H  N N 67  
ASP H2   H  N N 68  
ASP HA   H  N N 69  
ASP HB2  H  N N 70  
ASP HB3  H  N N 71  
ASP HD2  H  N N 72  
ASP HXT  H  N N 73  
EDO C1   C  N N 74  
EDO O1   O  N N 75  
EDO C2   C  N N 76  
EDO O2   O  N N 77  
EDO H11  H  N N 78  
EDO H12  H  N N 79  
EDO HO1  H  N N 80  
EDO H21  H  N N 81  
EDO H22  H  N N 82  
EDO HO2  H  N N 83  
GLN N    N  N N 84  
GLN CA   C  N S 85  
GLN C    C  N N 86  
GLN O    O  N N 87  
GLN CB   C  N N 88  
GLN CG   C  N N 89  
GLN CD   C  N N 90  
GLN OE1  O  N N 91  
GLN NE2  N  N N 92  
GLN OXT  O  N N 93  
GLN H    H  N N 94  
GLN H2   H  N N 95  
GLN HA   H  N N 96  
GLN HB2  H  N N 97  
GLN HB3  H  N N 98  
GLN HG2  H  N N 99  
GLN HG3  H  N N 100 
GLN HE21 H  N N 101 
GLN HE22 H  N N 102 
GLN HXT  H  N N 103 
GLU N    N  N N 104 
GLU CA   C  N S 105 
GLU C    C  N N 106 
GLU O    O  N N 107 
GLU CB   C  N N 108 
GLU CG   C  N N 109 
GLU CD   C  N N 110 
GLU OE1  O  N N 111 
GLU OE2  O  N N 112 
GLU OXT  O  N N 113 
GLU H    H  N N 114 
GLU H2   H  N N 115 
GLU HA   H  N N 116 
GLU HB2  H  N N 117 
GLU HB3  H  N N 118 
GLU HG2  H  N N 119 
GLU HG3  H  N N 120 
GLU HE2  H  N N 121 
GLU HXT  H  N N 122 
GLY N    N  N N 123 
GLY CA   C  N N 124 
GLY C    C  N N 125 
GLY O    O  N N 126 
GLY OXT  O  N N 127 
GLY H    H  N N 128 
GLY H2   H  N N 129 
GLY HA2  H  N N 130 
GLY HA3  H  N N 131 
GLY HXT  H  N N 132 
HIS N    N  N N 133 
HIS CA   C  N S 134 
HIS C    C  N N 135 
HIS O    O  N N 136 
HIS CB   C  N N 137 
HIS CG   C  Y N 138 
HIS ND1  N  Y N 139 
HIS CD2  C  Y N 140 
HIS CE1  C  Y N 141 
HIS NE2  N  Y N 142 
HIS OXT  O  N N 143 
HIS H    H  N N 144 
HIS H2   H  N N 145 
HIS HA   H  N N 146 
HIS HB2  H  N N 147 
HIS HB3  H  N N 148 
HIS HD1  H  N N 149 
HIS HD2  H  N N 150 
HIS HE1  H  N N 151 
HIS HE2  H  N N 152 
HIS HXT  H  N N 153 
HOH O    O  N N 154 
HOH H1   H  N N 155 
HOH H2   H  N N 156 
ILE N    N  N N 157 
ILE CA   C  N S 158 
ILE C    C  N N 159 
ILE O    O  N N 160 
ILE CB   C  N S 161 
ILE CG1  C  N N 162 
ILE CG2  C  N N 163 
ILE CD1  C  N N 164 
ILE OXT  O  N N 165 
ILE H    H  N N 166 
ILE H2   H  N N 167 
ILE HA   H  N N 168 
ILE HB   H  N N 169 
ILE HG12 H  N N 170 
ILE HG13 H  N N 171 
ILE HG21 H  N N 172 
ILE HG22 H  N N 173 
ILE HG23 H  N N 174 
ILE HD11 H  N N 175 
ILE HD12 H  N N 176 
ILE HD13 H  N N 177 
ILE HXT  H  N N 178 
LEU N    N  N N 179 
LEU CA   C  N S 180 
LEU C    C  N N 181 
LEU O    O  N N 182 
LEU CB   C  N N 183 
LEU CG   C  N N 184 
LEU CD1  C  N N 185 
LEU CD2  C  N N 186 
LEU OXT  O  N N 187 
LEU H    H  N N 188 
LEU H2   H  N N 189 
LEU HA   H  N N 190 
LEU HB2  H  N N 191 
LEU HB3  H  N N 192 
LEU HG   H  N N 193 
LEU HD11 H  N N 194 
LEU HD12 H  N N 195 
LEU HD13 H  N N 196 
LEU HD21 H  N N 197 
LEU HD22 H  N N 198 
LEU HD23 H  N N 199 
LEU HXT  H  N N 200 
LYS N    N  N N 201 
LYS CA   C  N S 202 
LYS C    C  N N 203 
LYS O    O  N N 204 
LYS CB   C  N N 205 
LYS CG   C  N N 206 
LYS CD   C  N N 207 
LYS CE   C  N N 208 
LYS NZ   N  N N 209 
LYS OXT  O  N N 210 
LYS H    H  N N 211 
LYS H2   H  N N 212 
LYS HA   H  N N 213 
LYS HB2  H  N N 214 
LYS HB3  H  N N 215 
LYS HG2  H  N N 216 
LYS HG3  H  N N 217 
LYS HD2  H  N N 218 
LYS HD3  H  N N 219 
LYS HE2  H  N N 220 
LYS HE3  H  N N 221 
LYS HZ1  H  N N 222 
LYS HZ2  H  N N 223 
LYS HZ3  H  N N 224 
LYS HXT  H  N N 225 
MSE N    N  N N 226 
MSE CA   C  N S 227 
MSE C    C  N N 228 
MSE O    O  N N 229 
MSE OXT  O  N N 230 
MSE CB   C  N N 231 
MSE CG   C  N N 232 
MSE SE   SE N N 233 
MSE CE   C  N N 234 
MSE H    H  N N 235 
MSE H2   H  N N 236 
MSE HA   H  N N 237 
MSE HXT  H  N N 238 
MSE HB2  H  N N 239 
MSE HB3  H  N N 240 
MSE HG2  H  N N 241 
MSE HG3  H  N N 242 
MSE HE1  H  N N 243 
MSE HE2  H  N N 244 
MSE HE3  H  N N 245 
PHE N    N  N N 246 
PHE CA   C  N S 247 
PHE C    C  N N 248 
PHE O    O  N N 249 
PHE CB   C  N N 250 
PHE CG   C  Y N 251 
PHE CD1  C  Y N 252 
PHE CD2  C  Y N 253 
PHE CE1  C  Y N 254 
PHE CE2  C  Y N 255 
PHE CZ   C  Y N 256 
PHE OXT  O  N N 257 
PHE H    H  N N 258 
PHE H2   H  N N 259 
PHE HA   H  N N 260 
PHE HB2  H  N N 261 
PHE HB3  H  N N 262 
PHE HD1  H  N N 263 
PHE HD2  H  N N 264 
PHE HE1  H  N N 265 
PHE HE2  H  N N 266 
PHE HZ   H  N N 267 
PHE HXT  H  N N 268 
PRO N    N  N N 269 
PRO CA   C  N S 270 
PRO C    C  N N 271 
PRO O    O  N N 272 
PRO CB   C  N N 273 
PRO CG   C  N N 274 
PRO CD   C  N N 275 
PRO OXT  O  N N 276 
PRO H    H  N N 277 
PRO HA   H  N N 278 
PRO HB2  H  N N 279 
PRO HB3  H  N N 280 
PRO HG2  H  N N 281 
PRO HG3  H  N N 282 
PRO HD2  H  N N 283 
PRO HD3  H  N N 284 
PRO HXT  H  N N 285 
SER N    N  N N 286 
SER CA   C  N S 287 
SER C    C  N N 288 
SER O    O  N N 289 
SER CB   C  N N 290 
SER OG   O  N N 291 
SER OXT  O  N N 292 
SER H    H  N N 293 
SER H2   H  N N 294 
SER HA   H  N N 295 
SER HB2  H  N N 296 
SER HB3  H  N N 297 
SER HG   H  N N 298 
SER HXT  H  N N 299 
SO4 S    S  N N 300 
SO4 O1   O  N N 301 
SO4 O2   O  N N 302 
SO4 O3   O  N N 303 
SO4 O4   O  N N 304 
THR N    N  N N 305 
THR CA   C  N S 306 
THR C    C  N N 307 
THR O    O  N N 308 
THR CB   C  N R 309 
THR OG1  O  N N 310 
THR CG2  C  N N 311 
THR OXT  O  N N 312 
THR H    H  N N 313 
THR H2   H  N N 314 
THR HA   H  N N 315 
THR HB   H  N N 316 
THR HG1  H  N N 317 
THR HG21 H  N N 318 
THR HG22 H  N N 319 
THR HG23 H  N N 320 
THR HXT  H  N N 321 
TRP N    N  N N 322 
TRP CA   C  N S 323 
TRP C    C  N N 324 
TRP O    O  N N 325 
TRP CB   C  N N 326 
TRP CG   C  Y N 327 
TRP CD1  C  Y N 328 
TRP CD2  C  Y N 329 
TRP NE1  N  Y N 330 
TRP CE2  C  Y N 331 
TRP CE3  C  Y N 332 
TRP CZ2  C  Y N 333 
TRP CZ3  C  Y N 334 
TRP CH2  C  Y N 335 
TRP OXT  O  N N 336 
TRP H    H  N N 337 
TRP H2   H  N N 338 
TRP HA   H  N N 339 
TRP HB2  H  N N 340 
TRP HB3  H  N N 341 
TRP HD1  H  N N 342 
TRP HE1  H  N N 343 
TRP HE3  H  N N 344 
TRP HZ2  H  N N 345 
TRP HZ3  H  N N 346 
TRP HH2  H  N N 347 
TRP HXT  H  N N 348 
TYR N    N  N N 349 
TYR CA   C  N S 350 
TYR C    C  N N 351 
TYR O    O  N N 352 
TYR CB   C  N N 353 
TYR CG   C  Y N 354 
TYR CD1  C  Y N 355 
TYR CD2  C  Y N 356 
TYR CE1  C  Y N 357 
TYR CE2  C  Y N 358 
TYR CZ   C  Y N 359 
TYR OH   O  N N 360 
TYR OXT  O  N N 361 
TYR H    H  N N 362 
TYR H2   H  N N 363 
TYR HA   H  N N 364 
TYR HB2  H  N N 365 
TYR HB3  H  N N 366 
TYR HD1  H  N N 367 
TYR HD2  H  N N 368 
TYR HE1  H  N N 369 
TYR HE2  H  N N 370 
TYR HH   H  N N 371 
TYR HXT  H  N N 372 
VAL N    N  N N 373 
VAL CA   C  N S 374 
VAL C    C  N N 375 
VAL O    O  N N 376 
VAL CB   C  N N 377 
VAL CG1  C  N N 378 
VAL CG2  C  N N 379 
VAL OXT  O  N N 380 
VAL H    H  N N 381 
VAL H2   H  N N 382 
VAL HA   H  N N 383 
VAL HB   H  N N 384 
VAL HG11 H  N N 385 
VAL HG12 H  N N 386 
VAL HG13 H  N N 387 
VAL HG21 H  N N 388 
VAL HG22 H  N N 389 
VAL HG23 H  N N 390 
VAL HXT  H  N N 391 
# 
loop_
_chem_comp_bond.comp_id 
_chem_comp_bond.atom_id_1 
_chem_comp_bond.atom_id_2 
_chem_comp_bond.value_order 
_chem_comp_bond.pdbx_aromatic_flag 
_chem_comp_bond.pdbx_stereo_config 
_chem_comp_bond.pdbx_ordinal 
ALA N   CA   sing N N 1   
ALA N   H    sing N N 2   
ALA N   H2   sing N N 3   
ALA CA  C    sing N N 4   
ALA CA  CB   sing N N 5   
ALA CA  HA   sing N N 6   
ALA C   O    doub N N 7   
ALA C   OXT  sing N N 8   
ALA CB  HB1  sing N N 9   
ALA CB  HB2  sing N N 10  
ALA CB  HB3  sing N N 11  
ALA OXT HXT  sing N N 12  
ARG N   CA   sing N N 13  
ARG N   H    sing N N 14  
ARG N   H2   sing N N 15  
ARG CA  C    sing N N 16  
ARG CA  CB   sing N N 17  
ARG CA  HA   sing N N 18  
ARG C   O    doub N N 19  
ARG C   OXT  sing N N 20  
ARG CB  CG   sing N N 21  
ARG CB  HB2  sing N N 22  
ARG CB  HB3  sing N N 23  
ARG CG  CD   sing N N 24  
ARG CG  HG2  sing N N 25  
ARG CG  HG3  sing N N 26  
ARG CD  NE   sing N N 27  
ARG CD  HD2  sing N N 28  
ARG CD  HD3  sing N N 29  
ARG NE  CZ   sing N N 30  
ARG NE  HE   sing N N 31  
ARG CZ  NH1  sing N N 32  
ARG CZ  NH2  doub N N 33  
ARG NH1 HH11 sing N N 34  
ARG NH1 HH12 sing N N 35  
ARG NH2 HH21 sing N N 36  
ARG NH2 HH22 sing N N 37  
ARG OXT HXT  sing N N 38  
ASN N   CA   sing N N 39  
ASN N   H    sing N N 40  
ASN N   H2   sing N N 41  
ASN CA  C    sing N N 42  
ASN CA  CB   sing N N 43  
ASN CA  HA   sing N N 44  
ASN C   O    doub N N 45  
ASN C   OXT  sing N N 46  
ASN CB  CG   sing N N 47  
ASN CB  HB2  sing N N 48  
ASN CB  HB3  sing N N 49  
ASN CG  OD1  doub N N 50  
ASN CG  ND2  sing N N 51  
ASN ND2 HD21 sing N N 52  
ASN ND2 HD22 sing N N 53  
ASN OXT HXT  sing N N 54  
ASP N   CA   sing N N 55  
ASP N   H    sing N N 56  
ASP N   H2   sing N N 57  
ASP CA  C    sing N N 58  
ASP CA  CB   sing N N 59  
ASP CA  HA   sing N N 60  
ASP C   O    doub N N 61  
ASP C   OXT  sing N N 62  
ASP CB  CG   sing N N 63  
ASP CB  HB2  sing N N 64  
ASP CB  HB3  sing N N 65  
ASP CG  OD1  doub N N 66  
ASP CG  OD2  sing N N 67  
ASP OD2 HD2  sing N N 68  
ASP OXT HXT  sing N N 69  
EDO C1  O1   sing N N 70  
EDO C1  C2   sing N N 71  
EDO C1  H11  sing N N 72  
EDO C1  H12  sing N N 73  
EDO O1  HO1  sing N N 74  
EDO C2  O2   sing N N 75  
EDO C2  H21  sing N N 76  
EDO C2  H22  sing N N 77  
EDO O2  HO2  sing N N 78  
GLN N   CA   sing N N 79  
GLN N   H    sing N N 80  
GLN N   H2   sing N N 81  
GLN CA  C    sing N N 82  
GLN CA  CB   sing N N 83  
GLN CA  HA   sing N N 84  
GLN C   O    doub N N 85  
GLN C   OXT  sing N N 86  
GLN CB  CG   sing N N 87  
GLN CB  HB2  sing N N 88  
GLN CB  HB3  sing N N 89  
GLN CG  CD   sing N N 90  
GLN CG  HG2  sing N N 91  
GLN CG  HG3  sing N N 92  
GLN CD  OE1  doub N N 93  
GLN CD  NE2  sing N N 94  
GLN NE2 HE21 sing N N 95  
GLN NE2 HE22 sing N N 96  
GLN OXT HXT  sing N N 97  
GLU N   CA   sing N N 98  
GLU N   H    sing N N 99  
GLU N   H2   sing N N 100 
GLU CA  C    sing N N 101 
GLU CA  CB   sing N N 102 
GLU CA  HA   sing N N 103 
GLU C   O    doub N N 104 
GLU C   OXT  sing N N 105 
GLU CB  CG   sing N N 106 
GLU CB  HB2  sing N N 107 
GLU CB  HB3  sing N N 108 
GLU CG  CD   sing N N 109 
GLU CG  HG2  sing N N 110 
GLU CG  HG3  sing N N 111 
GLU CD  OE1  doub N N 112 
GLU CD  OE2  sing N N 113 
GLU OE2 HE2  sing N N 114 
GLU OXT HXT  sing N N 115 
GLY N   CA   sing N N 116 
GLY N   H    sing N N 117 
GLY N   H2   sing N N 118 
GLY CA  C    sing N N 119 
GLY CA  HA2  sing N N 120 
GLY CA  HA3  sing N N 121 
GLY C   O    doub N N 122 
GLY C   OXT  sing N N 123 
GLY OXT HXT  sing N N 124 
HIS N   CA   sing N N 125 
HIS N   H    sing N N 126 
HIS N   H2   sing N N 127 
HIS CA  C    sing N N 128 
HIS CA  CB   sing N N 129 
HIS CA  HA   sing N N 130 
HIS C   O    doub N N 131 
HIS C   OXT  sing N N 132 
HIS CB  CG   sing N N 133 
HIS CB  HB2  sing N N 134 
HIS CB  HB3  sing N N 135 
HIS CG  ND1  sing Y N 136 
HIS CG  CD2  doub Y N 137 
HIS ND1 CE1  doub Y N 138 
HIS ND1 HD1  sing N N 139 
HIS CD2 NE2  sing Y N 140 
HIS CD2 HD2  sing N N 141 
HIS CE1 NE2  sing Y N 142 
HIS CE1 HE1  sing N N 143 
HIS NE2 HE2  sing N N 144 
HIS OXT HXT  sing N N 145 
HOH O   H1   sing N N 146 
HOH O   H2   sing N N 147 
ILE N   CA   sing N N 148 
ILE N   H    sing N N 149 
ILE N   H2   sing N N 150 
ILE CA  C    sing N N 151 
ILE CA  CB   sing N N 152 
ILE CA  HA   sing N N 153 
ILE C   O    doub N N 154 
ILE C   OXT  sing N N 155 
ILE CB  CG1  sing N N 156 
ILE CB  CG2  sing N N 157 
ILE CB  HB   sing N N 158 
ILE CG1 CD1  sing N N 159 
ILE CG1 HG12 sing N N 160 
ILE CG1 HG13 sing N N 161 
ILE CG2 HG21 sing N N 162 
ILE CG2 HG22 sing N N 163 
ILE CG2 HG23 sing N N 164 
ILE CD1 HD11 sing N N 165 
ILE CD1 HD12 sing N N 166 
ILE CD1 HD13 sing N N 167 
ILE OXT HXT  sing N N 168 
LEU N   CA   sing N N 169 
LEU N   H    sing N N 170 
LEU N   H2   sing N N 171 
LEU CA  C    sing N N 172 
LEU CA  CB   sing N N 173 
LEU CA  HA   sing N N 174 
LEU C   O    doub N N 175 
LEU C   OXT  sing N N 176 
LEU CB  CG   sing N N 177 
LEU CB  HB2  sing N N 178 
LEU CB  HB3  sing N N 179 
LEU CG  CD1  sing N N 180 
LEU CG  CD2  sing N N 181 
LEU CG  HG   sing N N 182 
LEU CD1 HD11 sing N N 183 
LEU CD1 HD12 sing N N 184 
LEU CD1 HD13 sing N N 185 
LEU CD2 HD21 sing N N 186 
LEU CD2 HD22 sing N N 187 
LEU CD2 HD23 sing N N 188 
LEU OXT HXT  sing N N 189 
LYS N   CA   sing N N 190 
LYS N   H    sing N N 191 
LYS N   H2   sing N N 192 
LYS CA  C    sing N N 193 
LYS CA  CB   sing N N 194 
LYS CA  HA   sing N N 195 
LYS C   O    doub N N 196 
LYS C   OXT  sing N N 197 
LYS CB  CG   sing N N 198 
LYS CB  HB2  sing N N 199 
LYS CB  HB3  sing N N 200 
LYS CG  CD   sing N N 201 
LYS CG  HG2  sing N N 202 
LYS CG  HG3  sing N N 203 
LYS CD  CE   sing N N 204 
LYS CD  HD2  sing N N 205 
LYS CD  HD3  sing N N 206 
LYS CE  NZ   sing N N 207 
LYS CE  HE2  sing N N 208 
LYS CE  HE3  sing N N 209 
LYS NZ  HZ1  sing N N 210 
LYS NZ  HZ2  sing N N 211 
LYS NZ  HZ3  sing N N 212 
LYS OXT HXT  sing N N 213 
MSE N   CA   sing N N 214 
MSE N   H    sing N N 215 
MSE N   H2   sing N N 216 
MSE CA  C    sing N N 217 
MSE CA  CB   sing N N 218 
MSE CA  HA   sing N N 219 
MSE C   O    doub N N 220 
MSE C   OXT  sing N N 221 
MSE OXT HXT  sing N N 222 
MSE CB  CG   sing N N 223 
MSE CB  HB2  sing N N 224 
MSE CB  HB3  sing N N 225 
MSE CG  SE   sing N N 226 
MSE CG  HG2  sing N N 227 
MSE CG  HG3  sing N N 228 
MSE SE  CE   sing N N 229 
MSE CE  HE1  sing N N 230 
MSE CE  HE2  sing N N 231 
MSE CE  HE3  sing N N 232 
PHE N   CA   sing N N 233 
PHE N   H    sing N N 234 
PHE N   H2   sing N N 235 
PHE CA  C    sing N N 236 
PHE CA  CB   sing N N 237 
PHE CA  HA   sing N N 238 
PHE C   O    doub N N 239 
PHE C   OXT  sing N N 240 
PHE CB  CG   sing N N 241 
PHE CB  HB2  sing N N 242 
PHE CB  HB3  sing N N 243 
PHE CG  CD1  doub Y N 244 
PHE CG  CD2  sing Y N 245 
PHE CD1 CE1  sing Y N 246 
PHE CD1 HD1  sing N N 247 
PHE CD2 CE2  doub Y N 248 
PHE CD2 HD2  sing N N 249 
PHE CE1 CZ   doub Y N 250 
PHE CE1 HE1  sing N N 251 
PHE CE2 CZ   sing Y N 252 
PHE CE2 HE2  sing N N 253 
PHE CZ  HZ   sing N N 254 
PHE OXT HXT  sing N N 255 
PRO N   CA   sing N N 256 
PRO N   CD   sing N N 257 
PRO N   H    sing N N 258 
PRO CA  C    sing N N 259 
PRO CA  CB   sing N N 260 
PRO CA  HA   sing N N 261 
PRO C   O    doub N N 262 
PRO C   OXT  sing N N 263 
PRO CB  CG   sing N N 264 
PRO CB  HB2  sing N N 265 
PRO CB  HB3  sing N N 266 
PRO CG  CD   sing N N 267 
PRO CG  HG2  sing N N 268 
PRO CG  HG3  sing N N 269 
PRO CD  HD2  sing N N 270 
PRO CD  HD3  sing N N 271 
PRO OXT HXT  sing N N 272 
SER N   CA   sing N N 273 
SER N   H    sing N N 274 
SER N   H2   sing N N 275 
SER CA  C    sing N N 276 
SER CA  CB   sing N N 277 
SER CA  HA   sing N N 278 
SER C   O    doub N N 279 
SER C   OXT  sing N N 280 
SER CB  OG   sing N N 281 
SER CB  HB2  sing N N 282 
SER CB  HB3  sing N N 283 
SER OG  HG   sing N N 284 
SER OXT HXT  sing N N 285 
SO4 S   O1   doub N N 286 
SO4 S   O2   doub N N 287 
SO4 S   O3   sing N N 288 
SO4 S   O4   sing N N 289 
THR N   CA   sing N N 290 
THR N   H    sing N N 291 
THR N   H2   sing N N 292 
THR CA  C    sing N N 293 
THR CA  CB   sing N N 294 
THR CA  HA   sing N N 295 
THR C   O    doub N N 296 
THR C   OXT  sing N N 297 
THR CB  OG1  sing N N 298 
THR CB  CG2  sing N N 299 
THR CB  HB   sing N N 300 
THR OG1 HG1  sing N N 301 
THR CG2 HG21 sing N N 302 
THR CG2 HG22 sing N N 303 
THR CG2 HG23 sing N N 304 
THR OXT HXT  sing N N 305 
TRP N   CA   sing N N 306 
TRP N   H    sing N N 307 
TRP N   H2   sing N N 308 
TRP CA  C    sing N N 309 
TRP CA  CB   sing N N 310 
TRP CA  HA   sing N N 311 
TRP C   O    doub N N 312 
TRP C   OXT  sing N N 313 
TRP CB  CG   sing N N 314 
TRP CB  HB2  sing N N 315 
TRP CB  HB3  sing N N 316 
TRP CG  CD1  doub Y N 317 
TRP CG  CD2  sing Y N 318 
TRP CD1 NE1  sing Y N 319 
TRP CD1 HD1  sing N N 320 
TRP CD2 CE2  doub Y N 321 
TRP CD2 CE3  sing Y N 322 
TRP NE1 CE2  sing Y N 323 
TRP NE1 HE1  sing N N 324 
TRP CE2 CZ2  sing Y N 325 
TRP CE3 CZ3  doub Y N 326 
TRP CE3 HE3  sing N N 327 
TRP CZ2 CH2  doub Y N 328 
TRP CZ2 HZ2  sing N N 329 
TRP CZ3 CH2  sing Y N 330 
TRP CZ3 HZ3  sing N N 331 
TRP CH2 HH2  sing N N 332 
TRP OXT HXT  sing N N 333 
TYR N   CA   sing N N 334 
TYR N   H    sing N N 335 
TYR N   H2   sing N N 336 
TYR CA  C    sing N N 337 
TYR CA  CB   sing N N 338 
TYR CA  HA   sing N N 339 
TYR C   O    doub N N 340 
TYR C   OXT  sing N N 341 
TYR CB  CG   sing N N 342 
TYR CB  HB2  sing N N 343 
TYR CB  HB3  sing N N 344 
TYR CG  CD1  doub Y N 345 
TYR CG  CD2  sing Y N 346 
TYR CD1 CE1  sing Y N 347 
TYR CD1 HD1  sing N N 348 
TYR CD2 CE2  doub Y N 349 
TYR CD2 HD2  sing N N 350 
TYR CE1 CZ   doub Y N 351 
TYR CE1 HE1  sing N N 352 
TYR CE2 CZ   sing Y N 353 
TYR CE2 HE2  sing N N 354 
TYR CZ  OH   sing N N 355 
TYR OH  HH   sing N N 356 
TYR OXT HXT  sing N N 357 
VAL N   CA   sing N N 358 
VAL N   H    sing N N 359 
VAL N   H2   sing N N 360 
VAL CA  C    sing N N 361 
VAL CA  CB   sing N N 362 
VAL CA  HA   sing N N 363 
VAL C   O    doub N N 364 
VAL C   OXT  sing N N 365 
VAL CB  CG1  sing N N 366 
VAL CB  CG2  sing N N 367 
VAL CB  HB   sing N N 368 
VAL CG1 HG11 sing N N 369 
VAL CG1 HG12 sing N N 370 
VAL CG1 HG13 sing N N 371 
VAL CG2 HG21 sing N N 372 
VAL CG2 HG22 sing N N 373 
VAL CG2 HG23 sing N N 374 
VAL OXT HXT  sing N N 375 
# 
_atom_sites.entry_id                    3LWC 
_atom_sites.fract_transf_matrix[1][1]   0.00988482 
_atom_sites.fract_transf_matrix[1][2]   -0.00381565 
_atom_sites.fract_transf_matrix[1][3]   -0.00706706 
_atom_sites.fract_transf_matrix[2][1]   0.01028855 
_atom_sites.fract_transf_matrix[2][2]   -0.00498954 
_atom_sites.fract_transf_matrix[2][3]   0.00560856 
_atom_sites.fract_transf_matrix[3][1]   -0.00893781 
_atom_sites.fract_transf_matrix[3][2]   -0.02021428 
_atom_sites.fract_transf_matrix[3][3]   -0.00158736 
_atom_sites.fract_transf_vector[1]      0.547466 
_atom_sites.fract_transf_vector[2]      0.679766 
_atom_sites.fract_transf_vector[3]      0.368551 
# 
loop_
_atom_type.symbol 
C  
N  
O  
S  
SE 
# 
loop_
_atom_site.group_PDB 
_atom_site.id 
_atom_site.type_symbol 
_atom_site.label_atom_id 
_atom_site.label_alt_id 
_atom_site.label_comp_id 
_atom_site.label_asym_id 
_atom_site.label_entity_id 
_atom_site.label_seq_id 
_atom_site.pdbx_PDB_ins_code 
_atom_site.Cartn_x 
_atom_site.Cartn_y 
_atom_site.Cartn_z 
_atom_site.occupancy 
_atom_site.B_iso_or_equiv 
_atom_site.pdbx_formal_charge 
_atom_site.auth_seq_id 
_atom_site.auth_comp_id 
_atom_site.auth_asym_id 
_atom_site.auth_atom_id 
_atom_site.pdbx_PDB_model_num 
HETATM 1    N  N   . MSE A 1 4   ? 7.094   -11.839 -19.641 1.00 25.88 ? 16  MSE A N   1 
HETATM 2    C  CA  . MSE A 1 4   ? 7.136   -12.568 -20.944 1.00 25.18 ? 16  MSE A CA  1 
HETATM 3    C  C   . MSE A 1 4   ? 5.868   -12.301 -21.783 1.00 23.51 ? 16  MSE A C   1 
HETATM 4    O  O   . MSE A 1 4   ? 5.970   -12.043 -22.992 1.00 25.75 ? 16  MSE A O   1 
HETATM 5    C  CB  . MSE A 1 4   ? 7.349   -14.079 -20.724 1.00 26.05 ? 16  MSE A CB  1 
ATOM   6    N  N   . LYS A 1 5   ? 4.690   -12.372 -21.160 1.00 20.34 ? 17  LYS A N   1 
ATOM   7    C  CA  . LYS A 1 5   ? 3.428   -12.076 -21.870 1.00 16.63 ? 17  LYS A CA  1 
ATOM   8    C  C   . LYS A 1 5   ? 2.672   -10.945 -21.184 1.00 12.43 ? 17  LYS A C   1 
ATOM   9    O  O   . LYS A 1 5   ? 2.809   -10.708 -19.981 1.00 13.46 ? 17  LYS A O   1 
ATOM   10   C  CB  . LYS A 1 5   ? 2.506   -13.301 -21.951 1.00 17.54 ? 17  LYS A CB  1 
HETATM 11   N  N   A MSE A 1 6   ? 1.865   -10.231 -21.977 0.80 9.64  ? 18  MSE A N   1 
HETATM 12   N  N   B MSE A 1 6   ? 1.845   -10.253 -21.963 0.20 11.49 ? 18  MSE A N   1 
HETATM 13   C  CA  A MSE A 1 6   ? 1.008   -9.182  -21.436 0.80 8.45  ? 18  MSE A CA  1 
HETATM 14   C  CA  B MSE A 1 6   ? 1.021   -9.161  -21.456 0.20 10.23 ? 18  MSE A CA  1 
HETATM 15   C  C   A MSE A 1 6   ? 0.069   -9.784  -20.400 0.80 8.30  ? 18  MSE A C   1 
HETATM 16   C  C   B MSE A 1 6   ? -0.029  -9.712  -20.475 0.20 9.88  ? 18  MSE A C   1 
HETATM 17   O  O   A MSE A 1 6   ? -0.444  -10.894 -20.594 0.80 8.86  ? 18  MSE A O   1 
HETATM 18   O  O   B MSE A 1 6   ? -0.680  -10.723 -20.770 0.20 9.91  ? 18  MSE A O   1 
HETATM 19   C  CB  A MSE A 1 6   ? 0.184   -8.543  -22.552 0.80 9.53  ? 18  MSE A CB  1 
HETATM 20   C  CB  B MSE A 1 6   ? 0.374   -8.448  -22.652 0.20 10.29 ? 18  MSE A CB  1 
HETATM 21   C  CG  A MSE A 1 6   ? -0.783  -7.527  -22.040 0.80 10.17 ? 18  MSE A CG  1 
HETATM 22   C  CG  B MSE A 1 6   ? -0.409  -7.193  -22.331 0.20 9.53  ? 18  MSE A CG  1 
HETATM 23   SE SE  A MSE A 1 6   ? -1.927  -6.838  -23.450 0.60 11.12 ? 18  MSE A SE  1 
HETATM 24   SE SE  B MSE A 1 6   ? -2.313  -7.566  -22.099 0.15 7.97  ? 18  MSE A SE  1 
HETATM 25   C  CE  A MSE A 1 6   ? -3.083  -8.345  -23.781 0.80 8.61  ? 18  MSE A CE  1 
HETATM 26   C  CE  B MSE A 1 6   ? -2.768  -8.011  -23.958 0.20 7.30  ? 18  MSE A CE  1 
ATOM   27   N  N   . ARG A 1 7   ? -0.182  -9.059  -19.318 1.00 8.85  ? 19  ARG A N   1 
ATOM   28   C  CA  . ARG A 1 7   ? -1.069  -9.548  -18.250 1.00 10.29 ? 19  ARG A CA  1 
ATOM   29   C  C   . ARG A 1 7   ? -1.894  -8.381  -17.719 1.00 9.70  ? 19  ARG A C   1 
ATOM   30   O  O   . ARG A 1 7   ? -1.391  -7.281  -17.571 1.00 10.63 ? 19  ARG A O   1 
ATOM   31   C  CB  . ARG A 1 7   ? -0.213  -10.130 -17.109 1.00 12.08 ? 19  ARG A CB  1 
ATOM   32   C  CG  . ARG A 1 7   ? 0.581   -11.385 -17.485 1.00 15.58 ? 19  ARG A CG  1 
ATOM   33   C  CD  . ARG A 1 7   ? 1.557   -11.846 -16.379 1.00 19.24 ? 19  ARG A CD  1 
ATOM   34   N  NE  . ARG A 1 7   ? 0.841   -12.405 -15.240 1.00 21.12 ? 19  ARG A NE  1 
ATOM   35   C  CZ  . ARG A 1 7   ? 1.421   -12.784 -14.099 1.00 21.84 ? 19  ARG A CZ  1 
ATOM   36   N  NH1 . ARG A 1 7   ? 2.724   -12.619 -13.913 1.00 24.19 ? 19  ARG A NH1 1 
ATOM   37   N  NH2 . ARG A 1 7   ? 0.680   -13.281 -13.123 1.00 22.90 ? 19  ARG A NH2 1 
ATOM   38   N  N   . LYS A 1 8   ? -3.152  -8.632  -17.380 1.00 9.59  ? 20  LYS A N   1 
ATOM   39   C  CA  . LYS A 1 8   ? -3.989  -7.668  -16.724 1.00 9.25  ? 20  LYS A CA  1 
ATOM   40   C  C   . LYS A 1 8   ? -4.257  -8.089  -15.285 1.00 9.17  ? 20  LYS A C   1 
ATOM   41   O  O   . LYS A 1 8   ? -4.419  -9.296  -14.991 1.00 10.32 ? 20  LYS A O   1 
ATOM   42   C  CB  . LYS A 1 8   ? -5.331  -7.547  -17.471 1.00 10.14 ? 20  LYS A CB  1 
ATOM   43   C  CG  . LYS A 1 8   ? -6.385  -6.763  -16.742 1.00 11.91 ? 20  LYS A CG  1 
ATOM   44   C  CD  . LYS A 1 8   ? -7.693  -6.725  -17.505 1.00 13.83 ? 20  LYS A CD  1 
ATOM   45   C  CE  . LYS A 1 8   ? -8.775  -6.170  -16.639 1.00 12.48 ? 20  LYS A CE  1 
ATOM   46   N  NZ  . LYS A 1 8   ? -10.091 -6.004  -17.314 1.00 13.66 ? 20  LYS A NZ  1 
ATOM   47   N  N   . PHE A 1 9   ? -4.284  -7.098  -14.411 1.00 7.83  ? 21  PHE A N   1 
ATOM   48   C  CA  . PHE A 1 9   ? -4.623  -7.318  -12.980 1.00 8.13  ? 21  PHE A CA  1 
ATOM   49   C  C   . PHE A 1 9   ? -5.703  -6.354  -12.573 1.00 8.67  ? 21  PHE A C   1 
ATOM   50   O  O   . PHE A 1 9   ? -5.768  -5.222  -13.081 1.00 9.10  ? 21  PHE A O   1 
ATOM   51   C  CB  . PHE A 1 9   ? -3.398  -7.111  -12.104 1.00 9.94  ? 21  PHE A CB  1 
ATOM   52   C  CG  . PHE A 1 9   ? -2.216  -7.944  -12.511 1.00 10.11 ? 21  PHE A CG  1 
ATOM   53   C  CD1 . PHE A 1 9   ? -2.066  -9.244  -12.056 1.00 10.95 ? 21  PHE A CD1 1 
ATOM   54   C  CD2 . PHE A 1 9   ? -1.289  -7.446  -13.408 1.00 12.75 ? 21  PHE A CD2 1 
ATOM   55   C  CE1 . PHE A 1 9   ? -0.981  -10.024 -12.474 1.00 11.35 ? 21  PHE A CE1 1 
ATOM   56   C  CE2 . PHE A 1 9   ? -0.210  -8.229  -13.814 1.00 14.47 ? 21  PHE A CE2 1 
ATOM   57   C  CZ  . PHE A 1 9   ? -0.063  -9.503  -13.334 1.00 11.33 ? 21  PHE A CZ  1 
ATOM   58   N  N   . THR A 1 10  ? -6.554  -6.775  -11.625 1.00 9.10  ? 22  THR A N   1 
ATOM   59   C  CA  . THR A 1 10  ? -7.520  -5.896  -11.020 1.00 9.72  ? 22  THR A CA  1 
ATOM   60   C  C   . THR A 1 10  ? -7.583  -6.159  -9.504  1.00 8.57  ? 22  THR A C   1 
ATOM   61   O  O   . THR A 1 10  ? -7.095  -7.199  -9.027  1.00 8.49  ? 22  THR A O   1 
ATOM   62   C  CB  . THR A 1 10  ? -8.934  -6.068  -11.584 1.00 11.29 ? 22  THR A CB  1 
ATOM   63   O  OG1 . THR A 1 10  ? -9.540  -7.236  -11.017 1.00 14.32 ? 22  THR A OG1 1 
ATOM   64   C  CG2 . THR A 1 10  ? -8.940  -6.193  -13.107 1.00 12.63 ? 22  THR A CG2 1 
ATOM   65   N  N   . ILE A 1 11  ? -8.215  -5.230  -8.774  1.00 9.15  ? 23  ILE A N   1 
ATOM   66   C  CA  . ILE A 1 11  ? -8.274  -5.348  -7.343  1.00 9.78  ? 23  ILE A CA  1 
ATOM   67   C  C   . ILE A 1 11  ? -9.018  -6.604  -6.932  1.00 8.90  ? 23  ILE A C   1 
ATOM   68   O  O   . ILE A 1 11  ? -8.756  -7.166  -5.850  1.00 9.68  ? 23  ILE A O   1 
ATOM   69   C  CB  . ILE A 1 11  ? -8.859  -4.068  -6.697  1.00 9.66  ? 23  ILE A CB  1 
ATOM   70   C  CG1 . ILE A 1 11  ? -8.614  -4.047  -5.190  1.00 12.68 ? 23  ILE A CG1 1 
ATOM   71   C  CG2 . ILE A 1 11  ? -10.365 -3.929  -7.035  1.00 11.46 ? 23  ILE A CG2 1 
ATOM   72   C  CD1 . ILE A 1 11  ? -8.784  -2.628  -4.542  1.00 16.72 ? 23  ILE A CD1 1 
ATOM   73   N  N   . ALA A 1 12  ? -9.943  -7.089  -7.753  1.00 9.19  ? 24  ALA A N   1 
ATOM   74   C  CA  . ALA A 1 12  ? -10.624 -8.347  -7.449  1.00 8.91  ? 24  ALA A CA  1 
ATOM   75   C  C   . ALA A 1 12  ? -9.662  -9.525  -7.282  1.00 9.15  ? 24  ALA A C   1 
ATOM   76   O  O   . ALA A 1 12  ? -9.956  -10.495 -6.559  1.00 11.11 ? 24  ALA A O   1 
ATOM   77   C  CB  . ALA A 1 12  ? -11.665 -8.671  -8.545  1.00 10.92 ? 24  ALA A CB  1 
ATOM   78   N  N   . ASP A 1 13  ? -8.503  -9.480  -7.940  1.00 8.68  ? 25  ASP A N   1 
ATOM   79   C  CA  . ASP A 1 13  ? -7.512  -10.540 -7.849  1.00 9.25  ? 25  ASP A CA  1 
ATOM   80   C  C   . ASP A 1 13  ? -6.930  -10.665 -6.441  1.00 9.87  ? 25  ASP A C   1 
ATOM   81   O  O   . ASP A 1 13  ? -6.373  -11.709 -6.128  1.00 11.29 ? 25  ASP A O   1 
ATOM   82   C  CB  . ASP A 1 13  ? -6.358  -10.301 -8.847  1.00 9.30  ? 25  ASP A CB  1 
ATOM   83   C  CG  . ASP A 1 13  ? -6.794  -10.417 -10.286 1.00 12.91 ? 25  ASP A CG  1 
ATOM   84   O  OD1 . ASP A 1 13  ? -7.698  -11.234 -10.571 1.00 16.13 ? 25  ASP A OD1 1 
ATOM   85   O  OD2 . ASP A 1 13  ? -6.223  -9.718  -11.169 1.00 12.52 ? 25  ASP A OD2 1 
ATOM   86   N  N   A ALA A 1 14  ? -7.092  -9.622  -5.623  0.50 9.66  ? 26  ALA A N   1 
ATOM   87   N  N   B ALA A 1 14  ? -6.976  -9.605  -5.634  0.50 10.59 ? 26  ALA A N   1 
ATOM   88   C  CA  A ALA A 1 14  ? -6.654  -9.610  -4.225  0.50 9.11  ? 26  ALA A CA  1 
ATOM   89   C  CA  B ALA A 1 14  ? -6.403  -9.610  -4.271  0.50 10.87 ? 26  ALA A CA  1 
ATOM   90   C  C   A ALA A 1 14  ? -7.660  -10.188 -3.231  0.50 9.82  ? 26  ALA A C   1 
ATOM   91   C  C   B ALA A 1 14  ? -7.424  -10.128 -3.259  0.50 12.24 ? 26  ALA A C   1 
ATOM   92   O  O   A ALA A 1 14  ? -7.327  -10.193 -2.004  0.50 8.93  ? 26  ALA A O   1 
ATOM   93   O  O   B ALA A 1 14  ? -7.116  -10.867 -2.293  0.50 12.02 ? 26  ALA A O   1 
ATOM   94   C  CB  A ALA A 1 14  ? -6.313  -8.205  -3.800  0.50 10.34 ? 26  ALA A CB  1 
ATOM   95   C  CB  B ALA A 1 14  ? -5.947  -8.217  -3.896  0.50 11.84 ? 26  ALA A CB  1 
ATOM   96   N  N   A SER A 1 15  ? -8.856  -10.609 -3.710  0.60 7.99  ? 27  SER A N   1 
ATOM   97   N  N   B SER A 1 15  ? -8.689  -9.788  -3.499  0.40 11.82 ? 27  SER A N   1 
ATOM   98   C  CA  A SER A 1 15  ? -9.868  -11.268 -2.880  0.60 8.71  ? 27  SER A CA  1 
ATOM   99   C  CA  B SER A 1 15  ? -9.755  -10.239 -2.605  0.40 12.36 ? 27  SER A CA  1 
ATOM   100  C  C   A SER A 1 15  ? -9.941  -10.682 -1.479  0.60 8.63  ? 27  SER A C   1 
ATOM   101  C  C   B SER A 1 15  ? -9.653  -9.501  -1.297  0.40 12.54 ? 27  SER A C   1 
ATOM   102  O  O   A SER A 1 15  ? -9.869  -11.415 -0.475  0.60 8.17  ? 27  SER A O   1 
ATOM   103  O  O   B SER A 1 15  ? -9.771  -10.100 -0.225  0.40 12.76 ? 27  SER A O   1 
ATOM   104  C  CB  A SER A 1 15  ? -9.568  -12.766 -2.844  0.60 8.25  ? 27  SER A CB  1 
ATOM   105  C  CB  B SER A 1 15  ? -9.646  -11.729 -2.350  0.40 12.57 ? 27  SER A CB  1 
ATOM   106  O  OG  A SER A 1 15  ? -9.830  -13.379 -4.105  0.60 10.85 ? 27  SER A OG  1 
ATOM   107  O  OG  B SER A 1 15  ? -10.084 -12.441 -3.486  0.40 15.09 ? 27  SER A OG  1 
ATOM   108  N  N   A LEU A 1 16  ? -10.071 -9.355  -1.403  0.60 8.75  ? 28  LEU A N   1 
ATOM   109  N  N   B LEU A 1 16  ? -9.443  -8.197  -1.383  0.40 12.77 ? 28  LEU A N   1 
ATOM   110  C  CA  A LEU A 1 16  ? -9.962  -8.671  -0.133  0.60 8.96  ? 28  LEU A CA  1 
ATOM   111  C  CA  B LEU A 1 16  ? -9.076  -7.457  -0.198  0.40 12.96 ? 28  LEU A CA  1 
ATOM   112  C  C   A LEU A 1 16  ? -11.070 -9.028  0.864   0.60 9.11  ? 28  LEU A C   1 
ATOM   113  C  C   B LEU A 1 16  ? -10.106 -7.715  0.928   0.40 15.28 ? 28  LEU A C   1 
ATOM   114  O  O   A LEU A 1 16  ? -10.840 -8.872  2.074   0.60 8.98  ? 28  LEU A O   1 
ATOM   115  O  O   B LEU A 1 16  ? -10.237 -6.907  1.849   0.40 15.01 ? 28  LEU A O   1 
ATOM   116  C  CB  A LEU A 1 16  ? -9.927  -7.144  -0.320  0.60 9.26  ? 28  LEU A CB  1 
ATOM   117  C  CB  B LEU A 1 16  ? -8.853  -5.965  -0.535  0.40 12.33 ? 28  LEU A CB  1 
ATOM   118  C  CG  A LEU A 1 16  ? -8.711  -6.559  -1.021  0.60 12.96 ? 28  LEU A CG  1 
ATOM   119  C  CG  B LEU A 1 16  ? -7.609  -5.747  -1.423  0.40 10.04 ? 28  LEU A CG  1 
ATOM   120  C  CD1 A LEU A 1 16  ? -8.972  -5.107  -1.433  0.60 13.72 ? 28  LEU A CD1 1 
ATOM   121  C  CD1 B LEU A 1 16  ? -7.517  -4.328  -1.970  0.40 11.19 ? 28  LEU A CD1 1 
ATOM   122  C  CD2 A LEU A 1 16  ? -7.473  -6.719  -0.115  0.60 16.02 ? 28  LEU A CD2 1 
ATOM   123  C  CD2 B LEU A 1 16  ? -6.326  -6.155  -0.677  0.40 11.18 ? 28  LEU A CD2 1 
ATOM   124  N  N   A GLU A 1 17  ? -12.215 -9.528  0.409   0.60 8.33  ? 29  GLU A N   1 
ATOM   125  N  N   B GLU A 1 17  ? -10.742 -8.905  0.900   0.40 17.54 ? 29  GLU A N   1 
ATOM   126  C  CA  A GLU A 1 17  ? -13.283 -9.919  1.331   0.60 7.98  ? 29  GLU A CA  1 
ATOM   127  C  CA  B GLU A 1 17  ? -11.788 -9.278  1.893   0.40 18.51 ? 29  GLU A CA  1 
ATOM   128  C  C   A GLU A 1 17  ? -12.926 -11.061 2.250   0.60 6.66  ? 29  GLU A C   1 
ATOM   129  C  C   B GLU A 1 17  ? -11.846 -10.753 2.433   0.40 19.81 ? 29  GLU A C   1 
ATOM   130  O  O   A GLU A 1 17  ? -13.579 -11.330 3.257   0.60 8.48  ? 29  GLU A O   1 
ATOM   131  O  O   B GLU A 1 17  ? -12.419 -10.968 3.508   0.40 20.99 ? 29  GLU A O   1 
ATOM   132  C  CB  A GLU A 1 17  ? -14.566 -10.347 0.572   0.60 8.50  ? 29  GLU A CB  1 
ATOM   133  C  CB  B GLU A 1 17  ? -13.157 -8.928  1.330   0.40 17.53 ? 29  GLU A CB  1 
ATOM   134  C  CG  A GLU A 1 17  ? -14.494 -11.581 -0.300  0.60 9.41  ? 29  GLU A CG  1 
ATOM   135  C  CG  B GLU A 1 17  ? -14.136 -8.161  2.257   0.40 16.60 ? 29  GLU A CG  1 
ATOM   136  C  CD  A GLU A 1 17  ? -13.760 -11.390 -1.637  0.60 8.40  ? 29  GLU A CD  1 
ATOM   137  C  CD  B GLU A 1 17  ? -13.821 -8.268  3.733   0.40 15.60 ? 29  GLU A CD  1 
ATOM   138  O  OE1 A GLU A 1 17  ? -13.192 -10.237 -1.969  0.60 9.95  ? 29  GLU A OE1 1 
ATOM   139  O  OE1 B GLU A 1 17  ? -14.620 -8.988  4.487   0.40 6.52  ? 29  GLU A OE1 1 
ATOM   140  O  OE2 A GLU A 1 17  ? -13.769 -12.493 -2.291  0.60 11.41 ? 29  GLU A OE2 1 
ATOM   141  O  OE2 B GLU A 1 17  ? -12.778 -7.601  4.091   0.40 13.85 ? 29  GLU A OE2 1 
ATOM   142  N  N   A ARG A 1 18  ? -11.879 -11.811 1.875   0.50 6.99  ? 30  ARG A N   1 
ATOM   143  N  N   B ARG A 1 18  ? -11.344 -11.772 1.711   0.50 20.71 ? 30  ARG A N   1 
ATOM   144  C  CA  A ARG A 1 18  ? -11.357 -12.867 2.726   0.50 7.90  ? 30  ARG A CA  1 
ATOM   145  C  CA  B ARG A 1 18  ? -11.155 -13.060 2.353   0.50 21.50 ? 30  ARG A CA  1 
ATOM   146  C  C   A ARG A 1 18  ? -10.519 -12.401 3.907   0.50 8.77  ? 30  ARG A C   1 
ATOM   147  C  C   B ARG A 1 18  ? -10.306 -12.586 3.487   0.50 21.24 ? 30  ARG A C   1 
ATOM   148  O  O   A ARG A 1 18  ? -10.286 -13.218 4.816   0.50 8.94  ? 30  ARG A O   1 
ATOM   149  O  O   B ARG A 1 18  ? -9.893  -13.348 4.373   0.50 21.72 ? 30  ARG A O   1 
ATOM   150  C  CB  A ARG A 1 18  ? -10.477 -13.842 1.908   0.50 8.38  ? 30  ARG A CB  1 
ATOM   151  C  CB  B ARG A 1 18  ? -10.345 -14.015 1.487   0.50 21.57 ? 30  ARG A CB  1 
ATOM   152  C  CG  A ARG A 1 18  ? -11.150 -14.483 0.748   0.50 8.54  ? 30  ARG A CG  1 
ATOM   153  C  CG  B ARG A 1 18  ? -11.005 -14.431 0.217   0.50 23.60 ? 30  ARG A CG  1 
ATOM   154  C  CD  A ARG A 1 18  ? -10.158 -15.349 -0.063  0.50 12.16 ? 30  ARG A CD  1 
ATOM   155  C  CD  B ARG A 1 18  ? -10.052 -15.306 -0.586  0.50 25.78 ? 30  ARG A CD  1 
ATOM   156  N  NE  A ARG A 1 18  ? -10.773 -15.974 -1.233  0.50 15.25 ? 30  ARG A NE  1 
ATOM   157  N  NE  B ARG A 1 18  ? -10.614 -15.720 -1.870  0.50 28.21 ? 30  ARG A NE  1 
ATOM   158  C  CZ  A ARG A 1 18  ? -10.119 -16.740 -2.103  0.50 18.62 ? 30  ARG A CZ  1 
ATOM   159  C  CZ  B ARG A 1 18  ? -9.885  -16.107 -2.913  0.50 29.98 ? 30  ARG A CZ  1 
ATOM   160  N  NH1 A ARG A 1 18  ? -8.824  -16.984 -1.930  0.50 20.17 ? 30  ARG A NH1 1 
ATOM   161  N  NH1 B ARG A 1 18  ? -8.559  -16.120 -2.828  0.50 31.00 ? 30  ARG A NH1 1 
ATOM   162  N  NH2 A ARG A 1 18  ? -10.761 -17.265 -3.141  0.50 18.67 ? 30  ARG A NH2 1 
ATOM   163  N  NH2 B ARG A 1 18  ? -10.478 -16.464 -4.040  0.50 30.84 ? 30  ARG A NH2 1 
ATOM   164  N  N   A SER A 1 19  ? -10.050 -11.155 3.889   0.50 9.21  ? 31  SER A N   1 
ATOM   165  N  N   B SER A 1 19  ? -10.075 -11.281 3.426   0.50 20.81 ? 31  SER A N   1 
ATOM   166  C  CA  A SER A 1 19  ? -9.102  -10.645 4.858   0.50 11.11 ? 31  SER A CA  1 
ATOM   167  C  CA  B SER A 1 19  ? -8.970  -10.682 4.065   0.50 20.35 ? 31  SER A CA  1 
ATOM   168  C  C   A SER A 1 19  ? -9.658  -9.412  5.527   0.50 11.18 ? 31  SER A C   1 
ATOM   169  C  C   B SER A 1 19  ? -9.482  -9.830  5.201   0.50 19.06 ? 31  SER A C   1 
ATOM   170  O  O   A SER A 1 19  ? -9.069  -8.328  5.434   0.50 10.72 ? 31  SER A O   1 
ATOM   171  O  O   B SER A 1 19  ? -9.935  -8.692  5.037   0.50 19.02 ? 31  SER A O   1 
ATOM   172  C  CB  A SER A 1 19  ? -7.794  -10.302 4.125   0.50 11.10 ? 31  SER A CB  1 
ATOM   173  C  CB  B SER A 1 19  ? -8.118  -9.961  3.021   0.50 19.89 ? 31  SER A CB  1 
ATOM   174  O  OG  A SER A 1 19  ? -7.327  -11.453 3.457   0.50 14.73 ? 31  SER A OG  1 
ATOM   175  O  OG  B SER A 1 19  ? -8.069  -10.790 1.852   0.50 21.49 ? 31  SER A OG  1 
ATOM   176  N  N   A PRO A 1 20  ? -10.770 -9.560  6.254   0.50 11.64 ? 32  PRO A N   1 
ATOM   177  N  N   B PRO A 1 20  ? -9.503  -10.457 6.364   0.50 18.08 ? 32  PRO A N   1 
ATOM   178  C  CA  A PRO A 1 20  ? -11.243 -8.426  7.025   0.50 12.07 ? 32  PRO A CA  1 
ATOM   179  C  CA  B PRO A 1 20  ? -9.627  -9.842  7.644   0.50 17.96 ? 32  PRO A CA  1 
ATOM   180  C  C   A PRO A 1 20  ? -10.226 -8.019  8.088   0.50 12.03 ? 32  PRO A C   1 
ATOM   181  C  C   B PRO A 1 20  ? -8.590  -8.737  7.718   0.50 17.09 ? 32  PRO A C   1 
ATOM   182  O  O   A PRO A 1 20  ? -9.403  -8.819  8.515   0.50 12.25 ? 32  PRO A O   1 
ATOM   183  O  O   B PRO A 1 20  ? -7.554  -8.812  7.056   0.50 18.52 ? 32  PRO A O   1 
ATOM   184  C  CB  A PRO A 1 20  ? -12.533 -8.931  7.659   0.50 12.73 ? 32  PRO A CB  1 
ATOM   185  C  CB  B PRO A 1 20  ? -9.263  -10.997 8.599   0.50 17.40 ? 32  PRO A CB  1 
ATOM   186  C  CG  A PRO A 1 20  ? -12.432 -10.427 7.622   0.50 12.55 ? 32  PRO A CG  1 
ATOM   187  C  CG  B PRO A 1 20  ? -9.695  -12.175 7.904   0.50 18.94 ? 32  PRO A CG  1 
ATOM   188  C  CD  A PRO A 1 20  ? -11.606 -10.758 6.426   0.50 11.73 ? 32  PRO A CD  1 
ATOM   189  C  CD  B PRO A 1 20  ? -9.386  -11.923 6.471   0.50 18.51 ? 32  PRO A CD  1 
ATOM   190  N  N   A GLY A 1 21  ? -10.257 -6.756  8.462   0.50 12.10 ? 33  GLY A N   1 
ATOM   191  N  N   B GLY A 1 21  ? -8.839  -7.703  8.499   0.50 16.38 ? 33  GLY A N   1 
ATOM   192  C  CA  A GLY A 1 21  ? -9.275  -6.260  9.407   0.50 11.39 ? 33  GLY A CA  1 
ATOM   193  C  CA  B GLY A 1 21  ? -7.761  -6.788  8.805   0.50 16.12 ? 33  GLY A CA  1 
ATOM   194  C  C   A GLY A 1 21  ? -9.037  -4.816  9.141   0.50 11.03 ? 33  GLY A C   1 
ATOM   195  C  C   B GLY A 1 21  ? -8.100  -5.324  8.678   0.50 15.48 ? 33  GLY A C   1 
ATOM   196  O  O   A GLY A 1 21  ? -9.751  -4.184  8.385   0.50 11.64 ? 33  GLY A O   1 
ATOM   197  O  O   B GLY A 1 21  ? -8.865  -4.899  7.800   0.50 16.36 ? 33  GLY A O   1 
ATOM   198  N  N   A GLN A 1 22  ? -7.967  -4.289  9.692   0.50 9.50  ? 34  GLN A N   1 
ATOM   199  N  N   B GLN A 1 22  ? -7.509  -4.545  9.564   0.50 13.82 ? 34  GLN A N   1 
ATOM   200  C  CA  A GLN A 1 22  ? -7.719  -2.884  9.556   0.50 9.39  ? 34  GLN A CA  1 
ATOM   201  C  CA  B GLN A 1 22  ? -7.581  -3.108  9.492   0.50 13.18 ? 34  GLN A CA  1 
ATOM   202  C  C   A GLN A 1 22  ? -6.870  -2.531  8.346   0.50 9.34  ? 34  GLN A C   1 
ATOM   203  C  C   B GLN A 1 22  ? -6.881  -2.617  8.241   0.50 13.00 ? 34  GLN A C   1 
ATOM   204  O  O   A GLN A 1 22  ? -6.787  -1.361  7.943   0.50 7.69  ? 34  GLN A O   1 
ATOM   205  O  O   B GLN A 1 22  ? -7.326  -1.635  7.624   0.50 13.04 ? 34  GLN A O   1 
ATOM   206  C  CB  A GLN A 1 22  ? -7.057  -2.369  10.829  0.50 9.74  ? 34  GLN A CB  1 
ATOM   207  C  CB  B GLN A 1 22  ? -6.935  -2.514  10.750  0.50 13.64 ? 34  GLN A CB  1 
ATOM   208  C  CG  A GLN A 1 22  ? -8.018  -2.214  12.007  0.50 9.86  ? 34  GLN A CG  1 
ATOM   209  C  CG  B GLN A 1 22  ? -7.733  -2.853  12.004  0.50 13.75 ? 34  GLN A CG  1 
ATOM   210  C  CD  A GLN A 1 22  ? -8.647  -3.488  12.518  0.50 11.35 ? 34  GLN A CD  1 
ATOM   211  C  CD  B GLN A 1 22  ? -9.188  -2.492  11.816  0.50 16.53 ? 34  GLN A CD  1 
ATOM   212  O  OE1 A GLN A 1 22  ? -9.861  -3.519  12.736  0.50 19.53 ? 34  GLN A OE1 1 
ATOM   213  O  OE1 B GLN A 1 22  ? -10.088 -3.336  11.953  0.50 20.99 ? 34  GLN A OE1 1 
ATOM   214  N  NE2 A GLN A 1 22  ? -7.860  -4.513  12.749  0.50 7.19  ? 34  GLN A NE2 1 
ATOM   215  N  NE2 B GLN A 1 22  ? -9.433  -1.245  11.458  0.50 17.31 ? 34  GLN A NE2 1 
ATOM   216  N  N   A GLU A 1 23  ? -6.244  -3.527  7.730   0.50 8.58  ? 35  GLU A N   1 
ATOM   217  N  N   B GLU A 1 23  ? -5.786  -3.307  7.889   0.50 11.26 ? 35  GLU A N   1 
ATOM   218  C  CA  A GLU A 1 23  ? -5.402  -3.252  6.596   0.50 9.41  ? 35  GLU A CA  1 
ATOM   219  C  CA  B GLU A 1 23  ? -5.064  -3.148  6.652   0.50 11.11 ? 35  GLU A CA  1 
ATOM   220  C  C   A GLU A 1 23  ? -4.989  -4.530  5.918   0.50 9.78  ? 35  GLU A C   1 
ATOM   221  C  C   B GLU A 1 23  ? -5.001  -4.519  5.946   0.50 10.95 ? 35  GLU A C   1 
ATOM   222  O  O   A GLU A 1 23  ? -4.505  -5.457  6.580   0.50 8.14  ? 35  GLU A O   1 
ATOM   223  O  O   B GLU A 1 23  ? -5.192  -5.607  6.559   0.50 9.41  ? 35  GLU A O   1 
ATOM   224  C  CB  A GLU A 1 23  ? -4.144  -2.523  7.033   0.50 10.90 ? 35  GLU A CB  1 
ATOM   225  C  CB  B GLU A 1 23  ? -3.636  -2.643  6.903   0.50 12.41 ? 35  GLU A CB  1 
ATOM   226  C  CG  A GLU A 1 23  ? -3.087  -2.365  5.956   0.50 13.34 ? 35  GLU A CG  1 
ATOM   227  C  CG  B GLU A 1 23  ? -3.528  -1.287  7.607   0.50 13.80 ? 35  GLU A CG  1 
ATOM   228  C  CD  A GLU A 1 23  ? -1.869  -1.578  6.377   0.50 18.47 ? 35  GLU A CD  1 
ATOM   229  C  CD  B GLU A 1 23  ? -3.592  -1.368  9.124   0.50 16.54 ? 35  GLU A CD  1 
ATOM   230  O  OE1 A GLU A 1 23  ? -1.881  -0.957  7.470   0.50 19.17 ? 35  GLU A OE1 1 
ATOM   231  O  OE1 B GLU A 1 23  ? -3.238  -2.431  9.683   0.50 14.79 ? 35  GLU A OE1 1 
ATOM   232  O  OE2 A GLU A 1 23  ? -0.885  -1.566  5.593   0.50 19.09 ? 35  GLU A OE2 1 
ATOM   233  O  OE2 B GLU A 1 23  ? -3.987  -0.361  9.776   0.50 18.08 ? 35  GLU A OE2 1 
ATOM   234  N  N   A ALA A 1 24  ? -5.129  -4.531  4.586   0.50 8.58  ? 36  ALA A N   1 
ATOM   235  N  N   B ALA A 1 24  ? -4.697  -4.459  4.648   0.50 9.17  ? 36  ALA A N   1 
ATOM   236  C  CA  A ALA A 1 24  ? -4.614  -5.612  3.727   0.50 8.75  ? 36  ALA A CA  1 
ATOM   237  C  CA  B ALA A 1 24  ? -4.463  -5.681  3.864   0.50 9.01  ? 36  ALA A CA  1 
ATOM   238  C  C   A ALA A 1 24  ? -3.618  -5.058  2.672   0.50 9.18  ? 36  ALA A C   1 
ATOM   239  C  C   B ALA A 1 24  ? -3.782  -5.275  2.585   0.50 8.89  ? 36  ALA A C   1 
ATOM   240  O  O   A ALA A 1 24  ? -3.765  -3.948  2.142   0.50 9.45  ? 36  ALA A O   1 
ATOM   241  O  O   B ALA A 1 24  ? -4.373  -4.514  1.791   0.50 7.75  ? 36  ALA A O   1 
ATOM   242  C  CB  A ALA A 1 24  ? -5.757  -6.315  3.073   0.50 9.16  ? 36  ALA A CB  1 
ATOM   243  C  CB  B ALA A 1 24  ? -5.747  -6.413  3.569   0.50 9.19  ? 36  ALA A CB  1 
ATOM   244  N  N   . ASP A 1 25  ? -2.556  -5.797  2.395   1.00 9.56  ? 37  ASP A N   1 
ATOM   245  C  CA  . ASP A 1 25  ? -1.702  -5.516  1.228   1.00 10.69 ? 37  ASP A CA  1 
ATOM   246  C  C   . ASP A 1 25  ? -1.393  -6.850  0.624   1.00 10.20 ? 37  ASP A C   1 
ATOM   247  O  O   . ASP A 1 25  ? -0.623  -7.634  1.195   1.00 10.84 ? 37  ASP A O   1 
ATOM   248  C  CB  . ASP A 1 25  ? -0.429  -4.800  1.641   1.00 13.03 ? 37  ASP A CB  1 
ATOM   249  C  CG  . ASP A 1 25  ? -0.713  -3.447  2.198   1.00 20.72 ? 37  ASP A CG  1 
ATOM   250  O  OD1 . ASP A 1 25  ? -0.986  -2.550  1.354   1.00 27.01 ? 37  ASP A OD1 1 
ATOM   251  O  OD2 . ASP A 1 25  ? -0.748  -3.296  3.469   1.00 26.85 ? 37  ASP A OD2 1 
ATOM   252  N  N   . ILE A 1 26  ? -2.007  -7.156  -0.499  1.00 9.40  ? 38  ILE A N   1 
ATOM   253  C  CA  . ILE A 1 26  ? -1.987  -8.483  -1.075  1.00 8.85  ? 38  ILE A CA  1 
ATOM   254  C  C   . ILE A 1 26  ? -1.433  -8.478  -2.492  1.00 8.53  ? 38  ILE A C   1 
ATOM   255  O  O   . ILE A 1 26  ? -1.898  -7.686  -3.332  1.00 8.02  ? 38  ILE A O   1 
ATOM   256  C  CB  . ILE A 1 26  ? -3.388  -9.088  -1.026  1.00 10.55 ? 38  ILE A CB  1 
ATOM   257  C  CG1 . ILE A 1 26  ? -3.817  -9.224  0.467   1.00 13.25 ? 38  ILE A CG1 1 
ATOM   258  C  CG2 . ILE A 1 26  ? -3.398  -10.450 -1.712  1.00 9.95  ? 38  ILE A CG2 1 
ATOM   259  C  CD1 . ILE A 1 26  ? -5.182  -9.876  0.650   1.00 18.27 ? 38  ILE A CD1 1 
ATOM   260  N  N   . SER A 1 27  ? -0.443  -9.337  -2.743  1.00 8.57  ? 39  SER A N   1 
ATOM   261  C  CA  . SER A 1 27  ? 0.146   -9.438  -4.096  1.00 8.72  ? 39  SER A CA  1 
ATOM   262  C  C   . SER A 1 27  ? -0.820  -10.104 -5.029  1.00 10.24 ? 39  SER A C   1 
ATOM   263  O  O   . SER A 1 27  ? -1.526  -11.053 -4.662  1.00 12.38 ? 39  SER A O   1 
ATOM   264  C  CB  . SER A 1 27  ? 1.356   -10.384 -4.047  1.00 11.69 ? 39  SER A CB  1 
ATOM   265  O  OG  . SER A 1 27  ? 2.366   -9.852  -3.239  1.00 18.65 ? 39  SER A OG  1 
ATOM   266  N  N   . VAL A 1 28  ? -0.850  -9.623  -6.265  1.00 8.76  ? 40  VAL A N   1 
ATOM   267  C  CA  . VAL A 1 28  ? -1.650  -10.215 -7.337  1.00 9.55  ? 40  VAL A CA  1 
ATOM   268  C  C   . VAL A 1 28  ? -0.806  -10.758 -8.482  1.00 9.54  ? 40  VAL A C   1 
ATOM   269  O  O   . VAL A 1 28  ? -1.310  -11.495 -9.320  1.00 10.86 ? 40  VAL A O   1 
ATOM   270  C  CB  . VAL A 1 28  ? -2.719  -9.246  -7.854  1.00 9.55  ? 40  VAL A CB  1 
ATOM   271  C  CG1 . VAL A 1 28  ? -3.683  -8.907  -6.716  1.00 11.33 ? 40  VAL A CG1 1 
ATOM   272  C  CG2 . VAL A 1 28  ? -2.174  -8.007  -8.518  1.00 10.54 ? 40  VAL A CG2 1 
ATOM   273  N  N   . GLY A 1 29  ? 0.477   -10.417 -8.547  1.00 10.07 ? 41  GLY A N   1 
ATOM   274  C  CA  . GLY A 1 29  ? 1.315   -10.942 -9.635  1.00 10.63 ? 41  GLY A CA  1 
ATOM   275  C  C   . GLY A 1 29  ? 2.775   -10.769 -9.330  1.00 11.10 ? 41  GLY A C   1 
ATOM   276  O  O   . GLY A 1 29  ? 3.154   -9.825  -8.656  1.00 9.85  ? 41  GLY A O   1 
ATOM   277  N  N   . ASN A 1 30  ? 3.583   -11.691 -9.834  1.00 10.62 ? 42  ASN A N   1 
ATOM   278  C  CA  . ASN A 1 30  ? 5.025   -11.517 -9.804  1.00 12.96 ? 42  ASN A CA  1 
ATOM   279  C  C   . ASN A 1 30  ? 5.518   -11.514 -11.238 1.00 14.37 ? 42  ASN A C   1 
ATOM   280  O  O   . ASN A 1 30  ? 5.213   -12.442 -12.010 1.00 14.17 ? 42  ASN A O   1 
ATOM   281  C  CB  . ASN A 1 30  ? 5.673   -12.649 -9.003  1.00 15.24 ? 42  ASN A CB  1 
ATOM   282  C  CG  . ASN A 1 30  ? 5.262   -12.597 -7.563  1.00 21.30 ? 42  ASN A CG  1 
ATOM   283  O  OD1 . ASN A 1 30  ? 5.699   -11.718 -6.824  1.00 27.83 ? 42  ASN A OD1 1 
ATOM   284  N  ND2 . ASN A 1 30  ? 4.343   -13.477 -7.173  1.00 28.94 ? 42  ASN A ND2 1 
ATOM   285  N  N   . LEU A 1 31  ? 6.191   -10.446 -11.602 1.00 16.96 ? 43  LEU A N   1 
ATOM   286  C  CA  . LEU A 1 31  ? 6.562   -10.197 -13.010 1.00 19.58 ? 43  LEU A CA  1 
ATOM   287  C  C   . LEU A 1 31  ? 8.031   -10.515 -13.177 1.00 20.79 ? 43  LEU A C   1 
ATOM   288  O  O   . LEU A 1 31  ? 8.823   -10.357 -12.240 1.00 22.78 ? 43  LEU A O   1 
ATOM   289  C  CB  . LEU A 1 31  ? 6.283   -8.732  -13.380 1.00 20.45 ? 43  LEU A CB  1 
ATOM   290  C  CG  . LEU A 1 31  ? 5.000   -8.024  -12.936 1.00 24.68 ? 43  LEU A CG  1 
ATOM   291  C  CD1 . LEU A 1 31  ? 5.056   -6.496  -13.183 1.00 27.68 ? 43  LEU A CD1 1 
ATOM   292  C  CD2 . LEU A 1 31  ? 3.753   -8.624  -13.600 1.00 26.17 ? 43  LEU A CD2 1 
ATOM   293  N  N   . GLY A 1 38  ? 14.257  -10.270 -10.563 1.00 31.92 ? 50  GLY A N   1 
ATOM   294  C  CA  . GLY A 1 38  ? 12.964  -10.123 -9.876  1.00 31.16 ? 50  GLY A CA  1 
ATOM   295  C  C   . GLY A 1 38  ? 13.077  -10.578 -8.428  1.00 31.08 ? 50  GLY A C   1 
ATOM   296  O  O   . GLY A 1 38  ? 14.190  -10.690 -7.906  1.00 32.62 ? 50  GLY A O   1 
ATOM   297  N  N   . PRO A 1 39  ? 11.940  -10.832 -7.752  1.00 29.67 ? 51  PRO A N   1 
ATOM   298  C  CA  . PRO A 1 39  ? 10.593  -10.627 -8.273  1.00 28.30 ? 51  PRO A CA  1 
ATOM   299  C  C   . PRO A 1 39  ? 10.237  -9.136  -8.290  1.00 25.03 ? 51  PRO A C   1 
ATOM   300  O  O   . PRO A 1 39  ? 10.605  -8.413  -7.377  1.00 26.87 ? 51  PRO A O   1 
ATOM   301  C  CB  . PRO A 1 39  ? 9.718   -11.364 -7.258  1.00 28.73 ? 51  PRO A CB  1 
ATOM   302  C  CG  . PRO A 1 39  ? 10.461  -11.218 -5.955  1.00 29.84 ? 51  PRO A CG  1 
ATOM   303  C  CD  . PRO A 1 39  ? 11.931  -11.180 -6.316  1.00 30.26 ? 51  PRO A CD  1 
ATOM   304  N  N   . ILE A 1 40  ? 9.578   -8.696  -9.349  1.00 21.36 ? 52  ILE A N   1 
ATOM   305  C  CA  . ILE A 1 40  ? 8.867   -7.424  -9.338  1.00 18.92 ? 52  ILE A CA  1 
ATOM   306  C  C   . ILE A 1 40  ? 7.415   -7.806  -9.072  1.00 15.75 ? 52  ILE A C   1 
ATOM   307  O  O   . ILE A 1 40  ? 6.827   -8.606  -9.800  1.00 15.59 ? 52  ILE A O   1 
ATOM   308  C  CB  . ILE A 1 40  ? 9.050   -6.699  -10.666 1.00 20.86 ? 52  ILE A CB  1 
ATOM   309  C  CG1 . ILE A 1 40  ? 10.516  -6.217  -10.749 1.00 22.72 ? 52  ILE A CG1 1 
ATOM   310  C  CG2 . ILE A 1 40  ? 8.084   -5.559  -10.801 1.00 19.73 ? 52  ILE A CG2 1 
ATOM   311  C  CD1 . ILE A 1 40  ? 10.995  -5.811  -12.128 1.00 26.14 ? 52  ILE A CD1 1 
ATOM   312  N  N   . THR A 1 41  ? 6.859   -7.288  -7.992  1.00 10.79 ? 53  THR A N   1 
ATOM   313  C  CA  . THR A 1 41  ? 5.557   -7.741  -7.518  1.00 10.44 ? 53  THR A CA  1 
ATOM   314  C  C   . THR A 1 41  ? 4.563   -6.609  -7.629  1.00 9.23  ? 53  THR A C   1 
ATOM   315  O  O   . THR A 1 41  ? 4.867   -5.450  -7.313  1.00 11.14 ? 53  THR A O   1 
ATOM   316  C  CB  . THR A 1 41  ? 5.679   -8.194  -6.068  1.00 11.05 ? 53  THR A CB  1 
ATOM   317  O  OG1 . THR A 1 41  ? 6.681   -9.238  -5.954  1.00 14.35 ? 53  THR A OG1 1 
ATOM   318  C  CG2 . THR A 1 41  ? 4.361   -8.712  -5.525  1.00 15.77 ? 53  THR A CG2 1 
ATOM   319  N  N   A ILE A 1 42  ? 3.361   -6.958  -8.065  0.50 6.98  ? 54  ILE A N   1 
ATOM   320  N  N   B ILE A 1 42  ? 3.365   -6.925  -8.080  0.50 8.36  ? 54  ILE A N   1 
ATOM   321  C  CA  A ILE A 1 42  ? 2.222   -6.051  -8.157  0.50 6.47  ? 54  ILE A CA  1 
ATOM   322  C  CA  B ILE A 1 42  ? 2.292   -5.953  -8.116  0.50 8.74  ? 54  ILE A CA  1 
ATOM   323  C  C   A ILE A 1 42  ? 1.230   -6.444  -7.064  0.50 6.66  ? 54  ILE A C   1 
ATOM   324  C  C   B ILE A 1 42  ? 1.192   -6.412  -7.139  0.50 8.09  ? 54  ILE A C   1 
ATOM   325  O  O   A ILE A 1 42  ? 1.016   -7.636  -6.825  0.50 6.78  ? 54  ILE A O   1 
ATOM   326  O  O   B ILE A 1 42  ? 0.854   -7.603  -7.068  0.50 8.04  ? 54  ILE A O   1 
ATOM   327  C  CB  A ILE A 1 42  ? 1.528   -6.173  -9.552  0.50 6.64  ? 54  ILE A CB  1 
ATOM   328  C  CB  B ILE A 1 42  ? 1.718   -5.772  -9.549  0.50 9.82  ? 54  ILE A CB  1 
ATOM   329  C  CG1 A ILE A 1 42  ? 2.555   -5.908  -10.651 0.50 8.22  ? 54  ILE A CG1 1 
ATOM   330  C  CG1 B ILE A 1 42  ? 1.320   -7.108  -10.121 0.50 12.99 ? 54  ILE A CG1 1 
ATOM   331  C  CG2 A ILE A 1 42  ? 0.304   -5.223  -9.643  0.50 5.63  ? 54  ILE A CG2 1 
ATOM   332  C  CG2 B ILE A 1 42  ? 2.724   -5.072  -10.510 0.50 11.96 ? 54  ILE A CG2 1 
ATOM   333  C  CD1 A ILE A 1 42  ? 2.011   -5.953  -12.043 0.50 12.92 ? 54  ILE A CD1 1 
ATOM   334  C  CD1 B ILE A 1 42  ? 0.254   -6.945  -11.147 0.50 17.71 ? 54  ILE A CD1 1 
ATOM   335  N  N   . GLY A 1 43  ? 0.632   -5.461  -6.409  1.00 7.01  ? 55  GLY A N   1 
ATOM   336  C  CA  . GLY A 1 43  ? -0.380  -5.741  -5.418  1.00 7.66  ? 55  GLY A CA  1 
ATOM   337  C  C   . GLY A 1 43  ? -1.398  -4.648  -5.264  1.00 6.17  ? 55  GLY A C   1 
ATOM   338  O  O   . GLY A 1 43  ? -1.269  -3.587  -5.860  1.00 7.29  ? 55  GLY A O   1 
ATOM   339  N  N   . TYR A 1 44  ? -2.389  -4.910  -4.434  1.00 6.78  ? 56  TYR A N   1 
ATOM   340  C  CA  . TYR A 1 44  ? -3.368  -3.914  -4.028  1.00 7.31  ? 56  TYR A CA  1 
ATOM   341  C  C   . TYR A 1 44  ? -3.488  -3.872  -2.523  1.00 8.27  ? 56  TYR A C   1 
ATOM   342  O  O   . TYR A 1 44  ? -3.312  -4.901  -1.852  1.00 8.80  ? 56  TYR A O   1 
ATOM   343  C  CB  . TYR A 1 44  ? -4.751  -4.208  -4.631  1.00 7.57  ? 56  TYR A CB  1 
ATOM   344  C  CG  . TYR A 1 44  ? -4.870  -3.970  -6.140  1.00 6.88  ? 56  TYR A CG  1 
ATOM   345  C  CD1 . TYR A 1 44  ? -4.555  -4.983  -7.054  1.00 7.65  ? 56  TYR A CD1 1 
ATOM   346  C  CD2 . TYR A 1 44  ? -5.321  -2.759  -6.646  1.00 8.09  ? 56  TYR A CD2 1 
ATOM   347  C  CE1 . TYR A 1 44  ? -4.664  -4.778  -8.408  1.00 8.29  ? 56  TYR A CE1 1 
ATOM   348  C  CE2 . TYR A 1 44  ? -5.445  -2.551  -8.003  1.00 7.87  ? 56  TYR A CE2 1 
ATOM   349  C  CZ  . TYR A 1 44  ? -5.116  -3.557  -8.870  1.00 8.73  ? 56  TYR A CZ  1 
ATOM   350  O  OH  . TYR A 1 44  ? -5.258  -3.369  -10.245 1.00 10.61 ? 56  TYR A OH  1 
ATOM   351  N  N   . GLY A 1 45  ? -3.780  -2.689  -1.997  1.00 7.95  ? 57  GLY A N   1 
ATOM   352  C  CA  . GLY A 1 45  ? -3.964  -2.501  -0.568  1.00 9.07  ? 57  GLY A CA  1 
ATOM   353  C  C   . GLY A 1 45  ? -5.294  -1.881  -0.201  1.00 8.86  ? 57  GLY A C   1 
ATOM   354  O  O   . GLY A 1 45  ? -5.909  -1.132  -0.990  1.00 8.34  ? 57  GLY A O   1 
ATOM   355  N  N   A ARG A 1 46  ? -5.706  -2.100  1.039   0.50 8.42  ? 58  ARG A N   1 
ATOM   356  N  N   B ARG A 1 46  ? -5.811  -2.255  0.975   0.50 8.03  ? 58  ARG A N   1 
ATOM   357  C  CA  A ARG A 1 46  ? -6.941  -1.551  1.572   0.50 8.76  ? 58  ARG A CA  1 
ATOM   358  C  CA  B ARG A 1 46  ? -6.969  -1.615  1.610   0.50 8.16  ? 58  ARG A CA  1 
ATOM   359  C  C   A ARG A 1 46  ? -6.696  -1.205  3.021   0.50 8.70  ? 58  ARG A C   1 
ATOM   360  C  C   B ARG A 1 46  ? -6.549  -1.139  2.996   0.50 8.08  ? 58  ARG A C   1 
ATOM   361  O  O   A ARG A 1 46  ? -6.252  -2.063  3.794   0.50 8.20  ? 58  ARG A O   1 
ATOM   362  O  O   B ARG A 1 46  ? -5.795  -1.812  3.699   0.50 8.09  ? 58  ARG A O   1 
ATOM   363  C  CB  A ARG A 1 46  ? -8.056  -2.576  1.475   0.50 10.56 ? 58  ARG A CB  1 
ATOM   364  C  CB  B ARG A 1 46  ? -8.162  -2.576  1.726   0.50 9.45  ? 58  ARG A CB  1 
ATOM   365  C  CG  A ARG A 1 46  ? -9.387  -2.137  1.990   0.50 11.54 ? 58  ARG A CG  1 
ATOM   366  C  CG  B ARG A 1 46  ? -9.270  -2.085  2.623   0.50 11.31 ? 58  ARG A CG  1 
ATOM   367  C  CD  A ARG A 1 46  ? -10.191 -3.392  2.403   0.50 17.81 ? 58  ARG A CD  1 
ATOM   368  C  CD  B ARG A 1 46  ? -10.365 -3.087  2.759   0.50 14.04 ? 58  ARG A CD  1 
ATOM   369  N  NE  A ARG A 1 46  ? -9.793  -3.913  3.716   0.50 19.60 ? 58  ARG A NE  1 
ATOM   370  N  NE  B ARG A 1 46  ? -9.896  -4.348  3.309   0.50 9.80  ? 58  ARG A NE  1 
ATOM   371  C  CZ  A ARG A 1 46  ? -9.854  -5.195  4.062   0.50 23.36 ? 58  ARG A CZ  1 
ATOM   372  C  CZ  B ARG A 1 46  ? -9.615  -4.516  4.590   0.50 10.16 ? 58  ARG A CZ  1 
ATOM   373  N  NH1 A ARG A 1 46  ? -10.293 -6.095  3.193   0.50 26.65 ? 58  ARG A NH1 1 
ATOM   374  N  NH1 B ARG A 1 46  ? -9.771  -3.493  5.419   0.50 11.81 ? 58  ARG A NH1 1 
ATOM   375  N  NH2 A ARG A 1 46  ? -9.470  -5.589  5.264   0.50 25.31 ? 58  ARG A NH2 1 
ATOM   376  N  NH2 B ARG A 1 46  ? -9.236  -5.714  5.037   0.50 13.35 ? 58  ARG A NH2 1 
ATOM   377  N  N   . TYR A 1 47  ? -7.055  0.036   3.386   1.00 8.99  ? 59  TYR A N   1 
ATOM   378  C  CA  . TYR A 1 47  ? -6.894  0.554   4.722   1.00 8.41  ? 59  TYR A CA  1 
ATOM   379  C  C   . TYR A 1 47  ? -8.246  0.972   5.235   1.00 8.57  ? 59  TYR A C   1 
ATOM   380  O  O   . TYR A 1 47  ? -8.959  1.744   4.586   1.00 9.13  ? 59  TYR A O   1 
ATOM   381  C  CB  . TYR A 1 47  ? -5.954  1.753   4.724   1.00 9.27  ? 59  TYR A CB  1 
ATOM   382  C  CG  . TYR A 1 47  ? -4.566  1.489   4.200   1.00 11.03 ? 59  TYR A CG  1 
ATOM   383  C  CD1 . TYR A 1 47  ? -4.333  1.327   2.835   1.00 12.02 ? 59  TYR A CD1 1 
ATOM   384  C  CD2 . TYR A 1 47  ? -3.509  1.424   5.043   1.00 14.02 ? 59  TYR A CD2 1 
ATOM   385  C  CE1 . TYR A 1 47  ? -3.073  1.070   2.339   1.00 14.07 ? 59  TYR A CE1 1 
ATOM   386  C  CE2 . TYR A 1 47  ? -2.220  1.164   4.580   1.00 14.65 ? 59  TYR A CE2 1 
ATOM   387  C  CZ  . TYR A 1 47  ? -2.017  0.993   3.222   1.00 15.04 ? 59  TYR A CZ  1 
ATOM   388  O  OH  . TYR A 1 47  ? -0.742  0.753   2.725   1.00 17.58 ? 59  TYR A OH  1 
ATOM   389  N  N   . ALA A 1 48  ? -8.610  0.481   6.423   1.00 8.80  ? 60  ALA A N   1 
ATOM   390  C  CA  . ALA A 1 48  ? -9.827  0.946   7.093   1.00 8.16  ? 60  ALA A CA  1 
ATOM   391  C  C   . ALA A 1 48  ? -9.653  2.408   7.487   1.00 8.82  ? 60  ALA A C   1 
ATOM   392  O  O   . ALA A 1 48  ? -8.539  2.875   7.658   1.00 9.24  ? 60  ALA A O   1 
ATOM   393  C  CB  . ALA A 1 48  ? -10.096 0.075   8.316   1.00 9.71  ? 60  ALA A CB  1 
ATOM   394  N  N   . PRO A 1 49  ? -10.759 3.123   7.714   1.00 8.57  ? 61  PRO A N   1 
ATOM   395  C  CA  . PRO A 1 49  ? -10.664 4.501   8.199   1.00 8.61  ? 61  PRO A CA  1 
ATOM   396  C  C   . PRO A 1 49  ? -9.870  4.611   9.474   1.00 9.02  ? 61  PRO A C   1 
ATOM   397  O  O   . PRO A 1 49  ? -10.039 3.819   10.402  1.00 9.73  ? 61  PRO A O   1 
ATOM   398  C  CB  . PRO A 1 49  ? -12.124 4.870   8.432   1.00 9.58  ? 61  PRO A CB  1 
ATOM   399  C  CG  . PRO A 1 49  ? -12.894 4.010   7.434   1.00 10.01 ? 61  PRO A CG  1 
ATOM   400  C  CD  . PRO A 1 49  ? -12.158 2.704   7.475   1.00 8.50  ? 61  PRO A CD  1 
ATOM   401  N  N   . GLY A 1 50  ? -9.014  5.629   9.530   1.00 9.79  ? 62  GLY A N   1 
ATOM   402  C  CA  . GLY A 1 50  ? -8.398  6.018   10.766  1.00 12.32 ? 62  GLY A CA  1 
ATOM   403  C  C   . GLY A 1 50  ? -7.336  5.123   11.317  1.00 13.98 ? 62  GLY A C   1 
ATOM   404  O  O   . GLY A 1 50  ? -7.155  5.097   12.565  1.00 19.94 ? 62  GLY A O   1 
ATOM   405  N  N   A GLN A 1 51  ? -6.701  4.322   10.441  0.50 13.60 ? 63  GLN A N   1 
ATOM   406  N  N   B GLN A 1 51  ? -6.619  4.440   10.488  0.50 12.31 ? 63  GLN A N   1 
ATOM   407  C  CA  A GLN A 1 51  ? -5.649  3.273   10.736  0.50 13.82 ? 63  GLN A CA  1 
ATOM   408  C  CA  B GLN A 1 51  ? -5.651  3.536   11.024  0.50 12.65 ? 63  GLN A CA  1 
ATOM   409  C  C   A GLN A 1 51  ? -4.252  3.892   10.554  0.50 13.05 ? 63  GLN A C   1 
ATOM   410  C  C   B GLN A 1 51  ? -4.313  4.077   10.767  0.50 12.70 ? 63  GLN A C   1 
ATOM   411  O  O   A GLN A 1 51  ? -4.023  4.461   9.472   0.50 10.60 ? 63  GLN A O   1 
ATOM   412  O  O   B GLN A 1 51  ? -4.137  5.152   10.151  0.50 11.91 ? 63  GLN A O   1 
ATOM   413  C  CB  A GLN A 1 51  ? -5.755  2.108   9.748   0.50 15.27 ? 63  GLN A CB  1 
ATOM   414  C  CB  B GLN A 1 51  ? -5.770  2.226   10.359  0.50 11.21 ? 63  GLN A CB  1 
ATOM   415  C  CG  A GLN A 1 51  ? -6.298  0.786   10.266  0.50 18.12 ? 63  GLN A CG  1 
ATOM   416  C  CG  B GLN A 1 51  ? -7.150  1.657   10.421  0.50 10.74 ? 63  GLN A CG  1 
ATOM   417  C  CD  A GLN A 1 51  ? -5.710  0.360   11.622  0.50 20.25 ? 63  GLN A CD  1 
ATOM   418  C  CD  B GLN A 1 51  ? -7.612  1.470   11.819  0.50 11.54 ? 63  GLN A CD  1 
ATOM   419  O  OE1 A GLN A 1 51  ? -4.583  -0.156  11.726  0.50 13.20 ? 63  GLN A OE1 1 
ATOM   420  O  OE1 B GLN A 1 51  ? -6.989  0.783   12.590  0.50 13.57 ? 63  GLN A OE1 1 
ATOM   421  N  NE2 A GLN A 1 51  ? -6.486  0.585   12.667  0.50 22.44 ? 63  GLN A NE2 1 
ATOM   422  N  NE2 B GLN A 1 51  ? -8.716  2.088   12.167  0.50 12.60 ? 63  GLN A NE2 1 
ATOM   423  N  N   A SER A 1 52  ? -3.359  3.851   11.592  0.50 11.47 ? 64  SER A N   1 
ATOM   424  N  N   B SER A 1 52  ? -3.337  3.304   11.216  0.50 12.15 ? 64  SER A N   1 
ATOM   425  C  CA  A SER A 1 52  ? -1.925  4.221   11.465  0.50 11.48 ? 64  SER A CA  1 
ATOM   426  C  CA  B SER A 1 52  ? -2.024  3.768   11.096  0.50 12.53 ? 64  SER A CA  1 
ATOM   427  C  C   A SER A 1 52  ? -0.947  3.050   11.741  0.50 10.96 ? 64  SER A C   1 
ATOM   428  C  C   B SER A 1 52  ? -1.068  2.727   11.509  0.50 11.82 ? 64  SER A C   1 
ATOM   429  O  O   A SER A 1 52  ? -1.097  2.395   12.780  0.50 10.56 ? 64  SER A O   1 
ATOM   430  O  O   B SER A 1 52  ? -1.322  1.821   12.313  0.50 11.23 ? 64  SER A O   1 
ATOM   431  C  CB  A SER A 1 52  ? -1.558  5.345   12.438  0.50 12.36 ? 64  SER A CB  1 
ATOM   432  C  CB  B SER A 1 52  ? -1.799  4.991   11.938  0.50 12.85 ? 64  SER A CB  1 
ATOM   433  O  OG  A SER A 1 52  ? -0.223  5.739   12.184  0.50 15.10 ? 64  SER A OG  1 
ATOM   434  O  OG  B SER A 1 52  ? -2.009  4.718   13.309  0.50 17.23 ? 64  SER A OG  1 
ATOM   435  N  N   . LEU A 1 53  ? 0.044   2.817   10.866  1.00 11.86 ? 65  LEU A N   1 
ATOM   436  C  CA  . LEU A 1 53  ? 1.083   1.887   11.150  1.00 13.92 ? 65  LEU A CA  1 
ATOM   437  C  C   . LEU A 1 53  ? 2.404   2.391   10.672  1.00 14.00 ? 65  LEU A C   1 
ATOM   438  O  O   . LEU A 1 53  ? 2.487   3.255   9.811   1.00 14.41 ? 65  LEU A O   1 
ATOM   439  C  CB  . LEU A 1 53  ? 0.800   0.576   10.556  1.00 17.72 ? 65  LEU A CB  1 
ATOM   440  C  CG  . LEU A 1 53  ? 0.847   0.422   9.091   1.00 18.62 ? 65  LEU A CG  1 
ATOM   441  C  CD1 . LEU A 1 53  ? 0.669   -1.098  8.791   1.00 28.55 ? 65  LEU A CD1 1 
ATOM   442  C  CD2 . LEU A 1 53  ? -0.145  1.303   8.382   1.00 26.46 ? 65  LEU A CD2 1 
ATOM   443  N  N   . THR A 1 54  ? 3.433   1.848   11.275  1.00 12.11 ? 66  THR A N   1 
ATOM   444  C  CA  . THR A 1 54  ? 4.785   2.291   11.035  1.00 12.39 ? 66  THR A CA  1 
ATOM   445  C  C   . THR A 1 54  ? 5.594   1.073   10.712  1.00 11.60 ? 66  THR A C   1 
ATOM   446  O  O   . THR A 1 54  ? 5.531   0.059   11.431  1.00 12.39 ? 66  THR A O   1 
ATOM   447  C  CB  . THR A 1 54  ? 5.368   3.013   12.241  1.00 12.66 ? 66  THR A CB  1 
ATOM   448  O  OG1 . THR A 1 54  ? 4.592   4.198   12.556  1.00 14.17 ? 66  THR A OG1 1 
ATOM   449  C  CG2 . THR A 1 54  ? 6.834   3.467   12.051  1.00 13.33 ? 66  THR A CG2 1 
ATOM   450  N  N   . GLU A 1 55  ? 6.373   1.132   9.649   1.00 10.72 ? 67  GLU A N   1 
ATOM   451  C  CA  . GLU A 1 55  ? 7.151   0.004   9.176   1.00 10.88 ? 67  GLU A CA  1 
ATOM   452  C  C   . GLU A 1 55  ? 8.461   0.462   8.568   1.00 11.00 ? 67  GLU A C   1 
ATOM   453  O  O   . GLU A 1 55  ? 8.483   1.461   7.854   1.00 10.79 ? 67  GLU A O   1 
ATOM   454  C  CB  . GLU A 1 55  ? 6.373   -0.846  8.141   1.00 13.81 ? 67  GLU A CB  1 
ATOM   455  N  N   . THR A 1 56  ? 9.528   -0.272  8.793   1.00 9.55  ? 68  THR A N   1 
ATOM   456  C  CA  . THR A 1 56  ? 10.747  -0.113  8.022   1.00 9.63  ? 68  THR A CA  1 
ATOM   457  C  C   . THR A 1 56  ? 10.584  -0.899  6.752   1.00 10.71 ? 68  THR A C   1 
ATOM   458  O  O   . THR A 1 56  ? 10.326  -2.101  6.777   1.00 13.90 ? 68  THR A O   1 
ATOM   459  C  CB  . THR A 1 56  ? 12.000  -0.609  8.751   1.00 9.10  ? 68  THR A CB  1 
ATOM   460  O  OG1 . THR A 1 56  ? 12.100  0.011   10.040  1.00 9.19  ? 68  THR A OG1 1 
ATOM   461  C  CG2 . THR A 1 56  ? 13.265  -0.316  7.956   1.00 10.80 ? 68  THR A CG2 1 
HETATM 462  N  N   . MSE A 1 57  ? 10.711  -0.233  5.604   1.00 9.94  ? 69  MSE A N   1 
HETATM 463  C  CA  . MSE A 1 57  ? 10.475  -0.906  4.334   1.00 10.65 ? 69  MSE A CA  1 
HETATM 464  C  C   . MSE A 1 57  ? 11.476  -2.014  4.048   1.00 10.69 ? 69  MSE A C   1 
HETATM 465  O  O   . MSE A 1 57  ? 12.671  -1.805  4.103   1.00 10.77 ? 69  MSE A O   1 
HETATM 466  C  CB  . MSE A 1 57  ? 10.579  0.103   3.196   1.00 11.07 ? 69  MSE A CB  1 
HETATM 467  C  CG  . MSE A 1 57  ? 9.524   1.184   3.223   1.00 12.30 ? 69  MSE A CG  1 
HETATM 468  SE SE  . MSE A 1 57  ? 7.672   0.609   3.175   0.75 17.16 ? 69  MSE A SE  1 
HETATM 469  C  CE  . MSE A 1 57  ? 7.745   -0.403  1.781   1.00 17.14 ? 69  MSE A CE  1 
ATOM   470  N  N   . ALA A 1 58  ? 10.962  -3.207  3.768   1.00 11.93 ? 70  ALA A N   1 
ATOM   471  C  CA  . ALA A 1 58  ? 11.792  -4.359  3.429   1.00 12.60 ? 70  ALA A CA  1 
ATOM   472  C  C   . ALA A 1 58  ? 12.249  -4.371  1.978   1.00 12.27 ? 70  ALA A C   1 
ATOM   473  O  O   . ALA A 1 58  ? 13.185  -5.058  1.634   1.00 13.70 ? 70  ALA A O   1 
ATOM   474  C  CB  . ALA A 1 58  ? 11.028  -5.674  3.737   1.00 14.39 ? 70  ALA A CB  1 
ATOM   475  N  N   A VAL A 1 59  ? 11.489  -3.653  1.156   0.60 11.25 ? 71  VAL A N   1 
ATOM   476  N  N   B VAL A 1 59  ? 11.625  -3.527  1.142   0.40 11.89 ? 71  VAL A N   1 
ATOM   477  C  CA  A VAL A 1 59  ? 11.725  -3.542  -0.263  0.60 10.91 ? 71  VAL A CA  1 
ATOM   478  C  CA  B VAL A 1 59  ? 11.780  -3.530  -0.325  0.40 11.93 ? 71  VAL A CA  1 
ATOM   479  C  C   A VAL A 1 59  ? 11.280  -2.151  -0.653  0.60 9.95  ? 71  VAL A C   1 
ATOM   480  C  C   B VAL A 1 59  ? 11.508  -2.101  -0.842  0.40 11.25 ? 71  VAL A C   1 
ATOM   481  O  O   A VAL A 1 59  ? 10.439  -1.525  -0.005  0.60 9.23  ? 71  VAL A O   1 
ATOM   482  O  O   B VAL A 1 59  ? 10.926  -1.308  -0.108  0.40 11.08 ? 71  VAL A O   1 
ATOM   483  C  CB  A VAL A 1 59  ? 10.908  -4.605  -1.100  0.60 11.75 ? 71  VAL A CB  1 
ATOM   484  C  CB  B VAL A 1 59  ? 10.757  -4.552  -0.936  0.40 12.35 ? 71  VAL A CB  1 
ATOM   485  C  CG1 A VAL A 1 59  ? 11.494  -5.982  -0.905  0.60 12.45 ? 71  VAL A CG1 1 
ATOM   486  C  CG1 B VAL A 1 59  ? 9.306   -4.031  -0.829  0.40 13.78 ? 71  VAL A CG1 1 
ATOM   487  C  CG2 A VAL A 1 59  ? 9.429   -4.602  -0.742  0.60 10.87 ? 71  VAL A CG2 1 
ATOM   488  C  CG2 B VAL A 1 59  ? 11.147  -4.936  -2.351  0.40 13.11 ? 71  VAL A CG2 1 
ATOM   489  N  N   A ASP A 1 60  ? 11.832  -1.669  -1.764  0.50 9.41  ? 72  ASP A N   1 
ATOM   490  N  N   B ASP A 1 60  ? 11.909  -1.727  -2.065  0.50 10.95 ? 72  ASP A N   1 
ATOM   491  C  CA  A ASP A 1 60  ? 11.381  -0.437  -2.415  0.50 9.35  ? 72  ASP A CA  1 
ATOM   492  C  CA  B ASP A 1 60  ? 11.405  -0.463  -2.601  0.50 10.79 ? 72  ASP A CA  1 
ATOM   493  C  C   A ASP A 1 60  ? 9.952   -0.608  -2.937  0.50 9.55  ? 72  ASP A C   1 
ATOM   494  C  C   B ASP A 1 60  ? 9.904   -0.658  -2.879  0.50 10.45 ? 72  ASP A C   1 
ATOM   495  O  O   A ASP A 1 60  ? 9.652   -1.608  -3.610  0.50 9.73  ? 72  ASP A O   1 
ATOM   496  O  O   B ASP A 1 60  ? 9.477   -1.767  -3.253  0.50 10.78 ? 72  ASP A O   1 
ATOM   497  C  CB  A ASP A 1 60  ? 12.284  -0.127  -3.615  0.50 9.61  ? 72  ASP A CB  1 
ATOM   498  C  CB  B ASP A 1 60  ? 12.126  -0.100  -3.888  0.50 11.10 ? 72  ASP A CB  1 
ATOM   499  C  CG  A ASP A 1 60  ? 13.684  0.252   -3.212  0.50 11.81 ? 72  ASP A CG  1 
ATOM   500  C  CG  B ASP A 1 60  ? 13.385  0.711   -3.662  0.50 13.41 ? 72  ASP A CG  1 
ATOM   501  O  OD1 A ASP A 1 60  ? 13.854  1.315   -2.589  0.50 11.47 ? 72  ASP A OD1 1 
ATOM   502  O  OD1 B ASP A 1 60  ? 13.953  0.701   -2.544  0.50 11.16 ? 72  ASP A OD1 1 
ATOM   503  O  OD2 A ASP A 1 60  ? 14.613  -0.505  -3.541  0.50 15.37 ? 72  ASP A OD2 1 
ATOM   504  O  OD2 B ASP A 1 60  ? 13.809  1.355   -4.656  0.50 17.58 ? 72  ASP A OD2 1 
ATOM   505  N  N   . ASP A 1 61  ? 9.104   0.379   -2.667  1.00 9.79  ? 73  ASP A N   1 
ATOM   506  C  CA  . ASP A 1 61  ? 7.662   0.288   -2.918  1.00 10.93 ? 73  ASP A CA  1 
ATOM   507  C  C   . ASP A 1 61  ? 7.186   1.562   -3.596  1.00 11.04 ? 73  ASP A C   1 
ATOM   508  O  O   . ASP A 1 61  ? 7.384   2.649   -3.060  1.00 11.59 ? 73  ASP A O   1 
ATOM   509  C  CB  . ASP A 1 61  ? 6.980   0.068   -1.561  1.00 10.62 ? 73  ASP A CB  1 
ATOM   510  C  CG  . ASP A 1 61  ? 5.474   -0.156  -1.616  1.00 15.09 ? 73  ASP A CG  1 
ATOM   511  O  OD1 . ASP A 1 61  ? 4.824   0.082   -2.617  1.00 17.42 ? 73  ASP A OD1 1 
ATOM   512  O  OD2 . ASP A 1 61  ? 4.935   -0.552  -0.531  1.00 19.91 ? 73  ASP A OD2 1 
ATOM   513  N  N   . VAL A 1 62  ? 6.601   1.447   -4.787  1.00 9.23  ? 74  VAL A N   1 
ATOM   514  C  CA  . VAL A 1 62  ? 5.934   2.553   -5.478  1.00 9.65  ? 74  VAL A CA  1 
ATOM   515  C  C   . VAL A 1 62  ? 4.426   2.327   -5.303  1.00 9.91  ? 74  VAL A C   1 
ATOM   516  O  O   . VAL A 1 62  ? 3.864   1.367   -5.856  1.00 10.27 ? 74  VAL A O   1 
ATOM   517  C  CB  . VAL A 1 62  ? 6.302   2.591   -6.970  1.00 11.11 ? 74  VAL A CB  1 
ATOM   518  C  CG1 . VAL A 1 62  ? 5.535   3.766   -7.689  1.00 13.06 ? 74  VAL A CG1 1 
ATOM   519  C  CG2 . VAL A 1 62  ? 7.811   2.712   -7.156  1.00 12.61 ? 74  VAL A CG2 1 
HETATM 520  N  N   A MSE A 1 63  ? 3.781   3.169   -4.505  0.80 8.61  ? 75  MSE A N   1 
HETATM 521  N  N   B MSE A 1 63  ? 3.768   3.223   -4.574  0.20 9.89  ? 75  MSE A N   1 
HETATM 522  C  CA  A MSE A 1 63  ? 2.389   3.026   -4.146  0.80 9.14  ? 75  MSE A CA  1 
HETATM 523  C  CA  B MSE A 1 63  ? 2.394   3.010   -4.136  0.20 10.18 ? 75  MSE A CA  1 
HETATM 524  C  C   A MSE A 1 63  ? 1.575   4.136   -4.788  0.80 9.11  ? 75  MSE A C   1 
HETATM 525  C  C   B MSE A 1 63  ? 1.455   4.142   -4.563  0.20 9.49  ? 75  MSE A C   1 
HETATM 526  O  O   A MSE A 1 63  ? 1.980   5.307   -4.791  0.80 9.64  ? 75  MSE A O   1 
HETATM 527  O  O   B MSE A 1 63  ? 1.645   5.301   -4.184  0.20 8.54  ? 75  MSE A O   1 
HETATM 528  C  CB  A MSE A 1 63  ? 2.239   3.096   -2.619  0.80 10.32 ? 75  MSE A CB  1 
HETATM 529  C  CB  B MSE A 1 63  ? 2.379   2.854   -2.615  0.20 11.12 ? 75  MSE A CB  1 
HETATM 530  C  CG  A MSE A 1 63  ? 0.840   2.962   -2.025  0.80 11.68 ? 75  MSE A CG  1 
HETATM 531  C  CG  B MSE A 1 63  ? 1.007   2.822   -1.992  0.20 13.65 ? 75  MSE A CG  1 
HETATM 532  SE SE  A MSE A 1 63  ? 0.856   3.016   -0.050  0.60 10.74 ? 75  MSE A SE  1 
HETATM 533  SE SE  B MSE A 1 63  ? 0.150   4.569   -2.019  0.15 21.08 ? 75  MSE A SE  1 
HETATM 534  C  CE  A MSE A 1 63  ? 1.477   4.807   0.141   0.80 15.34 ? 75  MSE A CE  1 
HETATM 535  C  CE  B MSE A 1 63  ? 0.949   5.399   -0.448  0.20 16.92 ? 75  MSE A CE  1 
ATOM   536  N  N   . ILE A 1 64  ? 0.415   3.797   -5.316  1.00 8.82  ? 76  ILE A N   1 
ATOM   537  C  CA  . ILE A 1 64  ? -0.526  4.803   -5.854  1.00 9.16  ? 76  ILE A CA  1 
ATOM   538  C  C   . ILE A 1 64  ? -1.846  4.683   -5.136  1.00 8.98  ? 76  ILE A C   1 
ATOM   539  O  O   . ILE A 1 64  ? -2.405  3.577   -4.975  1.00 9.02  ? 76  ILE A O   1 
ATOM   540  C  CB  . ILE A 1 64  ? -0.682  4.688   -7.379  1.00 9.94  ? 76  ILE A CB  1 
ATOM   541  C  CG1 . ILE A 1 64  ? -1.444  5.884   -7.941  1.00 10.47 ? 76  ILE A CG1 1 
ATOM   542  C  CG2 . ILE A 1 64  ? -1.294  3.369   -7.763  1.00 11.26 ? 76  ILE A CG2 1 
ATOM   543  C  CD1 . ILE A 1 64  ? -1.295  6.060   -9.437  1.00 11.08 ? 76  ILE A CD1 1 
ATOM   544  N  N   . VAL A 1 65  ? -2.373  5.794   -4.649  1.00 8.62  ? 77  VAL A N   1 
ATOM   545  C  CA  . VAL A 1 65  ? -3.663  5.797   -3.986  1.00 8.65  ? 77  VAL A CA  1 
ATOM   546  C  C   . VAL A 1 65  ? -4.731  5.804   -5.090  1.00 8.46  ? 77  VAL A C   1 
ATOM   547  O  O   . VAL A 1 65  ? -4.644  6.578   -6.056  1.00 9.22  ? 77  VAL A O   1 
ATOM   548  C  CB  . VAL A 1 65  ? -3.815  6.977   -3.017  1.00 8.63  ? 77  VAL A CB  1 
ATOM   549  C  CG1 . VAL A 1 65  ? -5.273  7.132   -2.502  1.00 10.00 ? 77  VAL A CG1 1 
ATOM   550  C  CG2 . VAL A 1 65  ? -2.842  6.799   -1.867  1.00 10.68 ? 77  VAL A CG2 1 
ATOM   551  N  N   . LEU A 1 66  ? -5.721  4.943   -4.949  1.00 8.12  ? 78  LEU A N   1 
ATOM   552  C  CA  . LEU A 1 66  ? -6.822  4.834   -5.903  1.00 8.59  ? 78  LEU A CA  1 
ATOM   553  C  C   . LEU A 1 66  ? -8.078  5.498   -5.379  1.00 8.91  ? 78  LEU A C   1 
ATOM   554  O  O   . LEU A 1 66  ? -8.827  6.092   -6.161  1.00 10.60 ? 78  LEU A O   1 
ATOM   555  C  CB  . LEU A 1 66  ? -7.090  3.359   -6.233  1.00 8.82  ? 78  LEU A CB  1 
ATOM   556  C  CG  . LEU A 1 66  ? -5.890  2.641   -6.830  1.00 10.32 ? 78  LEU A CG  1 
ATOM   557  C  CD1 . LEU A 1 66  ? -6.257  1.150   -7.029  1.00 12.74 ? 78  LEU A CD1 1 
ATOM   558  C  CD2 . LEU A 1 66  ? -5.471  3.274   -8.144  1.00 13.59 ? 78  LEU A CD2 1 
ATOM   559  N  N   . GLU A 1 67  ? -8.370  5.328   -4.094  1.00 8.37  ? 79  GLU A N   1 
ATOM   560  C  CA  . GLU A 1 67  ? -9.558  5.897   -3.459  1.00 8.81  ? 79  GLU A CA  1 
ATOM   561  C  C   . GLU A 1 67  ? -9.175  6.282   -2.046  1.00 7.96  ? 79  GLU A C   1 
ATOM   562  O  O   . GLU A 1 67  ? -8.283  5.667   -1.453  1.00 7.94  ? 79  GLU A O   1 
ATOM   563  C  CB  . GLU A 1 67  ? -10.698 4.897   -3.423  1.00 9.98  ? 79  GLU A CB  1 
ATOM   564  C  CG  . GLU A 1 67  ? -11.177 4.412   -4.798  1.00 13.43 ? 79  GLU A CG  1 
ATOM   565  C  CD  . GLU A 1 67  ? -11.778 5.497   -5.693  1.00 21.97 ? 79  GLU A CD  1 
ATOM   566  O  OE1 . GLU A 1 67  ? -12.220 6.550   -5.184  1.00 22.33 ? 79  GLU A OE1 1 
ATOM   567  O  OE2 . GLU A 1 67  ? -11.779 5.333   -6.948  1.00 25.31 ? 79  GLU A OE2 1 
ATOM   568  N  N   . GLY A 1 68  ? -9.864  7.254   -1.471  1.00 8.35  ? 80  GLY A N   1 
ATOM   569  C  CA  . GLY A 1 68  ? -9.597  7.664   -0.119  1.00 8.83  ? 80  GLY A CA  1 
ATOM   570  C  C   . GLY A 1 68  ? -8.333  8.484   -0.033  1.00 9.17  ? 80  GLY A C   1 
ATOM   571  O  O   . GLY A 1 68  ? -8.012  9.288   -0.937  1.00 9.82  ? 80  GLY A O   1 
ATOM   572  N  N   . ARG A 1 69  ? -7.612  8.345   1.068   1.00 8.80  ? 81  ARG A N   1 
ATOM   573  C  CA  . ARG A 1 69  ? -6.472  9.212   1.328   1.00 8.97  ? 81  ARG A CA  1 
ATOM   574  C  C   . ARG A 1 69  ? -5.556  8.601   2.371   1.00 8.38  ? 81  ARG A C   1 
ATOM   575  O  O   . ARG A 1 69  ? -6.031  8.034   3.354   1.00 8.67  ? 81  ARG A O   1 
ATOM   576  C  CB  . ARG A 1 69  ? -6.936  10.573  1.783   1.00 9.76  ? 81  ARG A CB  1 
ATOM   577  C  CG  . ARG A 1 69  ? -5.775  11.511  2.035   1.00 11.29 ? 81  ARG A CG  1 
ATOM   578  C  CD  . ARG A 1 69  ? -6.270  12.919  2.175   1.00 11.79 ? 81  ARG A CD  1 
ATOM   579  N  NE  . ARG A 1 69  ? -6.832  13.379  0.922   1.00 12.72 ? 81  ARG A NE  1 
ATOM   580  C  CZ  . ARG A 1 69  ? -6.122  13.826  -0.089  1.00 13.09 ? 81  ARG A CZ  1 
ATOM   581  N  NH1 . ARG A 1 69  ? -4.799  13.946  0.009   1.00 13.53 ? 81  ARG A NH1 1 
ATOM   582  N  NH2 . ARG A 1 69  ? -6.728  14.234  -1.167  1.00 14.37 ? 81  ARG A NH2 1 
ATOM   583  N  N   . LEU A 1 70  ? -4.245  8.708   2.124   1.00 8.95  ? 82  LEU A N   1 
ATOM   584  C  CA  . LEU A 1 70  ? -3.198  8.345   3.091   1.00 9.35  ? 82  LEU A CA  1 
ATOM   585  C  C   . LEU A 1 70  ? -2.306  9.534   3.361   1.00 10.64 ? 82  LEU A C   1 
ATOM   586  O  O   . LEU A 1 70  ? -2.103  10.381  2.485   1.00 11.85 ? 82  LEU A O   1 
ATOM   587  C  CB  . LEU A 1 70  ? -2.324  7.209   2.537   1.00 9.26  ? 82  LEU A CB  1 
ATOM   588  C  CG  . LEU A 1 70  ? -2.983  5.879   2.262   1.00 9.16  ? 82  LEU A CG  1 
ATOM   589  C  CD1 . LEU A 1 70  ? -1.995  4.899   1.618   1.00 11.07 ? 82  LEU A CD1 1 
ATOM   590  C  CD2 . LEU A 1 70  ? -3.595  5.261   3.546   1.00 10.20 ? 82  LEU A CD2 1 
ATOM   591  N  N   . SER A 1 71  ? -1.780  9.613   4.564   1.00 9.47  ? 83  SER A N   1 
ATOM   592  C  CA  . SER A 1 71  ? -0.599  10.428  4.856   1.00 10.11 ? 83  SER A CA  1 
ATOM   593  C  C   . SER A 1 71  ? 0.569   9.495   5.081   1.00 9.56  ? 83  SER A C   1 
ATOM   594  O  O   . SER A 1 71  ? 0.390   8.414   5.649   1.00 10.60 ? 83  SER A O   1 
ATOM   595  C  CB  . SER A 1 71  ? -0.813  11.288  6.058   1.00 10.53 ? 83  SER A CB  1 
ATOM   596  O  OG  . SER A 1 71  ? -1.834  12.248  5.815   1.00 13.96 ? 83  SER A OG  1 
ATOM   597  N  N   . VAL A 1 72  ? 1.734   9.857   4.565   1.00 8.34  ? 84  VAL A N   1 
ATOM   598  C  CA  . VAL A 1 72  ? 2.949   9.062   4.685   1.00 9.09  ? 84  VAL A CA  1 
ATOM   599  C  C   . VAL A 1 72  ? 4.040   9.964   5.236   1.00 8.01  ? 84  VAL A C   1 
ATOM   600  O  O   . VAL A 1 72  ? 4.294   11.063  4.706   1.00 8.69  ? 84  VAL A O   1 
ATOM   601  C  CB  . VAL A 1 72  ? 3.381   8.439   3.347   1.00 9.45  ? 84  VAL A CB  1 
ATOM   602  C  CG1 . VAL A 1 72  ? 4.566   7.463   3.541   1.00 11.71 ? 84  VAL A CG1 1 
ATOM   603  C  CG2 . VAL A 1 72  ? 2.193   7.730   2.650   1.00 11.49 ? 84  VAL A CG2 1 
ATOM   604  N  N   . SER A 1 73  ? 4.652   9.512   6.322   1.00 9.35  ? 85  SER A N   1 
ATOM   605  C  CA  . SER A 1 73  ? 5.677   10.300  7.022   1.00 10.41 ? 85  SER A CA  1 
ATOM   606  C  C   . SER A 1 73  ? 6.954   9.511   7.217   1.00 10.93 ? 85  SER A C   1 
ATOM   607  O  O   . SER A 1 73  ? 6.910   8.324   7.520   1.00 11.80 ? 85  SER A O   1 
ATOM   608  C  CB  . SER A 1 73  ? 5.205   10.703  8.393   1.00 11.90 ? 85  SER A CB  1 
ATOM   609  O  OG  . SER A 1 73  ? 3.981   11.421  8.336   1.00 15.97 ? 85  SER A OG  1 
ATOM   610  N  N   A THR A 1 74  ? 8.092   10.161  6.965   0.50 11.35 ? 86  THR A N   1 
ATOM   611  N  N   B THR A 1 74  ? 8.066   10.216  7.096   0.50 10.41 ? 86  THR A N   1 
ATOM   612  C  CA  A THR A 1 74  ? 9.409   9.630   7.329   0.50 12.86 ? 86  THR A CA  1 
ATOM   613  C  CA  B THR A 1 74  ? 9.341   9.775   7.614   0.50 10.93 ? 86  THR A CA  1 
ATOM   614  C  C   A THR A 1 74  ? 10.363  10.775  7.649   0.50 14.45 ? 86  THR A C   1 
ATOM   615  C  C   B THR A 1 74  ? 9.676   10.694  8.789   0.50 12.61 ? 86  THR A C   1 
ATOM   616  O  O   A THR A 1 74  ? 10.219  11.877  7.128   0.50 15.36 ? 86  THR A O   1 
ATOM   617  O  O   B THR A 1 74  ? 8.857   11.539  9.197   0.50 12.86 ? 86  THR A O   1 
ATOM   618  C  CB  A THR A 1 74  ? 10.018  8.752   6.231   0.50 12.71 ? 86  THR A CB  1 
ATOM   619  C  CB  B THR A 1 74  ? 10.383  9.915   6.542   0.50 11.09 ? 86  THR A CB  1 
ATOM   620  O  OG1 A THR A 1 74  ? 11.121  8.003   6.778   0.50 14.71 ? 86  THR A OG1 1 
ATOM   621  O  OG1 B THR A 1 74  ? 10.452  11.299  6.144   0.50 10.25 ? 86  THR A OG1 1 
ATOM   622  C  CG2 A THR A 1 74  ? 10.532  9.634   5.105   0.50 14.23 ? 86  THR A CG2 1 
ATOM   623  C  CG2 B THR A 1 74  ? 10.039  8.987   5.331   0.50 12.19 ? 86  THR A CG2 1 
ATOM   624  N  N   A ASP A 1 75  ? 11.341  10.484  8.503   0.50 15.62 ? 87  ASP A N   1 
ATOM   625  N  N   B ASP A 1 75  ? 10.858  10.532  9.364   0.50 12.92 ? 87  ASP A N   1 
ATOM   626  C  CA  A ASP A 1 75  ? 12.242  11.500  9.009   0.50 16.84 ? 87  ASP A CA  1 
ATOM   627  C  CA  B ASP A 1 75  ? 11.305  11.513  10.341  0.50 13.92 ? 87  ASP A CA  1 
ATOM   628  C  C   A ASP A 1 75  ? 11.379  12.652  9.507   0.50 17.74 ? 87  ASP A C   1 
ATOM   629  C  C   B ASP A 1 75  ? 11.312  12.913  9.659   0.50 14.78 ? 87  ASP A C   1 
ATOM   630  O  O   A ASP A 1 75  ? 10.517  12.469  10.386  0.50 19.45 ? 87  ASP A O   1 
ATOM   631  O  O   B ASP A 1 75  ? 10.763  13.876  10.195  0.50 16.42 ? 87  ASP A O   1 
ATOM   632  C  CB  A ASP A 1 75  ? 13.167  11.973  7.897   0.50 16.76 ? 87  ASP A CB  1 
ATOM   633  C  CB  B ASP A 1 75  ? 12.659  11.128  10.937  0.50 14.40 ? 87  ASP A CB  1 
ATOM   634  N  N   A GLY A 1 76  ? 11.591  13.826  8.936   0.50 17.59 ? 88  GLY A N   1 
ATOM   635  N  N   B GLY A 1 76  ? 11.890  13.007  8.469   0.50 14.23 ? 88  GLY A N   1 
ATOM   636  C  CA  A GLY A 1 76  ? 10.889  15.009  9.394   0.50 17.58 ? 88  GLY A CA  1 
ATOM   637  C  CA  B GLY A 1 76  ? 12.087  14.304  7.829   0.50 14.31 ? 88  GLY A CA  1 
ATOM   638  C  C   A GLY A 1 76  ? 9.873   15.489  8.391   0.50 17.05 ? 88  GLY A C   1 
ATOM   639  C  C   B GLY A 1 76  ? 10.875  14.986  7.179   0.50 14.56 ? 88  GLY A C   1 
ATOM   640  O  O   A GLY A 1 76  ? 9.533   16.667  8.363   0.50 17.77 ? 88  GLY A O   1 
ATOM   641  O  O   B GLY A 1 76  ? 10.883  16.198  6.980   0.50 15.16 ? 88  GLY A O   1 
ATOM   642  N  N   A GLU A 1 77  ? 9.348   14.577  7.578   0.50 15.04 ? 89  GLU A N   1 
ATOM   643  N  N   B GLU A 1 77  ? 9.833   14.244  6.804   0.50 13.70 ? 89  GLU A N   1 
ATOM   644  C  CA  A GLU A 1 77  ? 8.592   15.000  6.416   0.50 14.84 ? 89  GLU A CA  1 
ATOM   645  C  CA  B GLU A 1 77  ? 8.719   14.843  6.018   0.50 13.82 ? 89  GLU A CA  1 
ATOM   646  C  C   A GLU A 1 77  ? 7.359   14.149  6.182   0.50 12.96 ? 89  GLU A C   1 
ATOM   647  C  C   B GLU A 1 77  ? 7.352   14.128  6.236   0.50 12.55 ? 89  GLU A C   1 
ATOM   648  O  O   A GLU A 1 77  ? 7.447   12.930  6.154   0.50 11.38 ? 89  GLU A O   1 
ATOM   649  O  O   B GLU A 1 77  ? 7.320   12.982  6.689   0.50 12.01 ? 89  GLU A O   1 
ATOM   650  C  CB  A GLU A 1 77  ? 9.460   14.902  5.177   0.50 14.83 ? 89  GLU A CB  1 
ATOM   651  C  CB  B GLU A 1 77  ? 9.062   14.850  4.518   0.50 14.10 ? 89  GLU A CB  1 
ATOM   652  N  N   . THR A 1 78  ? 6.238   14.812  5.929   1.00 12.32 ? 90  THR A N   1 
ATOM   653  C  CA  . THR A 1 78  ? 4.936   14.168  5.742   1.00 12.46 ? 90  THR A CA  1 
ATOM   654  C  C   . THR A 1 78  ? 4.382   14.631  4.418   1.00 10.71 ? 90  THR A C   1 
ATOM   655  O  O   . THR A 1 78  ? 4.455   15.820  4.068   1.00 12.22 ? 90  THR A O   1 
ATOM   656  C  CB  . THR A 1 78  ? 3.894   14.527  6.845   1.00 12.59 ? 90  THR A CB  1 
ATOM   657  O  OG1 . THR A 1 78  ? 4.378   14.069  8.115   1.00 14.81 ? 90  THR A OG1 1 
ATOM   658  C  CG2 . THR A 1 78  ? 2.549   13.889  6.571   1.00 16.59 ? 90  THR A CG2 1 
ATOM   659  N  N   . VAL A 1 79  ? 3.820   13.700  3.660   1.00 9.45  ? 91  VAL A N   1 
ATOM   660  C  CA  . VAL A 1 79  ? 3.070   13.994  2.447   1.00 9.42  ? 91  VAL A CA  1 
ATOM   661  C  C   . VAL A 1 79  ? 1.692   13.359  2.568   1.00 9.76  ? 91  VAL A C   1 
ATOM   662  O  O   . VAL A 1 79  ? 1.491   12.435  3.354   1.00 10.02 ? 91  VAL A O   1 
ATOM   663  C  CB  . VAL A 1 79  ? 3.762   13.460  1.184   1.00 9.61  ? 91  VAL A CB  1 
ATOM   664  C  CG1 . VAL A 1 79  ? 5.098   14.190  0.974   1.00 11.17 ? 91  VAL A CG1 1 
ATOM   665  C  CG2 . VAL A 1 79  ? 3.891   11.950  1.178   1.00 11.35 ? 91  VAL A CG2 1 
ATOM   666  N  N   . THR A 1 80  ? 0.737   13.878  1.812   1.00 10.93 ? 92  THR A N   1 
ATOM   667  C  CA  . THR A 1 80  ? -0.552  13.212  1.721   1.00 11.91 ? 92  THR A CA  1 
ATOM   668  C  C   . THR A 1 80  ? -0.802  12.826  0.294   1.00 12.07 ? 92  THR A C   1 
ATOM   669  O  O   . THR A 1 80  ? -0.487  13.583  -0.642  1.00 16.24 ? 92  THR A O   1 
ATOM   670  C  CB  . THR A 1 80  ? -1.670  14.033  2.308   1.00 14.59 ? 92  THR A CB  1 
ATOM   671  O  OG1 . THR A 1 80  ? -2.906  13.298  2.275   1.00 16.95 ? 92  THR A OG1 1 
ATOM   672  C  CG2 . THR A 1 80  ? -1.852  15.249  1.581   1.00 16.16 ? 92  THR A CG2 1 
ATOM   673  N  N   . ALA A 1 81  ? -1.421  11.676  0.096   1.00 10.99 ? 93  ALA A N   1 
ATOM   674  C  CA  . ALA A 1 81  ? -1.717  11.157  -1.206  1.00 10.41 ? 93  ALA A CA  1 
ATOM   675  C  C   . ALA A 1 81  ? -3.169  10.825  -1.336  1.00 10.01 ? 93  ALA A C   1 
ATOM   676  O  O   . ALA A 1 81  ? -3.700  10.011  -0.552  1.00 9.79  ? 93  ALA A O   1 
ATOM   677  C  CB  . ALA A 1 81  ? -0.871  9.929   -1.537  1.00 12.07 ? 93  ALA A CB  1 
ATOM   678  N  N   . GLY A 1 82  ? -3.837  11.471  -2.284  1.00 9.22  ? 94  GLY A N   1 
ATOM   679  C  CA  . GLY A 1 82  ? -5.182  11.180  -2.665  1.00 8.97  ? 94  GLY A CA  1 
ATOM   680  C  C   . GLY A 1 82  ? -5.224  10.438  -3.992  1.00 9.23  ? 94  GLY A C   1 
ATOM   681  O  O   . GLY A 1 82  ? -4.182  10.048  -4.524  1.00 9.60  ? 94  GLY A O   1 
ATOM   682  N  N   . PRO A 1 83  ? -6.413  10.229  -4.543  1.00 9.80  ? 95  PRO A N   1 
ATOM   683  C  CA  . PRO A 1 83  ? -6.576  9.443   -5.757  1.00 9.57  ? 95  PRO A CA  1 
ATOM   684  C  C   . PRO A 1 83  ? -5.670  9.915   -6.881  1.00 10.37 ? 95  PRO A C   1 
ATOM   685  O  O   . PRO A 1 83  ? -5.621  11.099  -7.188  1.00 11.06 ? 95  PRO A O   1 
ATOM   686  C  CB  . PRO A 1 83  ? -8.061  9.608   -6.093  1.00 11.03 ? 95  PRO A CB  1 
ATOM   687  C  CG  . PRO A 1 83  ? -8.673  9.780   -4.723  1.00 12.47 ? 95  PRO A CG  1 
ATOM   688  C  CD  . PRO A 1 83  ? -7.722  10.641  -3.984  1.00 10.79 ? 95  PRO A CD  1 
ATOM   689  N  N   . GLY A 1 84  ? -4.932  8.975   -7.442  1.00 9.53  ? 96  GLY A N   1 
ATOM   690  C  CA  . GLY A 1 84  ? -4.012  9.233   -8.546  1.00 8.72  ? 96  GLY A CA  1 
ATOM   691  C  C   . GLY A 1 84  ? -2.633  9.637   -8.158  1.00 9.40  ? 96  GLY A C   1 
ATOM   692  O  O   . GLY A 1 84  ? -1.795  9.803   -9.058  1.00 9.84  ? 96  GLY A O   1 
ATOM   693  N  N   . GLU A 1 85  ? -2.343  9.850   -6.880  1.00 7.84  ? 97  GLU A N   1 
ATOM   694  C  CA  . GLU A 1 85  ? -1.061  10.334  -6.409  1.00 7.94  ? 97  GLU A CA  1 
ATOM   695  C  C   . GLU A 1 85  ? -0.211  9.179   -5.906  1.00 8.00  ? 97  GLU A C   1 
ATOM   696  O  O   . GLU A 1 85  ? -0.700  8.189   -5.352  1.00 8.92  ? 97  GLU A O   1 
ATOM   697  C  CB  . GLU A 1 85  ? -1.286  11.410  -5.328  1.00 9.38  ? 97  GLU A CB  1 
ATOM   698  C  CG  . GLU A 1 85  ? -2.114  12.587  -5.845  1.00 10.26 ? 97  GLU A CG  1 
ATOM   699  C  CD  . GLU A 1 85  ? -2.336  13.693  -4.855  1.00 12.93 ? 97  GLU A CD  1 
ATOM   700  O  OE1 . GLU A 1 85  ? -2.188  13.521  -3.636  1.00 12.53 ? 97  GLU A OE1 1 
ATOM   701  O  OE2 . GLU A 1 85  ? -2.656  14.825  -5.336  1.00 16.02 ? 97  GLU A OE2 1 
ATOM   702  N  N   . ILE A 1 86  ? 1.085   9.297   -6.153  1.00 7.95  ? 98  ILE A N   1 
ATOM   703  C  CA  . ILE A 1 86  ? 2.073   8.237   -5.936  1.00 8.10  ? 98  ILE A CA  1 
ATOM   704  C  C   . ILE A 1 86  ? 3.035   8.626   -4.821  1.00 8.54  ? 98  ILE A C   1 
ATOM   705  O  O   . ILE A 1 86  ? 3.519   9.766   -4.761  1.00 9.23  ? 98  ILE A O   1 
ATOM   706  C  CB  . ILE A 1 86  ? 2.862   8.008   -7.246  1.00 9.06  ? 98  ILE A CB  1 
ATOM   707  C  CG1 . ILE A 1 86  ? 1.912   7.487   -8.324  1.00 10.81 ? 98  ILE A CG1 1 
ATOM   708  C  CG2 . ILE A 1 86  ? 4.075   7.077   -6.997  1.00 10.27 ? 98  ILE A CG2 1 
ATOM   709  C  CD1 . ILE A 1 86  ? 2.516   7.449   -9.728  1.00 12.77 ? 98  ILE A CD1 1 
ATOM   710  N  N   . VAL A 1 87  ? 3.334   7.660   -3.968  1.00 8.76  ? 99  VAL A N   1 
ATOM   711  C  CA  . VAL A 1 87  ? 4.419   7.821   -2.989  1.00 8.81  ? 99  VAL A CA  1 
ATOM   712  C  C   . VAL A 1 87  ? 5.428   6.693   -3.191  1.00 8.65  ? 99  VAL A C   1 
ATOM   713  O  O   . VAL A 1 87  ? 5.060   5.503   -3.194  1.00 9.85  ? 99  VAL A O   1 
ATOM   714  C  CB  . VAL A 1 87  ? 3.905   7.820   -1.545  1.00 9.47  ? 99  VAL A CB  1 
ATOM   715  C  CG1 . VAL A 1 87  ? 5.044   8.106   -0.563  1.00 11.11 ? 99  VAL A CG1 1 
ATOM   716  C  CG2 . VAL A 1 87  ? 2.795   8.871   -1.375  1.00 13.84 ? 99  VAL A CG2 1 
ATOM   717  N  N   . TYR A 1 88  ? 6.681   7.064   -3.400  1.00 8.83  ? 100 TYR A N   1 
ATOM   718  C  CA  . TYR A 1 88  ? 7.805   6.127   -3.427  1.00 8.72  ? 100 TYR A CA  1 
ATOM   719  C  C   . TYR A 1 88  ? 8.363   6.031   -2.013  1.00 10.07 ? 100 TYR A C   1 
ATOM   720  O  O   . TYR A 1 88  ? 8.725   7.059   -1.418  1.00 9.66  ? 100 TYR A O   1 
ATOM   721  C  CB  . TYR A 1 88  ? 8.886   6.622   -4.373  1.00 9.43  ? 100 TYR A CB  1 
ATOM   722  C  CG  . TYR A 1 88  ? 10.212  5.908   -4.267  1.00 10.94 ? 100 TYR A CG  1 
ATOM   723  C  CD1 . TYR A 1 88  ? 10.303  4.540   -4.466  1.00 13.94 ? 100 TYR A CD1 1 
ATOM   724  C  CD2 . TYR A 1 88  ? 11.354  6.583   -3.910  1.00 12.04 ? 100 TYR A CD2 1 
ATOM   725  C  CE1 . TYR A 1 88  ? 11.527  3.880   -4.377  1.00 15.82 ? 100 TYR A CE1 1 
ATOM   726  C  CE2 . TYR A 1 88  ? 12.560  5.950   -3.791  1.00 14.38 ? 100 TYR A CE2 1 
ATOM   727  C  CZ  . TYR A 1 88  ? 12.645  4.594   -4.044  1.00 15.12 ? 100 TYR A CZ  1 
ATOM   728  O  OH  . TYR A 1 88  ? 13.869  3.945   -3.913  1.00 17.57 ? 100 TYR A OH  1 
HETATM 729  N  N   A MSE A 1 89  ? 8.482   4.812   -1.530  0.80 9.12  ? 101 MSE A N   1 
HETATM 730  N  N   B MSE A 1 89  ? 8.362   4.821   -1.464  0.20 10.70 ? 101 MSE A N   1 
HETATM 731  C  CA  A MSE A 1 89  ? 8.967   4.517   -0.163  0.80 10.04 ? 101 MSE A CA  1 
HETATM 732  C  CA  B MSE A 1 89  ? 8.982   4.544   -0.166  0.20 11.70 ? 101 MSE A CA  1 
HETATM 733  C  C   A MSE A 1 89  ? 10.171  3.598   -0.307  0.80 10.29 ? 101 MSE A C   1 
HETATM 734  C  C   B MSE A 1 89  ? 10.177  3.630   -0.403  0.20 11.39 ? 101 MSE A C   1 
HETATM 735  O  O   A MSE A 1 89  ? 10.007  2.398   -0.614  0.80 10.16 ? 101 MSE A O   1 
HETATM 736  O  O   B MSE A 1 89  ? 10.011  2.492   -0.857  0.20 11.29 ? 101 MSE A O   1 
HETATM 737  C  CB  A MSE A 1 89  ? 7.843   3.889   0.649   0.80 10.90 ? 101 MSE A CB  1 
HETATM 738  C  CB  B MSE A 1 89  ? 7.990   3.888   0.789   0.20 12.69 ? 101 MSE A CB  1 
HETATM 739  C  CG  A MSE A 1 89  ? 6.627   4.814   0.773   0.80 13.42 ? 101 MSE A CG  1 
HETATM 740  C  CG  B MSE A 1 89  ? 6.739   4.708   1.028   0.20 15.84 ? 101 MSE A CG  1 
HETATM 741  SE SE  A MSE A 1 89  ? 5.126   4.092   1.711   0.60 10.28 ? 101 MSE A SE  1 
HETATM 742  SE SE  B MSE A 1 89  ? 5.233   4.056   -0.007  0.15 23.58 ? 101 MSE A SE  1 
HETATM 743  C  CE  A MSE A 1 89  ? 4.797   2.563   0.605   0.80 13.42 ? 101 MSE A CE  1 
HETATM 744  C  CE  B MSE A 1 89  ? 4.431   2.974   1.399   0.20 21.05 ? 101 MSE A CE  1 
ATOM   745  N  N   . PRO A 1 90  ? 11.391  4.123   -0.124  1.00 10.71 ? 102 PRO A N   1 
ATOM   746  C  CA  . PRO A 1 90  ? 12.574  3.311   -0.376  1.00 10.94 ? 102 PRO A CA  1 
ATOM   747  C  C   . PRO A 1 90  ? 12.865  2.269   0.703   1.00 9.78  ? 102 PRO A C   1 
ATOM   748  O  O   . PRO A 1 90  ? 12.557  2.451   1.887   1.00 9.81  ? 102 PRO A O   1 
ATOM   749  C  CB  . PRO A 1 90  ? 13.719  4.327   -0.413  1.00 12.05 ? 102 PRO A CB  1 
ATOM   750  C  CG  . PRO A 1 90  ? 13.203  5.518   0.240   1.00 14.21 ? 102 PRO A CG  1 
ATOM   751  C  CD  . PRO A 1 90  ? 11.719  5.498   0.262   1.00 12.26 ? 102 PRO A CD  1 
ATOM   752  N  N   . LYS A 1 91  ? 13.483  1.193   0.260   1.00 9.76  ? 103 LYS A N   1 
ATOM   753  C  CA  . LYS A 1 91  ? 13.947  0.144   1.144   1.00 10.12 ? 103 LYS A CA  1 
ATOM   754  C  C   . LYS A 1 91  ? 14.783  0.718   2.274   1.00 10.43 ? 103 LYS A C   1 
ATOM   755  O  O   . LYS A 1 91  ? 15.655  1.580   2.044   1.00 10.64 ? 103 LYS A O   1 
ATOM   756  C  CB  . LYS A 1 91  ? 14.775  -0.855  0.344   1.00 10.79 ? 103 LYS A CB  1 
ATOM   757  C  CG  . LYS A 1 91  ? 15.302  -2.056  1.127   1.00 14.82 ? 103 LYS A CG  1 
ATOM   758  C  CD  . LYS A 1 91  ? 16.131  -2.950  0.215   1.00 21.25 ? 103 LYS A CD  1 
ATOM   759  C  CE  . LYS A 1 91  ? 16.478  -4.291  0.853   1.00 25.27 ? 103 LYS A CE  1 
ATOM   760  N  NZ  . LYS A 1 91  ? 17.373  -5.110  -0.053  1.00 28.41 ? 103 LYS A NZ  1 
ATOM   761  N  N   . GLY A 1 92  ? 14.484  0.267   3.489   1.00 10.10 ? 104 GLY A N   1 
ATOM   762  C  CA  . GLY A 1 92  ? 15.234  0.669   4.664   1.00 10.92 ? 104 GLY A CA  1 
ATOM   763  C  C   . GLY A 1 92  ? 14.782  1.933   5.366   1.00 11.38 ? 104 GLY A C   1 
ATOM   764  O  O   . GLY A 1 92  ? 15.307  2.240   6.444   1.00 13.13 ? 104 GLY A O   1 
ATOM   765  N  N   A GLU A 1 93  ? 13.855  2.672   4.772   0.50 11.38 ? 105 GLU A N   1 
ATOM   766  N  N   B GLU A 1 93  ? 13.856  2.670   4.758   0.50 11.37 ? 105 GLU A N   1 
ATOM   767  C  CA  A GLU A 1 93  ? 13.316  3.844   5.440   0.50 11.86 ? 105 GLU A CA  1 
ATOM   768  C  CA  B GLU A 1 93  ? 13.286  3.863   5.374   0.50 11.78 ? 105 GLU A CA  1 
ATOM   769  C  C   A GLU A 1 93  ? 12.122  3.428   6.270   0.50 11.01 ? 105 GLU A C   1 
ATOM   770  C  C   B GLU A 1 93  ? 12.153  3.401   6.282   0.50 10.98 ? 105 GLU A C   1 
ATOM   771  O  O   A GLU A 1 93  ? 11.312  2.594   5.865   0.50 10.52 ? 105 GLU A O   1 
ATOM   772  O  O   B GLU A 1 93  ? 11.435  2.468   5.947   0.50 10.44 ? 105 GLU A O   1 
ATOM   773  C  CB  A GLU A 1 93  ? 12.904  4.920   4.457   0.50 13.49 ? 105 GLU A CB  1 
ATOM   774  C  CB  B GLU A 1 93  ? 12.738  4.816   4.307   0.50 13.66 ? 105 GLU A CB  1 
ATOM   775  C  CG  A GLU A 1 93  ? 14.058  5.705   3.897   0.50 17.07 ? 105 GLU A CG  1 
ATOM   776  C  CG  B GLU A 1 93  ? 12.269  6.160   4.846   0.50 16.12 ? 105 GLU A CG  1 
ATOM   777  C  CD  A GLU A 1 93  ? 13.611  7.029   3.334   0.50 21.66 ? 105 GLU A CD  1 
ATOM   778  C  CD  B GLU A 1 93  ? 13.104  7.343   4.367   0.50 22.19 ? 105 GLU A CD  1 
ATOM   779  O  OE1 A GLU A 1 93  ? 12.385  7.205   3.101   0.50 26.02 ? 105 GLU A OE1 1 
ATOM   780  O  OE1 B GLU A 1 93  ? 13.875  7.898   5.171   0.50 23.35 ? 105 GLU A OE1 1 
ATOM   781  O  OE2 A GLU A 1 93  ? 14.480  7.906   3.146   0.50 25.79 ? 105 GLU A OE2 1 
ATOM   782  O  OE2 B GLU A 1 93  ? 12.970  7.749   3.188   0.50 23.89 ? 105 GLU A OE2 1 
ATOM   783  N  N   . THR A 1 94  ? 12.015  4.054   7.432   1.00 10.72 ? 106 THR A N   1 
ATOM   784  C  CA  . THR A 1 94  ? 10.904  3.803   8.348   1.00 10.54 ? 106 THR A CA  1 
ATOM   785  C  C   . THR A 1 94  ? 9.818   4.817   8.089   1.00 10.08 ? 106 THR A C   1 
ATOM   786  O  O   . THR A 1 94  ? 10.045  6.041   8.150   1.00 11.63 ? 106 THR A O   1 
ATOM   787  C  CB  . THR A 1 94  ? 11.385  3.840   9.777   1.00 10.64 ? 106 THR A CB  1 
ATOM   788  O  OG1 . THR A 1 94  ? 12.372  2.808   9.951   1.00 11.38 ? 106 THR A OG1 1 
ATOM   789  C  CG2 . THR A 1 94  ? 10.228  3.596   10.761  1.00 11.17 ? 106 THR A CG2 1 
ATOM   790  N  N   . VAL A 1 95  ? 8.670   4.317   7.686   1.00 9.18  ? 107 VAL A N   1 
ATOM   791  C  CA  . VAL A 1 95  ? 7.568   5.159   7.271   1.00 10.50 ? 107 VAL A CA  1 
ATOM   792  C  C   . VAL A 1 95  ? 6.345   4.927   8.142   1.00 10.48 ? 107 VAL A C   1 
ATOM   793  O  O   . VAL A 1 95  ? 6.080   3.778   8.538   1.00 11.33 ? 107 VAL A O   1 
ATOM   794  C  CB  . VAL A 1 95  ? 7.179   4.911   5.811   1.00 12.22 ? 107 VAL A CB  1 
ATOM   795  C  CG1 . VAL A 1 95  ? 8.344   5.265   4.867   1.00 15.60 ? 107 VAL A CG1 1 
ATOM   796  C  CG2 . VAL A 1 95  ? 6.647   3.517   5.565   1.00 15.83 ? 107 VAL A CG2 1 
ATOM   797  N  N   . THR A 1 96  ? 5.604   5.994   8.442   1.00 10.45 ? 108 THR A N   1 
ATOM   798  C  CA  . THR A 1 96  ? 4.286   5.889   9.084   1.00 10.78 ? 108 THR A CA  1 
ATOM   799  C  C   . THR A 1 96  ? 3.232   6.192   8.043   1.00 10.75 ? 108 THR A C   1 
ATOM   800  O  O   . THR A 1 96  ? 3.311   7.233   7.359   1.00 12.08 ? 108 THR A O   1 
ATOM   801  C  CB  . THR A 1 96  ? 4.158   6.886   10.217  1.00 11.65 ? 108 THR A CB  1 
ATOM   802  O  OG1 . THR A 1 96  ? 5.093   6.565   11.264  1.00 13.54 ? 108 THR A OG1 1 
ATOM   803  C  CG2 . THR A 1 96  ? 2.723   6.871   10.799  1.00 14.33 ? 108 THR A CG2 1 
ATOM   804  N  N   . ILE A 1 97  ? 2.299   5.276   7.872   1.00 10.55 ? 109 ILE A N   1 
ATOM   805  C  CA  . ILE A 1 97  ? 1.169   5.405   6.932   1.00 9.91  ? 109 ILE A CA  1 
ATOM   806  C  C   . ILE A 1 97  ? -0.098  5.562   7.742   1.00 11.03 ? 109 ILE A C   1 
ATOM   807  O  O   . ILE A 1 97  ? -0.356  4.741   8.611   1.00 12.38 ? 109 ILE A O   1 
ATOM   808  C  CB  . ILE A 1 97  ? 1.054   4.208   6.006   1.00 11.88 ? 109 ILE A CB  1 
ATOM   809  C  CG1 . ILE A 1 97  ? 2.340   4.067   5.184   1.00 14.86 ? 109 ILE A CG1 1 
ATOM   810  C  CG2 . ILE A 1 97  ? -0.137  4.312   5.083   1.00 13.99 ? 109 ILE A CG2 1 
ATOM   811  C  CD1 . ILE A 1 97  ? 2.463   2.756   4.364   1.00 19.92 ? 109 ILE A CD1 1 
ATOM   812  N  N   . ARG A 1 98  ? -0.838  6.629   7.512   1.00 9.71  ? 110 ARG A N   1 
ATOM   813  C  CA  . ARG A 1 98  ? -2.083  6.935   8.243   1.00 10.41 ? 110 ARG A CA  1 
ATOM   814  C  C   . ARG A 1 98  ? -3.213  7.085   7.234   1.00 9.29  ? 110 ARG A C   1 
ATOM   815  O  O   . ARG A 1 98  ? -3.133  7.904   6.306   1.00 9.29  ? 110 ARG A O   1 
ATOM   816  C  CB  . ARG A 1 98  ? -1.958  8.223   9.051   1.00 11.35 ? 110 ARG A CB  1 
ATOM   817  C  CG  . ARG A 1 98  ? -3.204  8.599   9.776   1.00 13.79 ? 110 ARG A CG  1 
ATOM   818  C  CD  . ARG A 1 98  ? -3.046  9.843   10.671  1.00 18.43 ? 110 ARG A CD  1 
ATOM   819  N  NE  . ARG A 1 98  ? -2.844  11.097  9.923   1.00 20.29 ? 110 ARG A NE  1 
ATOM   820  C  CZ  . ARG A 1 98  ? -3.799  11.892  9.452   1.00 25.16 ? 110 ARG A CZ  1 
ATOM   821  N  NH1 . ARG A 1 98  ? -5.079  11.591  9.600   1.00 28.36 ? 110 ARG A NH1 1 
ATOM   822  N  NH2 . ARG A 1 98  ? -3.467  13.025  8.815   1.00 30.10 ? 110 ARG A NH2 1 
ATOM   823  N  N   A SER A 1 99  ? -4.266  6.274   7.364   0.50 8.06  ? 111 SER A N   1 
ATOM   824  N  N   B SER A 1 99  ? -4.270  6.302   7.446   0.50 10.07 ? 111 SER A N   1 
ATOM   825  C  CA  A SER A 1 99  ? -5.452  6.432   6.509   0.50 7.89  ? 111 SER A CA  1 
ATOM   826  C  CA  B SER A 1 99  ? -5.489  6.334   6.652   0.50 11.17 ? 111 SER A CA  1 
ATOM   827  C  C   A SER A 1 99  ? -6.458  7.362   7.162   0.50 8.44  ? 111 SER A C   1 
ATOM   828  C  C   B SER A 1 99  ? -6.401  7.438   7.195   0.50 10.39 ? 111 SER A C   1 
ATOM   829  O  O   A SER A 1 99  ? -6.682  7.322   8.390   0.50 8.92  ? 111 SER A O   1 
ATOM   830  O  O   B SER A 1 99  ? -6.441  7.661   8.415   0.50 11.04 ? 111 SER A O   1 
ATOM   831  C  CB  A SER A 1 99  ? -6.111  5.089   6.262   0.50 6.80  ? 111 SER A CB  1 
ATOM   832  C  CB  B SER A 1 99  ? -6.147  4.964   6.811   0.50 12.07 ? 111 SER A CB  1 
ATOM   833  O  OG  A SER A 1 99  ? -6.508  4.504   7.524   0.50 7.10  ? 111 SER A OG  1 
ATOM   834  O  OG  B SER A 1 99  ? -7.287  4.801   6.017   0.50 17.42 ? 111 SER A OG  1 
ATOM   835  N  N   . HIS A 1 100 ? -7.112  8.137   6.311   1.00 9.32  ? 112 HIS A N   1 
ATOM   836  C  CA  . HIS A 1 100 ? -8.037  9.200   6.729   1.00 9.64  ? 112 HIS A CA  1 
ATOM   837  C  C   . HIS A 1 100 ? -9.457  8.648   6.937   1.00 10.43 ? 112 HIS A C   1 
ATOM   838  O  O   . HIS A 1 100 ? -9.640  7.436   7.037   1.00 9.45  ? 112 HIS A O   1 
ATOM   839  C  CB  . HIS A 1 100 ? -7.913  10.375  5.778   1.00 10.51 ? 112 HIS A CB  1 
ATOM   840  C  CG  . HIS A 1 100 ? -6.578  11.055  5.804   1.00 11.78 ? 112 HIS A CG  1 
ATOM   841  N  ND1 . HIS A 1 100 ? -6.477  12.427  5.642   1.00 16.70 ? 112 HIS A ND1 1 
ATOM   842  C  CD2 . HIS A 1 100 ? -5.308  10.587  5.812   1.00 11.29 ? 112 HIS A CD2 1 
ATOM   843  C  CE1 . HIS A 1 100 ? -5.195  12.771  5.634   1.00 16.98 ? 112 HIS A CE1 1 
ATOM   844  N  NE2 . HIS A 1 100 ? -4.463  11.682  5.778   1.00 13.15 ? 112 HIS A NE2 1 
ATOM   845  N  N   A GLU A 1 101 ? -10.455 9.513   7.063   0.50 10.67 ? 113 GLU A N   1 
ATOM   846  N  N   B GLU A 1 101 ? -10.451 9.527   7.040   0.50 11.36 ? 113 GLU A N   1 
ATOM   847  C  CA  A GLU A 1 101 ? -11.745 9.079   7.598   0.50 10.41 ? 113 GLU A CA  1 
ATOM   848  C  CA  B GLU A 1 101 ? -11.759 9.134   7.568   0.50 11.77 ? 113 GLU A CA  1 
ATOM   849  C  C   A GLU A 1 101 ? -12.562 8.217   6.635   0.50 10.67 ? 113 GLU A C   1 
ATOM   850  C  C   B GLU A 1 101 ? -12.571 8.243   6.629   0.50 11.34 ? 113 GLU A C   1 
ATOM   851  O  O   A GLU A 1 101 ? -13.561 7.623   7.044   0.50 11.13 ? 113 GLU A O   1 
ATOM   852  O  O   B GLU A 1 101 ? -13.562 7.648   7.052   0.50 11.74 ? 113 GLU A O   1 
ATOM   853  C  CB  A GLU A 1 101 ? -12.571 10.296  8.025   0.50 11.50 ? 113 GLU A CB  1 
ATOM   854  C  CB  B GLU A 1 101 ? -12.573 10.382  7.972   0.50 13.28 ? 113 GLU A CB  1 
ATOM   855  C  CG  A GLU A 1 101 ? -12.943 11.187  6.864   0.50 10.70 ? 113 GLU A CG  1 
ATOM   856  C  CG  B GLU A 1 101 ? -12.001 11.097  9.216   0.50 15.99 ? 113 GLU A CG  1 
ATOM   857  C  CD  A GLU A 1 101 ? -13.673 12.491  7.263   0.50 14.30 ? 113 GLU A CD  1 
ATOM   858  C  CD  B GLU A 1 101 ? -12.971 12.049  9.928   0.50 21.05 ? 113 GLU A CD  1 
ATOM   859  O  OE1 A GLU A 1 101 ? -13.539 12.907  8.432   0.50 19.16 ? 113 GLU A OE1 1 
ATOM   860  O  OE1 B GLU A 1 101 ? -13.981 12.475  9.324   0.50 24.28 ? 113 GLU A OE1 1 
ATOM   861  O  OE2 A GLU A 1 101 ? -14.382 13.065  6.411   0.50 12.96 ? 113 GLU A OE2 1 
ATOM   862  O  OE2 B GLU A 1 101 ? -12.711 12.365  11.113  0.50 24.17 ? 113 GLU A OE2 1 
ATOM   863  N  N   . GLU A 1 102 ? -12.154 8.149   5.373   1.00 9.81  ? 114 GLU A N   1 
ATOM   864  C  CA  . GLU A 1 102 ? -12.810 7.287   4.375   1.00 10.44 ? 114 GLU A CA  1 
ATOM   865  C  C   . GLU A 1 102 ? -11.931 6.093   4.028   1.00 9.54  ? 114 GLU A C   1 
ATOM   866  O  O   . GLU A 1 102 ? -12.214 5.367   3.080   1.00 10.45 ? 114 GLU A O   1 
ATOM   867  C  CB  . GLU A 1 102 ? -13.187 8.072   3.104   1.00 11.38 ? 114 GLU A CB  1 
ATOM   868  C  CG  . GLU A 1 102 ? -14.166 9.219   3.376   1.00 14.25 ? 114 GLU A CG  1 
ATOM   869  N  N   . GLY A 1 103 ? -10.884 5.850   4.795   1.00 8.18  ? 115 GLY A N   1 
ATOM   870  C  CA  . GLY A 1 103 ? -9.971  4.766   4.487   1.00 8.36  ? 115 GLY A CA  1 
ATOM   871  C  C   . GLY A 1 103 ? -9.197  5.017   3.219   1.00 8.05  ? 115 GLY A C   1 
ATOM   872  O  O   . GLY A 1 103 ? -9.082  6.158   2.750   1.00 9.12  ? 115 GLY A O   1 
ATOM   873  N  N   . ALA A 1 104 ? -8.675  3.964   2.617   1.00 7.89  ? 116 ALA A N   1 
ATOM   874  C  CA  . ALA A 1 104 ? -7.959  4.099   1.356   1.00 7.36  ? 116 ALA A CA  1 
ATOM   875  C  C   . ALA A 1 104 ? -7.910  2.768   0.614   1.00 7.66  ? 116 ALA A C   1 
ATOM   876  O  O   . ALA A 1 104 ? -7.947  1.699   1.233   1.00 9.02  ? 116 ALA A O   1 
ATOM   877  C  CB  . ALA A 1 104 ? -6.517  4.629   1.576   1.00 9.10  ? 116 ALA A CB  1 
ATOM   878  N  N   . LEU A 1 105 ? -7.800  2.845   -0.712  1.00 7.87  ? 117 LEU A N   1 
ATOM   879  C  CA  . LEU A 1 105 ? -7.417  1.721   -1.564  1.00 7.78  ? 117 LEU A CA  1 
ATOM   880  C  C   . LEU A 1 105 ? -6.170  2.164   -2.317  1.00 8.42  ? 117 LEU A C   1 
ATOM   881  O  O   . LEU A 1 105 ? -6.083  3.319   -2.762  1.00 8.11  ? 117 LEU A O   1 
ATOM   882  C  CB  . LEU A 1 105 ? -8.500  1.369   -2.586  1.00 8.91  ? 117 LEU A CB  1 
ATOM   883  C  CG  . LEU A 1 105 ? -9.804  0.877   -2.016  1.00 9.56  ? 117 LEU A CG  1 
ATOM   884  C  CD1 . LEU A 1 105 ? -10.840 0.644   -3.168  1.00 11.52 ? 117 LEU A CD1 1 
ATOM   885  C  CD2 . LEU A 1 105 ? -9.678  -0.375  -1.172  1.00 10.73 ? 117 LEU A CD2 1 
ATOM   886  N  N   . THR A 1 106 ? -5.258  1.228   -2.521  1.00 7.20  ? 118 THR A N   1 
ATOM   887  C  CA  . THR A 1 106 ? -4.015  1.466   -3.231  1.00 7.16  ? 118 THR A CA  1 
ATOM   888  C  C   . THR A 1 106 ? -3.722  0.334   -4.228  1.00 7.59  ? 118 THR A C   1 
ATOM   889  O  O   . THR A 1 106 ? -4.238  -0.788  -4.122  1.00 7.46  ? 118 THR A O   1 
ATOM   890  C  CB  . THR A 1 106 ? -2.810  1.546   -2.309  1.00 8.38  ? 118 THR A CB  1 
ATOM   891  O  OG1 . THR A 1 106 ? -2.651  0.282   -1.690  1.00 9.50  ? 118 THR A OG1 1 
ATOM   892  C  CG2 . THR A 1 106 ? -2.984  2.631   -1.222  1.00 9.07  ? 118 THR A CG2 1 
ATOM   893  N  N   . ALA A 1 107 ? -2.854  0.641   -5.182  1.00 7.97  ? 119 ALA A N   1 
ATOM   894  C  CA  . ALA A 1 107 ? -2.072  -0.347  -5.930  1.00 7.99  ? 119 ALA A CA  1 
ATOM   895  C  C   . ALA A 1 107 ? -0.626  -0.082  -5.689  1.00 8.34  ? 119 ALA A C   1 
ATOM   896  O  O   . ALA A 1 107 ? -0.240  1.027   -5.345  1.00 9.63  ? 119 ALA A O   1 
ATOM   897  C  CB  . ALA A 1 107 ? -2.383  -0.303  -7.457  1.00 8.78  ? 119 ALA A CB  1 
ATOM   898  N  N   . TYR A 1 108 ? 0.209   -1.079  -5.866  1.00 9.00  ? 120 TYR A N   1 
ATOM   899  C  CA  . TYR A 1 108 ? 1.634   -0.882  -5.666  1.00 9.15  ? 120 TYR A CA  1 
ATOM   900  C  C   . TYR A 1 108 ? 2.458   -1.843  -6.475  1.00 9.19  ? 120 TYR A C   1 
ATOM   901  O  O   . TYR A 1 108 ? 2.005   -2.922  -6.880  1.00 9.08  ? 120 TYR A O   1 
ATOM   902  C  CB  . TYR A 1 108 ? 1.972   -0.994  -4.178  1.00 10.17 ? 120 TYR A CB  1 
ATOM   903  C  CG  . TYR A 1 108 ? 1.679   -2.306  -3.566  1.00 10.11 ? 120 TYR A CG  1 
ATOM   904  C  CD1 . TYR A 1 108 ? 2.601   -3.332  -3.606  1.00 11.55 ? 120 TYR A CD1 1 
ATOM   905  C  CD2 . TYR A 1 108 ? 0.474   -2.549  -2.904  1.00 12.74 ? 120 TYR A CD2 1 
ATOM   906  C  CE1 . TYR A 1 108 ? 2.342   -4.585  -3.035  1.00 13.65 ? 120 TYR A CE1 1 
ATOM   907  C  CE2 . TYR A 1 108 ? 0.223   -3.783  -2.334  1.00 12.14 ? 120 TYR A CE2 1 
ATOM   908  C  CZ  . TYR A 1 108 ? 1.134   -4.782  -2.388  1.00 14.04 ? 120 TYR A CZ  1 
ATOM   909  O  OH  . TYR A 1 108 ? 0.905   -6.035  -1.798  1.00 18.51 ? 120 TYR A OH  1 
ATOM   910  N  N   . VAL A 1 109 ? 3.720   -1.450  -6.667  1.00 9.02  ? 121 VAL A N   1 
ATOM   911  C  CA  . VAL A 1 109 ? 4.734   -2.287  -7.274  1.00 9.60  ? 121 VAL A CA  1 
ATOM   912  C  C   . VAL A 1 109 ? 5.940   -2.271  -6.364  1.00 10.49 ? 121 VAL A C   1 
ATOM   913  O  O   . VAL A 1 109 ? 6.381   -1.187  -5.948  1.00 10.75 ? 121 VAL A O   1 
ATOM   914  C  CB  . VAL A 1 109 ? 5.140   -1.780  -8.653  1.00 11.21 ? 121 VAL A CB  1 
ATOM   915  C  CG1 . VAL A 1 109 ? 6.225   -2.672  -9.284  1.00 13.62 ? 121 VAL A CG1 1 
ATOM   916  C  CG2 . VAL A 1 109 ? 3.918   -1.682  -9.539  1.00 15.57 ? 121 VAL A CG2 1 
ATOM   917  N  N   . THR A 1 110 ? 6.471   -3.447  -6.049  1.00 10.73 ? 122 THR A N   1 
ATOM   918  C  CA  . THR A 1 110 ? 7.717   -3.544  -5.267  1.00 12.52 ? 122 THR A CA  1 
ATOM   919  C  C   . THR A 1 110 ? 8.789   -4.164  -6.104  1.00 14.35 ? 122 THR A C   1 
ATOM   920  O  O   . THR A 1 110 ? 8.528   -4.929  -7.036  1.00 13.18 ? 122 THR A O   1 
ATOM   921  C  CB  . THR A 1 110 ? 7.542   -4.317  -3.970  1.00 13.00 ? 122 THR A CB  1 
ATOM   922  O  OG1 . THR A 1 110 ? 7.260   -5.695  -4.247  1.00 16.33 ? 122 THR A OG1 1 
ATOM   923  C  CG2 . THR A 1 110 ? 6.451   -3.723  -3.117  1.00 15.24 ? 122 THR A CG2 1 
ATOM   924  N  N   . TYR A 1 111 ? 10.037  -3.844  -5.787  1.00 16.63 ? 123 TYR A N   1 
ATOM   925  C  CA  . TYR A 1 111 ? 11.108  -4.485  -6.515  1.00 20.72 ? 123 TYR A CA  1 
ATOM   926  C  C   . TYR A 1 111 ? 12.325  -4.548  -5.656  1.00 23.02 ? 123 TYR A C   1 
ATOM   927  O  O   . TYR A 1 111 ? 12.420  -3.829  -4.652  1.00 21.84 ? 123 TYR A O   1 
ATOM   928  C  CB  . TYR A 1 111 ? 11.392  -3.767  -7.814  1.00 20.76 ? 123 TYR A CB  1 
ATOM   929  C  CG  . TYR A 1 111 ? 11.628  -2.321  -7.606  1.00 21.10 ? 123 TYR A CG  1 
ATOM   930  C  CD1 . TYR A 1 111 ? 12.890  -1.851  -7.251  1.00 25.08 ? 123 TYR A CD1 1 
ATOM   931  C  CD2 . TYR A 1 111 ? 10.583  -1.419  -7.705  1.00 23.10 ? 123 TYR A CD2 1 
ATOM   932  C  CE1 . TYR A 1 111 ? 13.107  -0.521  -7.023  1.00 26.35 ? 123 TYR A CE1 1 
ATOM   933  C  CE2 . TYR A 1 111 ? 10.789  -0.093  -7.490  1.00 26.42 ? 123 TYR A CE2 1 
ATOM   934  C  CZ  . TYR A 1 111 ? 12.033  0.357   -7.147  1.00 26.39 ? 123 TYR A CZ  1 
ATOM   935  O  OH  . TYR A 1 111 ? 12.206  1.689   -6.918  1.00 30.56 ? 123 TYR A OH  1 
ATOM   936  N  N   . PRO A 1 112 ? 13.232  -5.450  -6.036  1.00 27.91 ? 124 PRO A N   1 
ATOM   937  C  CA  . PRO A 1 112 ? 14.406  -5.648  -5.236  1.00 30.43 ? 124 PRO A CA  1 
ATOM   938  C  C   . PRO A 1 112 ? 15.532  -4.772  -5.755  1.00 32.70 ? 124 PRO A C   1 
ATOM   939  O  O   . PRO A 1 112 ? 15.452  -4.224  -6.864  1.00 32.80 ? 124 PRO A O   1 
ATOM   940  C  CB  . PRO A 1 112 ? 14.716  -7.123  -5.473  1.00 30.51 ? 124 PRO A CB  1 
ATOM   941  C  CG  . PRO A 1 112 ? 14.245  -7.399  -6.889  1.00 29.89 ? 124 PRO A CG  1 
ATOM   942  C  CD  . PRO A 1 112 ? 13.260  -6.295  -7.247  1.00 28.46 ? 124 PRO A CD  1 
ATOM   943  N  N   . HIS A 1 113 ? 16.571  -4.644  -4.945  1.00 35.70 ? 125 HIS A N   1 
ATOM   944  C  CA  . HIS A 1 113 ? 17.882  -4.247  -5.454  1.00 37.68 ? 125 HIS A CA  1 
ATOM   945  C  C   . HIS A 1 113 ? 18.539  -5.440  -6.154  1.00 38.62 ? 125 HIS A C   1 
ATOM   946  O  O   . HIS A 1 113 ? 18.690  -6.519  -5.562  1.00 39.71 ? 125 HIS A O   1 
ATOM   947  C  CB  . HIS A 1 113 ? 18.757  -3.737  -4.319  1.00 38.18 ? 125 HIS A CB  1 
ATOM   948  C  CG  . HIS A 1 113 ? 18.213  -2.510  -3.658  1.00 40.20 ? 125 HIS A CG  1 
ATOM   949  N  ND1 . HIS A 1 113 ? 18.622  -2.088  -2.411  1.00 42.56 ? 125 HIS A ND1 1 
ATOM   950  C  CD2 . HIS A 1 113 ? 17.278  -1.619  -4.071  1.00 41.67 ? 125 HIS A CD2 1 
ATOM   951  C  CE1 . HIS A 1 113 ? 17.973  -0.981  -2.092  1.00 42.54 ? 125 HIS A CE1 1 
ATOM   952  N  NE2 . HIS A 1 113 ? 17.148  -0.678  -3.079  1.00 41.34 ? 125 HIS A NE2 1 
HETATM 953  S  S   . SO4 B 2 .   ? -10.285 14.458  0.462   1.00 21.05 ? 1   SO4 A S   1 
HETATM 954  O  O1  . SO4 B 2 .   ? -10.099 15.870  0.583   1.00 21.50 ? 1   SO4 A O1  1 
HETATM 955  O  O2  . SO4 B 2 .   ? -11.708 14.132  0.427   1.00 26.26 ? 1   SO4 A O2  1 
HETATM 956  O  O3  . SO4 B 2 .   ? -9.610  13.660  1.480   1.00 30.95 ? 1   SO4 A O3  1 
HETATM 957  O  O4  . SO4 B 2 .   ? -9.685  14.052  -0.834  1.00 29.48 ? 1   SO4 A O4  1 
HETATM 958  S  S   . SO4 C 2 .   ? 2.319   -15.124 -10.371 1.00 47.50 ? 2   SO4 A S   1 
HETATM 959  O  O1  . SO4 C 2 .   ? 2.345   -13.844 -11.074 1.00 37.23 ? 2   SO4 A O1  1 
HETATM 960  O  O2  . SO4 C 2 .   ? 0.911   -15.490 -10.142 1.00 47.95 ? 2   SO4 A O2  1 
HETATM 961  O  O3  . SO4 C 2 .   ? 3.012   -15.061 -9.065  1.00 48.98 ? 2   SO4 A O3  1 
HETATM 962  O  O4  . SO4 C 2 .   ? 2.997   -16.142 -11.187 1.00 48.78 ? 2   SO4 A O4  1 
HETATM 963  C  C1  . EDO D 3 .   ? -16.920 -9.011  -7.850  1.00 34.97 ? 3   EDO A C1  1 
HETATM 964  O  O1  . EDO D 3 .   ? -17.247 -9.360  -9.200  1.00 32.82 ? 3   EDO A O1  1 
HETATM 965  C  C2  . EDO D 3 .   ? -15.450 -8.632  -7.800  1.00 35.69 ? 3   EDO A C2  1 
HETATM 966  O  O2  . EDO D 3 .   ? -15.317 -7.351  -8.440  1.00 34.64 ? 3   EDO A O2  1 
HETATM 967  O  O   . HOH E 4 .   ? -9.779  8.697   3.773   1.00 10.61 ? 4   HOH A O   1 
HETATM 968  O  O   . HOH E 4 .   ? -8.817  -2.781  -10.017 1.00 13.05 ? 5   HOH A O   1 
HETATM 969  O  O   . HOH E 4 .   ? -10.582 -7.603  -3.751  1.00 15.65 ? 6   HOH A O   1 
HETATM 970  O  O   . HOH E 4 .   ? 1.760   9.801   8.191   1.00 16.27 ? 7   HOH A O   1 
HETATM 971  O  O   . HOH E 4 .   ? -10.602 10.613  1.862   1.00 16.34 ? 8   HOH A O   1 
HETATM 972  O  O   . HOH E 4 .   ? -0.479  -0.192  0.055   1.00 16.79 ? 9   HOH A O   1 
HETATM 973  O  O   . HOH E 4 .   ? -11.920 8.527   -3.115  1.00 17.81 ? 10  HOH A O   1 
HETATM 974  O  O   . HOH E 4 .   ? -11.820 -5.681  -9.946  1.00 17.94 ? 11  HOH A O   1 
HETATM 975  O  O   . HOH E 4 .   ? -12.094 2.017   10.872  1.00 18.16 ? 12  HOH A O   1 
HETATM 976  O  O   . HOH E 4 .   ? -13.533 -5.365  -7.787  1.00 18.38 ? 132 HOH A O   1 
HETATM 977  O  O   . HOH E 4 .   ? -3.622  15.502  -7.663  1.00 18.60 ? 133 HOH A O   1 
HETATM 978  O  O   . HOH E 4 .   ? -7.816  0.387   15.119  0.50 18.61 ? 134 HOH A O   1 
HETATM 979  O  O   . HOH E 4 .   ? -10.100 11.162  -1.420  1.00 19.33 ? 135 HOH A O   1 
HETATM 980  O  O   . HOH E 4 .   ? -4.514  13.119  -8.843  1.00 20.66 ? 136 HOH A O   1 
HETATM 981  O  O   . HOH E 4 .   ? -12.603 -9.638  -4.649  1.00 21.75 ? 137 HOH A O   1 
HETATM 982  O  O   . HOH E 4 .   ? 14.088  -3.119  -3.086  1.00 22.35 ? 138 HOH A O   1 
HETATM 983  O  O   . HOH E 4 .   ? -1.477  16.854  -4.000  1.00 22.99 ? 139 HOH A O   1 
HETATM 984  O  O   . HOH E 4 .   ? -3.833  -11.468 -17.782 1.00 23.22 ? 140 HOH A O   1 
HETATM 985  O  O   . HOH E 4 .   ? -3.438  15.134  -2.047  1.00 23.95 ? 141 HOH A O   1 
HETATM 986  O  O   . HOH E 4 .   ? 11.909  7.819   9.181   1.00 24.25 ? 142 HOH A O   1 
HETATM 987  O  O   . HOH E 4 .   ? -6.480  9.364   10.355  1.00 24.71 ? 143 HOH A O   1 
HETATM 988  O  O   . HOH E 4 .   ? 14.870  3.277   8.931   1.00 24.87 ? 144 HOH A O   1 
HETATM 989  O  O   . HOH E 4 .   ? 16.482  -1.996  7.782   1.00 24.87 ? 145 HOH A O   1 
HETATM 990  O  O   . HOH E 4 .   ? -14.414 7.421   9.604   1.00 24.91 ? 146 HOH A O   1 
HETATM 991  O  O   . HOH E 4 .   ? 2.240   -0.784  -0.405  1.00 25.96 ? 147 HOH A O   1 
HETATM 992  O  O   . HOH E 4 .   ? -13.310 7.894   -0.710  1.00 27.73 ? 148 HOH A O   1 
HETATM 993  O  O   . HOH E 4 .   ? 15.084  -2.850  5.483   1.00 28.13 ? 149 HOH A O   1 
HETATM 994  O  O   . HOH E 4 .   ? 12.982  10.009  3.148   1.00 28.30 ? 150 HOH A O   1 
HETATM 995  O  O   . HOH E 4 .   ? 16.520  1.861   -2.416  1.00 28.31 ? 151 HOH A O   1 
HETATM 996  O  O   . HOH E 4 .   ? -11.526 -0.420  11.847  1.00 28.32 ? 152 HOH A O   1 
HETATM 997  O  O   . HOH E 4 .   ? 17.051  2.587   -0.186  1.00 28.42 ? 153 HOH A O   1 
HETATM 998  O  O   . HOH E 4 .   ? -3.791  -12.285 -10.186 1.00 28.57 ? 154 HOH A O   1 
HETATM 999  O  O   . HOH E 4 .   ? 0.020   8.522   12.619  1.00 28.70 ? 155 HOH A O   1 
HETATM 1000 O  O   . HOH E 4 .   ? 12.333  -4.353  9.524   1.00 29.16 ? 156 HOH A O   1 
HETATM 1001 O  O   . HOH E 4 .   ? 9.509   -7.387  -4.449  1.00 29.44 ? 157 HOH A O   1 
HETATM 1002 O  O   . HOH E 4 .   ? 14.065  5.925   8.162   1.00 29.50 ? 158 HOH A O   1 
HETATM 1003 O  O   . HOH E 4 .   ? 5.092   17.883  2.303   1.00 29.58 ? 159 HOH A O   1 
HETATM 1004 O  O   . HOH E 4 .   ? 17.131  0.527   7.781   1.00 29.88 ? 160 HOH A O   1 
HETATM 1005 O  O   . HOH E 4 .   ? 9.527   -3.748  8.748   1.00 29.99 ? 161 HOH A O   1 
HETATM 1006 O  O   . HOH E 4 .   ? 8.118   7.310   10.617  1.00 30.69 ? 162 HOH A O   1 
HETATM 1007 O  O   . HOH E 4 .   ? 8.066   -3.684  3.809   1.00 31.17 ? 163 HOH A O   1 
HETATM 1008 O  O   . HOH E 4 .   ? 5.765   -7.055  -2.019  1.00 32.17 ? 164 HOH A O   1 
HETATM 1009 O  O   . HOH E 4 .   ? -9.723  -9.354  -12.319 1.00 33.85 ? 165 HOH A O   1 
HETATM 1010 O  O   . HOH E 4 .   ? -9.119  -6.065  14.289  1.00 33.99 ? 166 HOH A O   1 
HETATM 1011 O  O   . HOH E 4 .   ? -4.391  -11.494 -13.147 1.00 34.96 ? 167 HOH A O   1 
HETATM 1012 O  O   . HOH E 4 .   ? -5.985  13.706  -5.165  1.00 35.08 ? 168 HOH A O   1 
HETATM 1013 O  O   . HOH E 4 .   ? -0.117  11.809  9.456   1.00 35.58 ? 169 HOH A O   1 
HETATM 1014 O  O   . HOH E 4 .   ? 4.433   -12.203 -18.225 1.00 35.60 ? 170 HOH A O   1 
HETATM 1015 O  O   . HOH E 4 .   ? 0.972   10.094  10.596  1.00 35.77 ? 171 HOH A O   1 
HETATM 1016 O  O   . HOH E 4 .   ? 10.860  12.909  1.954   1.00 36.26 ? 172 HOH A O   1 
HETATM 1017 O  O   . HOH E 4 .   ? 16.922  3.859   3.382   1.00 36.42 ? 173 HOH A O   1 
HETATM 1018 O  O   . HOH E 4 .   ? -7.490  -9.644  -14.317 1.00 36.51 ? 174 HOH A O   1 
HETATM 1019 O  O   . HOH E 4 .   ? -12.624 10.080  0.204   1.00 36.79 ? 175 HOH A O   1 
HETATM 1020 O  O   . HOH E 4 .   ? 12.018  12.170  3.930   1.00 37.00 ? 176 HOH A O   1 
HETATM 1021 O  O   . HOH E 4 .   ? -13.824 -6.549  -5.236  1.00 41.81 ? 177 HOH A O   1 
HETATM 1022 O  O   . HOH E 4 .   ? 14.156  9.372   7.159   1.00 44.14 ? 178 HOH A O   1 
HETATM 1023 O  O   . HOH E 4 .   ? -7.706  -13.894 -9.580  1.00 45.44 ? 179 HOH A O   1 
HETATM 1024 O  O   . HOH E 4 .   ? -13.481 15.184  -1.454  1.00 46.65 ? 180 HOH A O   1 
HETATM 1025 O  O   . HOH E 4 .   ? -7.447  -14.440 -4.830  1.00 53.83 ? 181 HOH A O   1 
# 
